data_2LT1
#
_entry.id   2LT1
#
_entity_poly.entity_id   1
_entity_poly.type   'polypeptide(L)'
_entity_poly.pdbx_seq_one_letter_code
;AGHMPEGSASLQLAVGDRVVYPNQGVCRVSAIDVKEVAGQKLTFVTMRREEDGAVVMVPEGKVLAIGVRKVASAE
;
_entity_poly.pdbx_strand_id   A
#
# COMPACT_ATOMS: atom_id res chain seq x y z
N ALA A 1 17.68 0.41 -10.00
CA ALA A 1 17.95 1.48 -9.02
C ALA A 1 16.91 1.47 -7.88
N GLY A 2 17.31 1.94 -6.69
CA GLY A 2 16.53 1.87 -5.45
C GLY A 2 16.49 0.47 -4.82
N HIS A 3 16.28 0.40 -3.51
CA HIS A 3 16.10 -0.88 -2.79
C HIS A 3 14.69 -1.42 -2.99
N MET A 4 14.54 -2.75 -3.09
CA MET A 4 13.24 -3.42 -3.18
C MET A 4 12.49 -3.44 -1.85
N PRO A 5 11.16 -3.70 -1.87
CA PRO A 5 10.32 -3.87 -0.68
C PRO A 5 10.63 -5.17 0.09
N GLU A 6 11.71 -5.17 0.88
CA GLU A 6 12.08 -6.29 1.76
C GLU A 6 11.13 -6.42 2.97
N GLY A 7 11.31 -7.47 3.78
CA GLY A 7 10.49 -7.75 4.97
C GLY A 7 11.27 -8.04 6.24
N SER A 8 11.00 -7.26 7.30
CA SER A 8 11.66 -7.35 8.61
C SER A 8 10.77 -6.86 9.79
N ALA A 9 9.45 -6.78 9.59
CA ALA A 9 8.45 -6.28 10.53
C ALA A 9 7.35 -7.33 10.85
N SER A 10 6.28 -6.92 11.54
CA SER A 10 5.09 -7.72 11.85
C SER A 10 4.32 -8.18 10.60
N LEU A 11 3.26 -8.97 10.76
CA LEU A 11 2.41 -9.46 9.66
C LEU A 11 1.67 -8.32 8.95
N GLN A 12 0.63 -7.77 9.58
CA GLN A 12 -0.15 -6.64 9.05
C GLN A 12 0.74 -5.44 8.71
N LEU A 13 0.44 -4.77 7.59
CA LEU A 13 1.10 -3.55 7.15
C LEU A 13 0.89 -2.41 8.17
N ALA A 14 1.88 -1.52 8.29
CA ALA A 14 1.88 -0.35 9.16
C ALA A 14 2.27 0.94 8.41
N VAL A 15 2.27 2.07 9.10
CA VAL A 15 2.72 3.36 8.54
C VAL A 15 4.23 3.31 8.25
N GLY A 16 4.63 3.77 7.07
CA GLY A 16 6.03 3.78 6.59
C GLY A 16 6.49 2.48 5.93
N ASP A 17 5.62 1.48 5.84
CA ASP A 17 5.89 0.22 5.15
C ASP A 17 6.05 0.41 3.62
N ARG A 18 6.46 -0.65 2.93
CA ARG A 18 6.75 -0.67 1.48
C ARG A 18 5.67 -1.42 0.72
N VAL A 19 5.37 -0.93 -0.48
CA VAL A 19 4.31 -1.48 -1.34
C VAL A 19 4.78 -1.52 -2.79
N VAL A 20 4.35 -2.54 -3.51
CA VAL A 20 4.62 -2.72 -4.94
C VAL A 20 3.35 -3.19 -5.63
N TYR A 21 3.13 -2.66 -6.83
CA TYR A 21 2.01 -3.03 -7.69
C TYR A 21 2.41 -4.16 -8.67
N PRO A 22 1.43 -4.86 -9.26
CA PRO A 22 1.71 -5.92 -10.24
C PRO A 22 2.29 -5.40 -11.58
N ASN A 23 2.23 -4.08 -11.82
CA ASN A 23 2.77 -3.39 -13.01
C ASN A 23 3.24 -1.94 -12.74
N GLN A 24 2.48 -1.16 -11.96
CA GLN A 24 2.68 0.29 -11.70
C GLN A 24 4.09 0.66 -11.23
N GLY A 25 4.66 -0.11 -10.31
CA GLY A 25 5.98 0.09 -9.71
C GLY A 25 5.93 -0.03 -8.17
N VAL A 26 6.82 0.68 -7.48
CA VAL A 26 6.95 0.69 -6.01
C VAL A 26 6.54 2.05 -5.43
N CYS A 27 5.95 2.06 -4.23
CA CYS A 27 5.59 3.25 -3.45
C CYS A 27 5.95 3.07 -1.95
N ARG A 28 5.68 4.09 -1.11
CA ARG A 28 5.98 4.10 0.33
C ARG A 28 4.80 4.66 1.12
N VAL A 29 4.35 3.95 2.16
CA VAL A 29 3.16 4.33 2.95
C VAL A 29 3.44 5.60 3.76
N SER A 30 2.46 6.51 3.83
CA SER A 30 2.56 7.80 4.55
C SER A 30 1.55 7.91 5.69
N ALA A 31 0.29 7.54 5.45
CA ALA A 31 -0.77 7.51 6.45
C ALA A 31 -1.84 6.45 6.09
N ILE A 32 -2.63 6.01 7.07
CA ILE A 32 -3.70 5.01 6.91
C ILE A 32 -4.89 5.42 7.77
N ASP A 33 -6.11 5.34 7.22
CA ASP A 33 -7.34 5.60 7.97
C ASP A 33 -8.52 4.74 7.44
N VAL A 34 -9.65 4.71 8.14
CA VAL A 34 -10.86 3.98 7.71
C VAL A 34 -11.96 4.97 7.30
N LYS A 35 -12.70 4.67 6.24
CA LYS A 35 -13.83 5.48 5.78
C LYS A 35 -14.87 4.66 5.03
N GLU A 36 -16.03 5.26 4.76
CA GLU A 36 -17.12 4.68 3.98
C GLU A 36 -17.11 5.28 2.56
N VAL A 37 -16.86 4.45 1.54
CA VAL A 37 -16.92 4.84 0.11
C VAL A 37 -17.89 3.93 -0.63
N ALA A 38 -18.70 4.48 -1.54
CA ALA A 38 -19.70 3.74 -2.32
C ALA A 38 -20.62 2.80 -1.49
N GLY A 39 -20.88 3.14 -0.21
CA GLY A 39 -21.64 2.33 0.73
C GLY A 39 -20.86 1.19 1.42
N GLN A 40 -19.53 1.31 1.55
CA GLN A 40 -18.62 0.26 2.05
C GLN A 40 -17.56 0.86 2.98
N LYS A 41 -17.59 0.46 4.26
CA LYS A 41 -16.62 0.90 5.29
C LYS A 41 -15.48 -0.08 5.46
N LEU A 42 -14.24 0.35 5.20
CA LEU A 42 -13.04 -0.48 5.37
C LEU A 42 -11.78 0.38 5.59
N THR A 43 -10.65 -0.24 5.92
CA THR A 43 -9.35 0.42 6.08
C THR A 43 -8.74 0.79 4.73
N PHE A 44 -8.56 2.08 4.45
CA PHE A 44 -7.96 2.59 3.21
C PHE A 44 -6.58 3.18 3.49
N VAL A 45 -5.55 2.52 2.96
CA VAL A 45 -4.16 2.94 3.12
C VAL A 45 -3.80 4.06 2.14
N THR A 46 -2.94 5.00 2.54
CA THR A 46 -2.51 6.12 1.69
C THR A 46 -0.99 6.19 1.59
N MET A 47 -0.47 5.86 0.41
CA MET A 47 0.96 5.82 0.10
C MET A 47 1.33 6.98 -0.83
N ARG A 48 2.57 7.45 -0.75
CA ARG A 48 3.08 8.60 -1.51
C ARG A 48 4.46 8.28 -2.05
N ARG A 49 4.57 8.12 -3.38
CA ARG A 49 5.85 7.86 -4.04
C ARG A 49 6.66 9.15 -4.13
N GLU A 50 7.73 9.25 -3.35
CA GLU A 50 8.67 10.38 -3.35
C GLU A 50 9.53 10.47 -4.63
N GLU A 51 9.56 9.40 -5.44
CA GLU A 51 10.29 9.32 -6.71
C GLU A 51 9.82 10.36 -7.74
N ASP A 52 8.51 10.62 -7.81
CA ASP A 52 7.86 11.61 -8.69
C ASP A 52 6.91 12.58 -7.95
N GLY A 53 6.46 12.24 -6.74
CA GLY A 53 5.52 13.02 -5.92
C GLY A 53 4.04 12.62 -6.08
N ALA A 54 3.76 11.44 -6.66
CA ALA A 54 2.41 10.90 -6.78
C ALA A 54 1.91 10.26 -5.47
N VAL A 55 0.60 10.03 -5.38
CA VAL A 55 -0.06 9.35 -4.26
C VAL A 55 -0.97 8.23 -4.77
N VAL A 56 -1.00 7.12 -4.04
CA VAL A 56 -1.83 5.94 -4.33
C VAL A 56 -2.56 5.53 -3.05
N MET A 57 -3.86 5.26 -3.15
CA MET A 57 -4.69 4.79 -2.03
C MET A 57 -5.46 3.56 -2.48
N VAL A 58 -5.36 2.47 -1.71
CA VAL A 58 -6.07 1.21 -1.95
C VAL A 58 -6.72 0.66 -0.67
N PRO A 59 -7.76 -0.17 -0.81
CA PRO A 59 -8.41 -0.83 0.32
C PRO A 59 -7.63 -2.01 0.92
N GLU A 60 -7.21 -1.94 2.18
CA GLU A 60 -6.49 -3.04 2.84
C GLU A 60 -7.34 -4.32 3.02
N GLY A 61 -8.65 -4.19 3.25
CA GLY A 61 -9.59 -5.31 3.36
C GLY A 61 -10.26 -5.70 2.04
N LYS A 62 -9.86 -5.10 0.92
CA LYS A 62 -10.40 -5.33 -0.42
C LYS A 62 -9.34 -5.46 -1.51
N VAL A 63 -8.05 -5.43 -1.15
CA VAL A 63 -6.90 -5.63 -2.06
C VAL A 63 -7.03 -6.88 -2.93
N LEU A 64 -7.74 -7.90 -2.44
CA LEU A 64 -8.06 -9.15 -3.14
C LEU A 64 -8.78 -8.90 -4.49
N ALA A 65 -9.54 -7.81 -4.59
CA ALA A 65 -10.24 -7.37 -5.80
C ALA A 65 -9.29 -6.70 -6.82
N ILE A 66 -8.48 -5.73 -6.37
CA ILE A 66 -7.47 -5.03 -7.21
C ILE A 66 -6.36 -5.98 -7.68
N GLY A 67 -6.01 -6.97 -6.86
CA GLY A 67 -4.91 -7.92 -7.10
C GLY A 67 -3.53 -7.42 -6.63
N VAL A 68 -3.47 -6.25 -6.00
CA VAL A 68 -2.25 -5.67 -5.41
C VAL A 68 -1.96 -6.28 -4.04
N ARG A 69 -0.71 -6.69 -3.78
CA ARG A 69 -0.29 -7.19 -2.47
C ARG A 69 0.65 -6.16 -1.85
N LYS A 70 0.16 -5.50 -0.80
CA LYS A 70 0.92 -4.51 -0.03
C LYS A 70 0.96 -4.95 1.44
N VAL A 71 2.11 -5.43 1.88
CA VAL A 71 2.34 -5.91 3.26
C VAL A 71 3.84 -5.80 3.59
N ALA A 72 4.20 -5.91 4.87
CA ALA A 72 5.60 -5.93 5.33
C ALA A 72 6.46 -6.97 4.61
N SER A 73 5.88 -8.07 4.12
CA SER A 73 6.57 -9.10 3.34
C SER A 73 5.98 -9.31 1.94
N ALA A 74 4.64 -9.32 1.80
CA ALA A 74 3.95 -9.51 0.53
C ALA A 74 4.21 -8.38 -0.49
N GLU A 75 4.54 -8.79 -1.72
CA GLU A 75 4.75 -7.98 -2.93
C GLU A 75 3.69 -8.29 -4.01
N ALA A 1 20.23 2.35 -9.73
CA ALA A 1 19.89 1.28 -10.70
C ALA A 1 18.42 0.84 -10.55
N GLY A 2 18.07 0.09 -9.50
CA GLY A 2 16.70 -0.40 -9.25
C GLY A 2 16.45 -0.74 -7.79
N HIS A 3 15.56 0.01 -7.12
CA HIS A 3 15.13 -0.24 -5.74
C HIS A 3 13.87 -1.10 -5.71
N MET A 4 14.03 -2.37 -5.35
CA MET A 4 12.94 -3.34 -5.16
C MET A 4 12.38 -3.25 -3.71
N PRO A 5 11.16 -3.77 -3.47
CA PRO A 5 10.60 -3.83 -2.12
C PRO A 5 11.38 -4.84 -1.27
N GLU A 6 11.68 -4.46 -0.02
CA GLU A 6 12.36 -5.27 1.00
C GLU A 6 11.77 -4.99 2.39
N GLY A 7 12.12 -5.80 3.39
CA GLY A 7 11.65 -5.70 4.77
C GLY A 7 12.19 -6.84 5.62
N SER A 8 11.42 -7.30 6.62
CA SER A 8 11.80 -8.40 7.51
C SER A 8 10.67 -9.44 7.64
N ALA A 9 9.60 -9.12 8.38
CA ALA A 9 8.40 -9.95 8.58
C ALA A 9 7.27 -9.11 9.20
N SER A 10 6.14 -8.99 8.48
CA SER A 10 4.95 -8.25 8.92
C SER A 10 3.66 -8.90 8.40
N LEU A 11 2.52 -8.63 9.07
CA LEU A 11 1.21 -9.18 8.70
C LEU A 11 0.24 -8.07 8.27
N GLN A 12 -0.22 -7.25 9.21
CA GLN A 12 -1.08 -6.07 8.96
C GLN A 12 -0.27 -4.88 8.42
N LEU A 13 -0.90 -4.07 7.58
CA LEU A 13 -0.34 -2.82 7.05
C LEU A 13 -0.49 -1.68 8.05
N ALA A 14 0.62 -0.98 8.33
CA ALA A 14 0.69 0.19 9.20
C ALA A 14 1.67 1.24 8.64
N VAL A 15 1.74 2.41 9.29
CA VAL A 15 2.65 3.50 8.91
C VAL A 15 4.11 3.04 9.00
N GLY A 16 4.86 3.22 7.91
CA GLY A 16 6.26 2.78 7.75
C GLY A 16 6.44 1.39 7.12
N ASP A 17 5.37 0.61 6.92
CA ASP A 17 5.43 -0.67 6.22
C ASP A 17 5.68 -0.48 4.70
N ARG A 18 6.01 -1.57 3.99
CA ARG A 18 6.28 -1.55 2.54
C ARG A 18 5.03 -1.86 1.72
N VAL A 19 5.01 -1.31 0.51
CA VAL A 19 3.93 -1.48 -0.46
C VAL A 19 4.46 -1.35 -1.88
N VAL A 20 4.11 -2.33 -2.70
CA VAL A 20 4.40 -2.39 -4.14
C VAL A 20 3.15 -2.88 -4.86
N TYR A 21 3.02 -2.55 -6.14
CA TYR A 21 1.96 -3.01 -7.04
C TYR A 21 2.45 -4.14 -7.96
N PRO A 22 1.55 -4.96 -8.52
CA PRO A 22 1.92 -6.11 -9.34
C PRO A 22 2.54 -5.68 -10.68
N ASN A 23 2.29 -4.44 -11.14
CA ASN A 23 2.86 -3.87 -12.37
C ASN A 23 2.81 -2.31 -12.39
N GLN A 24 3.30 -1.64 -11.34
CA GLN A 24 3.24 -0.16 -11.23
C GLN A 24 4.53 0.45 -10.62
N GLY A 25 4.86 0.10 -9.38
CA GLY A 25 6.06 0.57 -8.66
C GLY A 25 5.99 0.39 -7.14
N VAL A 26 7.08 0.70 -6.45
CA VAL A 26 7.21 0.67 -4.98
C VAL A 26 6.85 2.04 -4.38
N CYS A 27 6.15 2.02 -3.25
CA CYS A 27 5.71 3.20 -2.49
C CYS A 27 6.08 3.03 -1.00
N ARG A 28 5.72 4.00 -0.16
CA ARG A 28 5.93 3.95 1.30
C ARG A 28 4.74 4.57 2.04
N VAL A 29 4.13 3.81 2.96
CA VAL A 29 2.95 4.25 3.73
C VAL A 29 3.24 5.53 4.52
N SER A 30 2.47 6.59 4.25
CA SER A 30 2.64 7.93 4.82
C SER A 30 1.45 8.35 5.69
N ALA A 31 0.23 7.95 5.32
CA ALA A 31 -1.00 8.16 6.09
C ALA A 31 -2.00 7.01 5.88
N ILE A 32 -2.94 6.80 6.79
CA ILE A 32 -4.02 5.79 6.68
C ILE A 32 -5.29 6.39 7.29
N ASP A 33 -6.43 6.28 6.59
CA ASP A 33 -7.76 6.69 7.06
C ASP A 33 -8.83 5.66 6.67
N VAL A 34 -10.06 5.83 7.16
CA VAL A 34 -11.20 4.93 6.89
C VAL A 34 -12.41 5.78 6.45
N LYS A 35 -13.11 5.33 5.41
CA LYS A 35 -14.33 5.97 4.89
C LYS A 35 -15.35 4.95 4.40
N GLU A 36 -16.61 5.37 4.24
CA GLU A 36 -17.70 4.55 3.69
C GLU A 36 -17.76 4.74 2.16
N VAL A 37 -17.51 3.67 1.40
CA VAL A 37 -17.63 3.63 -0.06
C VAL A 37 -18.77 2.70 -0.45
N ALA A 38 -19.69 3.17 -1.29
CA ALA A 38 -20.87 2.42 -1.76
C ALA A 38 -21.71 1.75 -0.63
N GLY A 39 -21.71 2.33 0.59
CA GLY A 39 -22.36 1.76 1.78
C GLY A 39 -21.54 0.71 2.55
N GLN A 40 -20.21 0.71 2.41
CA GLN A 40 -19.27 -0.19 3.08
C GLN A 40 -18.02 0.56 3.58
N LYS A 41 -17.78 0.56 4.90
CA LYS A 41 -16.60 1.17 5.51
C LYS A 41 -15.42 0.19 5.52
N LEU A 42 -14.21 0.65 5.18
CA LEU A 42 -13.00 -0.18 5.20
C LEU A 42 -11.73 0.67 5.37
N THR A 43 -10.63 0.06 5.83
CA THR A 43 -9.32 0.74 6.00
C THR A 43 -8.68 1.10 4.66
N PHE A 44 -8.48 2.38 4.35
CA PHE A 44 -7.78 2.84 3.14
C PHE A 44 -6.37 3.32 3.48
N VAL A 45 -5.37 2.59 2.99
CA VAL A 45 -3.95 2.93 3.18
C VAL A 45 -3.48 3.92 2.11
N THR A 46 -2.71 4.94 2.49
CA THR A 46 -2.22 6.02 1.61
C THR A 46 -0.70 6.17 1.68
N MET A 47 -0.07 6.24 0.51
CA MET A 47 1.38 6.27 0.34
C MET A 47 1.79 7.41 -0.58
N ARG A 48 3.06 7.79 -0.54
CA ARG A 48 3.66 8.88 -1.33
C ARG A 48 4.94 8.40 -2.00
N ARG A 49 4.86 8.12 -3.31
CA ARG A 49 6.00 7.70 -4.12
C ARG A 49 6.84 8.91 -4.53
N GLU A 50 8.03 9.01 -3.95
CA GLU A 50 9.01 10.09 -4.22
C GLU A 50 9.52 10.07 -5.67
N GLU A 51 9.40 8.93 -6.35
CA GLU A 51 9.86 8.69 -7.73
C GLU A 51 9.23 9.64 -8.76
N ASP A 52 7.95 9.98 -8.59
CA ASP A 52 7.20 10.95 -9.40
C ASP A 52 6.46 12.00 -8.53
N GLY A 53 6.65 11.96 -7.20
CA GLY A 53 5.96 12.79 -6.21
C GLY A 53 4.44 12.55 -6.16
N ALA A 54 3.99 11.33 -6.48
CA ALA A 54 2.56 11.01 -6.57
C ALA A 54 2.04 10.35 -5.29
N VAL A 55 0.72 10.16 -5.19
CA VAL A 55 0.08 9.44 -4.09
C VAL A 55 -0.57 8.14 -4.57
N VAL A 56 -0.52 7.10 -3.74
CA VAL A 56 -1.15 5.79 -3.97
C VAL A 56 -2.07 5.49 -2.80
N MET A 57 -3.38 5.48 -3.05
CA MET A 57 -4.40 5.22 -2.04
C MET A 57 -5.22 4.00 -2.45
N VAL A 58 -5.21 2.94 -1.63
CA VAL A 58 -5.94 1.69 -1.91
C VAL A 58 -6.66 1.13 -0.67
N PRO A 59 -7.68 0.29 -0.88
CA PRO A 59 -8.40 -0.36 0.21
C PRO A 59 -7.67 -1.58 0.82
N GLU A 60 -7.22 -1.49 2.07
CA GLU A 60 -6.54 -2.60 2.78
C GLU A 60 -7.42 -3.85 2.96
N GLY A 61 -8.73 -3.67 3.16
CA GLY A 61 -9.72 -4.76 3.28
C GLY A 61 -10.39 -5.16 1.96
N LYS A 62 -9.96 -4.59 0.83
CA LYS A 62 -10.52 -4.83 -0.51
C LYS A 62 -9.46 -5.03 -1.59
N VAL A 63 -8.15 -5.01 -1.24
CA VAL A 63 -7.01 -5.25 -2.13
C VAL A 63 -7.13 -6.52 -2.97
N LEU A 64 -7.85 -7.51 -2.45
CA LEU A 64 -8.16 -8.78 -3.11
C LEU A 64 -8.88 -8.57 -4.46
N ALA A 65 -9.71 -7.53 -4.56
CA ALA A 65 -10.42 -7.12 -5.78
C ALA A 65 -9.49 -6.50 -6.84
N ILE A 66 -8.64 -5.55 -6.45
CA ILE A 66 -7.63 -4.93 -7.32
C ILE A 66 -6.53 -5.92 -7.72
N GLY A 67 -6.25 -6.93 -6.88
CA GLY A 67 -5.22 -7.95 -7.08
C GLY A 67 -3.81 -7.50 -6.66
N VAL A 68 -3.70 -6.45 -5.84
CA VAL A 68 -2.46 -5.81 -5.38
C VAL A 68 -2.00 -6.37 -4.04
N ARG A 69 -0.78 -6.90 -3.96
CA ARG A 69 -0.22 -7.48 -2.73
C ARG A 69 0.85 -6.55 -2.17
N LYS A 70 0.58 -5.87 -1.06
CA LYS A 70 1.54 -4.93 -0.45
C LYS A 70 2.25 -5.58 0.73
N VAL A 71 3.53 -5.93 0.53
CA VAL A 71 4.34 -6.64 1.53
C VAL A 71 5.83 -6.34 1.32
N ALA A 72 6.68 -6.87 2.20
CA ALA A 72 8.14 -6.77 2.11
C ALA A 72 8.74 -7.45 0.85
N SER A 73 8.02 -8.35 0.19
CA SER A 73 8.43 -9.06 -1.04
C SER A 73 7.31 -9.18 -2.08
N ALA A 74 6.13 -9.68 -1.68
CA ALA A 74 4.95 -9.80 -2.54
C ALA A 74 4.53 -8.44 -3.16
N GLU A 75 3.99 -8.51 -4.38
CA GLU A 75 3.54 -7.39 -5.24
C GLU A 75 2.12 -7.62 -5.83
N ALA A 1 12.15 -5.07 -15.16
CA ALA A 1 13.52 -5.24 -14.62
C ALA A 1 14.01 -3.95 -13.96
N GLY A 2 14.61 -4.05 -12.77
CA GLY A 2 15.11 -2.90 -11.98
C GLY A 2 15.23 -3.22 -10.48
N HIS A 3 15.45 -2.19 -9.66
CA HIS A 3 15.48 -2.31 -8.19
C HIS A 3 14.18 -2.89 -7.63
N MET A 4 14.30 -3.85 -6.72
CA MET A 4 13.19 -4.50 -5.99
C MET A 4 12.82 -3.74 -4.69
N PRO A 5 11.64 -4.00 -4.12
CA PRO A 5 11.21 -3.44 -2.84
C PRO A 5 11.98 -4.08 -1.67
N GLU A 6 12.63 -3.26 -0.84
CA GLU A 6 13.40 -3.69 0.34
C GLU A 6 13.08 -2.79 1.55
N GLY A 7 12.51 -3.38 2.60
CA GLY A 7 12.09 -2.70 3.83
C GLY A 7 11.87 -3.66 5.01
N SER A 8 11.34 -3.14 6.12
CA SER A 8 11.09 -3.86 7.38
C SER A 8 10.13 -5.05 7.21
N ALA A 9 10.65 -6.27 7.04
CA ALA A 9 9.85 -7.47 6.79
C ALA A 9 8.90 -7.79 7.95
N SER A 10 7.60 -7.95 7.65
CA SER A 10 6.55 -8.29 8.62
C SER A 10 5.35 -9.00 7.97
N LEU A 11 4.44 -9.55 8.78
CA LEU A 11 3.20 -10.20 8.33
C LEU A 11 2.12 -9.15 7.98
N GLN A 12 1.71 -8.36 8.97
CA GLN A 12 0.73 -7.27 8.84
C GLN A 12 1.35 -6.01 8.20
N LEU A 13 0.55 -4.97 7.98
CA LEU A 13 0.95 -3.71 7.38
C LEU A 13 0.76 -2.55 8.36
N ALA A 14 1.82 -1.80 8.63
CA ALA A 14 1.86 -0.63 9.51
C ALA A 14 2.49 0.59 8.82
N VAL A 15 2.39 1.77 9.45
CA VAL A 15 2.96 3.03 8.92
C VAL A 15 4.49 2.93 8.85
N GLY A 16 5.05 3.30 7.69
CA GLY A 16 6.50 3.23 7.40
C GLY A 16 6.95 1.93 6.73
N ASP A 17 6.09 0.92 6.63
CA ASP A 17 6.40 -0.33 5.92
C ASP A 17 6.52 -0.08 4.39
N ARG A 18 7.27 -0.92 3.68
CA ARG A 18 7.39 -0.87 2.21
C ARG A 18 6.11 -1.42 1.57
N VAL A 19 5.89 -1.01 0.32
CA VAL A 19 4.75 -1.43 -0.49
C VAL A 19 5.12 -1.46 -1.97
N VAL A 20 4.67 -2.49 -2.68
CA VAL A 20 4.87 -2.68 -4.13
C VAL A 20 3.57 -3.15 -4.77
N TYR A 21 3.42 -2.95 -6.08
CA TYR A 21 2.29 -3.43 -6.88
C TYR A 21 2.68 -4.67 -7.73
N PRO A 22 1.70 -5.45 -8.19
CA PRO A 22 1.93 -6.69 -8.93
C PRO A 22 2.52 -6.44 -10.32
N ASN A 23 2.23 -5.26 -10.92
CA ASN A 23 2.76 -4.85 -12.22
C ASN A 23 2.71 -3.31 -12.43
N GLN A 24 3.32 -2.53 -11.52
CA GLN A 24 3.25 -1.04 -11.55
C GLN A 24 4.54 -0.36 -11.03
N GLY A 25 4.91 -0.60 -9.77
CA GLY A 25 6.08 0.01 -9.11
C GLY A 25 6.04 -0.09 -7.58
N VAL A 26 7.00 0.56 -6.92
CA VAL A 26 7.13 0.68 -5.45
C VAL A 26 6.60 2.04 -4.96
N CYS A 27 5.99 2.08 -3.78
CA CYS A 27 5.51 3.31 -3.10
C CYS A 27 5.97 3.31 -1.62
N ARG A 28 5.56 4.31 -0.83
CA ARG A 28 5.87 4.40 0.62
C ARG A 28 4.65 4.82 1.44
N VAL A 29 4.26 4.04 2.45
CA VAL A 29 3.10 4.32 3.33
C VAL A 29 3.33 5.60 4.14
N SER A 30 2.31 6.45 4.24
CA SER A 30 2.34 7.72 4.98
C SER A 30 1.38 7.74 6.16
N ALA A 31 0.14 7.28 5.97
CA ALA A 31 -0.91 7.16 6.99
C ALA A 31 -1.98 6.13 6.55
N ILE A 32 -2.81 5.65 7.47
CA ILE A 32 -3.89 4.68 7.21
C ILE A 32 -5.11 5.05 8.06
N ASP A 33 -6.30 5.07 7.46
CA ASP A 33 -7.57 5.32 8.17
C ASP A 33 -8.76 4.56 7.56
N VAL A 34 -9.90 4.49 8.24
CA VAL A 34 -11.14 3.89 7.73
C VAL A 34 -12.14 4.96 7.30
N LYS A 35 -12.87 4.73 6.20
CA LYS A 35 -13.94 5.61 5.71
C LYS A 35 -14.97 4.86 4.87
N GLU A 36 -16.07 5.54 4.55
CA GLU A 36 -17.15 5.06 3.68
C GLU A 36 -17.02 5.73 2.30
N VAL A 37 -16.77 4.93 1.24
CA VAL A 37 -16.73 5.41 -0.15
C VAL A 37 -17.66 4.57 -1.02
N ALA A 38 -18.41 5.22 -1.92
CA ALA A 38 -19.41 4.58 -2.81
C ALA A 38 -20.40 3.62 -2.09
N GLY A 39 -20.69 3.87 -0.80
CA GLY A 39 -21.54 3.04 0.06
C GLY A 39 -20.84 1.84 0.72
N GLN A 40 -19.51 1.89 0.90
CA GLN A 40 -18.69 0.77 1.40
C GLN A 40 -17.66 1.25 2.43
N LYS A 41 -17.81 0.82 3.69
CA LYS A 41 -16.94 1.20 4.82
C LYS A 41 -15.83 0.18 5.04
N LEU A 42 -14.57 0.59 4.88
CA LEU A 42 -13.41 -0.28 5.11
C LEU A 42 -12.13 0.55 5.40
N THR A 43 -11.02 -0.11 5.75
CA THR A 43 -9.70 0.49 5.96
C THR A 43 -9.04 0.86 4.62
N PHE A 44 -8.79 2.14 4.36
CA PHE A 44 -8.11 2.62 3.15
C PHE A 44 -6.71 3.14 3.52
N VAL A 45 -5.67 2.46 3.04
CA VAL A 45 -4.28 2.87 3.26
C VAL A 45 -3.92 4.09 2.41
N THR A 46 -3.01 4.94 2.86
CA THR A 46 -2.53 6.12 2.10
C THR A 46 -1.01 6.10 2.00
N MET A 47 -0.52 6.09 0.76
CA MET A 47 0.90 6.06 0.41
C MET A 47 1.24 7.24 -0.52
N ARG A 48 2.52 7.60 -0.57
CA ARG A 48 3.07 8.72 -1.35
C ARG A 48 4.36 8.29 -2.06
N ARG A 49 4.32 8.20 -3.39
CA ARG A 49 5.50 7.87 -4.20
C ARG A 49 6.29 9.14 -4.54
N GLU A 50 7.46 9.30 -3.94
CA GLU A 50 8.35 10.44 -4.18
C GLU A 50 8.90 10.49 -5.62
N GLU A 51 8.85 9.36 -6.34
CA GLU A 51 9.33 9.19 -7.72
C GLU A 51 8.63 10.12 -8.73
N ASP A 52 7.33 10.38 -8.55
CA ASP A 52 6.53 11.33 -9.35
C ASP A 52 5.75 12.34 -8.48
N GLY A 53 5.92 12.28 -7.15
CA GLY A 53 5.16 13.04 -6.16
C GLY A 53 3.67 12.68 -6.10
N ALA A 54 3.29 11.47 -6.52
CA ALA A 54 1.88 11.06 -6.58
C ALA A 54 1.43 10.38 -5.27
N VAL A 55 0.15 10.08 -5.16
CA VAL A 55 -0.45 9.35 -4.03
C VAL A 55 -1.06 8.04 -4.51
N VAL A 56 -0.95 7.00 -3.69
CA VAL A 56 -1.51 5.67 -3.91
C VAL A 56 -2.35 5.31 -2.70
N MET A 57 -3.68 5.23 -2.88
CA MET A 57 -4.63 4.84 -1.84
C MET A 57 -5.48 3.67 -2.32
N VAL A 58 -5.39 2.54 -1.61
CA VAL A 58 -6.12 1.31 -1.89
C VAL A 58 -6.80 0.73 -0.64
N PRO A 59 -7.84 -0.08 -0.81
CA PRO A 59 -8.58 -0.72 0.28
C PRO A 59 -7.90 -1.94 0.91
N GLU A 60 -7.47 -1.88 2.18
CA GLU A 60 -6.84 -3.01 2.91
C GLU A 60 -7.75 -4.25 3.06
N GLY A 61 -9.06 -4.06 3.21
CA GLY A 61 -10.05 -5.15 3.30
C GLY A 61 -10.68 -5.55 1.96
N LYS A 62 -10.19 -4.99 0.85
CA LYS A 62 -10.71 -5.21 -0.51
C LYS A 62 -9.60 -5.37 -1.57
N VAL A 63 -8.32 -5.35 -1.17
CA VAL A 63 -7.15 -5.59 -2.03
C VAL A 63 -7.27 -6.85 -2.89
N LEU A 64 -8.00 -7.86 -2.40
CA LEU A 64 -8.29 -9.13 -3.06
C LEU A 64 -9.00 -8.93 -4.42
N ALA A 65 -9.77 -7.85 -4.56
CA ALA A 65 -10.46 -7.42 -5.78
C ALA A 65 -9.50 -6.82 -6.82
N ILE A 66 -8.67 -5.84 -6.42
CA ILE A 66 -7.68 -5.19 -7.30
C ILE A 66 -6.52 -6.16 -7.66
N GLY A 67 -6.20 -7.09 -6.75
CA GLY A 67 -5.11 -8.08 -6.87
C GLY A 67 -3.74 -7.57 -6.39
N VAL A 68 -3.70 -6.42 -5.71
CA VAL A 68 -2.47 -5.71 -5.29
C VAL A 68 -2.13 -6.03 -3.83
N ARG A 69 -0.93 -6.54 -3.55
CA ARG A 69 -0.49 -6.88 -2.19
C ARG A 69 0.55 -5.85 -1.77
N LYS A 70 0.20 -4.97 -0.83
CA LYS A 70 1.10 -3.89 -0.40
C LYS A 70 1.78 -4.38 0.88
N VAL A 71 3.06 -4.73 0.76
CA VAL A 71 3.90 -5.32 1.83
C VAL A 71 5.39 -5.10 1.52
N ALA A 72 6.28 -5.43 2.47
CA ALA A 72 7.73 -5.31 2.36
C ALA A 72 8.38 -6.16 1.24
N SER A 73 7.64 -7.16 0.71
CA SER A 73 8.09 -8.16 -0.27
C SER A 73 6.97 -8.57 -1.23
N ALA A 74 5.82 -9.03 -0.71
CA ALA A 74 4.63 -9.37 -1.50
C ALA A 74 4.16 -8.19 -2.37
N GLU A 75 3.65 -8.53 -3.56
CA GLU A 75 3.23 -7.63 -4.67
C GLU A 75 1.83 -7.94 -5.22
N ALA A 1 22.26 1.66 -10.77
CA ALA A 1 21.68 1.96 -9.44
C ALA A 1 20.15 1.82 -9.49
N GLY A 2 19.64 0.62 -9.19
CA GLY A 2 18.21 0.26 -9.24
C GLY A 2 17.83 -0.69 -8.10
N HIS A 3 17.67 -0.15 -6.89
CA HIS A 3 17.23 -0.91 -5.71
C HIS A 3 15.80 -1.45 -5.89
N MET A 4 15.48 -2.55 -5.22
CA MET A 4 14.19 -3.24 -5.25
C MET A 4 13.43 -3.13 -3.92
N PRO A 5 12.09 -3.28 -3.93
CA PRO A 5 11.29 -3.26 -2.71
C PRO A 5 11.56 -4.51 -1.87
N GLU A 6 12.02 -4.32 -0.64
CA GLU A 6 12.36 -5.38 0.31
C GLU A 6 11.88 -5.04 1.74
N GLY A 7 11.84 -6.03 2.63
CA GLY A 7 11.48 -5.83 4.04
C GLY A 7 12.59 -5.19 4.88
N SER A 8 12.25 -4.81 6.12
CA SER A 8 13.17 -4.19 7.09
C SER A 8 13.06 -4.86 8.46
N ALA A 9 12.03 -4.51 9.25
CA ALA A 9 11.78 -5.03 10.60
C ALA A 9 10.30 -4.89 11.02
N SER A 10 9.37 -5.29 10.15
CA SER A 10 7.91 -5.22 10.35
C SER A 10 7.20 -6.55 10.06
N LEU A 11 5.95 -6.70 10.51
CA LEU A 11 5.13 -7.90 10.38
C LEU A 11 3.85 -7.67 9.54
N GLN A 12 3.27 -6.48 9.65
CA GLN A 12 2.07 -6.04 8.95
C GLN A 12 2.29 -4.66 8.31
N LEU A 13 1.37 -4.27 7.42
CA LEU A 13 1.38 -2.97 6.76
C LEU A 13 1.17 -1.83 7.79
N ALA A 14 2.11 -0.89 7.84
CA ALA A 14 2.10 0.30 8.70
C ALA A 14 2.79 1.51 8.03
N VAL A 15 2.79 2.68 8.67
CA VAL A 15 3.46 3.90 8.17
C VAL A 15 4.96 3.69 7.95
N GLY A 16 5.45 4.04 6.76
CA GLY A 16 6.85 3.88 6.35
C GLY A 16 7.18 2.50 5.77
N ASP A 17 6.22 1.56 5.78
CA ASP A 17 6.40 0.22 5.24
C ASP A 17 6.55 0.21 3.70
N ARG A 18 7.08 -0.89 3.16
CA ARG A 18 7.45 -1.06 1.74
C ARG A 18 6.36 -1.78 0.96
N VAL A 19 5.89 -1.14 -0.12
CA VAL A 19 4.77 -1.62 -0.92
C VAL A 19 5.04 -1.42 -2.40
N VAL A 20 4.67 -2.40 -3.23
CA VAL A 20 4.80 -2.32 -4.69
C VAL A 20 3.54 -2.87 -5.36
N TYR A 21 3.17 -2.29 -6.50
CA TYR A 21 2.05 -2.78 -7.31
C TYR A 21 2.46 -4.07 -8.07
N PRO A 22 1.48 -4.89 -8.53
CA PRO A 22 1.78 -6.13 -9.25
C PRO A 22 2.41 -5.88 -10.63
N ASN A 23 2.16 -4.70 -11.23
CA ASN A 23 2.70 -4.30 -12.54
C ASN A 23 2.69 -2.76 -12.78
N GLN A 24 3.18 -1.96 -11.81
CA GLN A 24 3.12 -0.48 -11.89
C GLN A 24 4.41 0.20 -11.39
N GLY A 25 4.74 0.05 -10.10
CA GLY A 25 5.93 0.63 -9.46
C GLY A 25 5.88 0.58 -7.94
N VAL A 26 7.00 0.95 -7.30
CA VAL A 26 7.17 0.93 -5.83
C VAL A 26 6.64 2.22 -5.20
N CYS A 27 6.03 2.10 -4.02
CA CYS A 27 5.53 3.20 -3.22
C CYS A 27 5.98 3.06 -1.74
N ARG A 28 5.70 4.09 -0.93
CA ARG A 28 6.07 4.19 0.49
C ARG A 28 4.88 4.65 1.32
N VAL A 29 4.44 3.84 2.28
CA VAL A 29 3.24 4.13 3.09
C VAL A 29 3.40 5.43 3.87
N SER A 30 2.42 6.34 3.83
CA SER A 30 2.47 7.64 4.51
C SER A 30 1.47 7.77 5.67
N ALA A 31 0.24 7.31 5.46
CA ALA A 31 -0.84 7.32 6.45
C ALA A 31 -1.93 6.29 6.08
N ILE A 32 -2.77 5.94 7.05
CA ILE A 32 -3.85 4.94 6.88
C ILE A 32 -5.07 5.39 7.69
N ASP A 33 -6.27 5.30 7.11
CA ASP A 33 -7.54 5.59 7.79
C ASP A 33 -8.69 4.72 7.25
N VAL A 34 -9.80 4.65 7.97
CA VAL A 34 -11.03 3.95 7.57
C VAL A 34 -12.11 4.98 7.20
N LYS A 35 -12.89 4.68 6.15
CA LYS A 35 -14.03 5.50 5.70
C LYS A 35 -15.09 4.62 5.00
N GLU A 36 -16.26 5.18 4.77
CA GLU A 36 -17.36 4.56 4.03
C GLU A 36 -17.41 5.12 2.59
N VAL A 37 -17.23 4.26 1.58
CA VAL A 37 -17.34 4.61 0.16
C VAL A 37 -18.43 3.77 -0.50
N ALA A 38 -19.33 4.39 -1.26
CA ALA A 38 -20.46 3.73 -1.94
C ALA A 38 -21.30 2.80 -1.04
N GLY A 39 -21.38 3.08 0.27
CA GLY A 39 -22.05 2.24 1.28
C GLY A 39 -21.22 1.05 1.81
N GLN A 40 -19.88 1.14 1.78
CA GLN A 40 -18.94 0.10 2.20
C GLN A 40 -17.80 0.69 3.06
N LYS A 41 -17.76 0.33 4.34
CA LYS A 41 -16.74 0.77 5.31
C LYS A 41 -15.58 -0.22 5.39
N LEU A 42 -14.35 0.23 5.11
CA LEU A 42 -13.15 -0.61 5.19
C LEU A 42 -11.88 0.22 5.39
N THR A 43 -10.78 -0.39 5.84
CA THR A 43 -9.48 0.29 6.03
C THR A 43 -8.89 0.70 4.68
N PHE A 44 -8.72 1.99 4.40
CA PHE A 44 -8.06 2.49 3.19
C PHE A 44 -6.65 2.98 3.51
N VAL A 45 -5.66 2.28 2.97
CA VAL A 45 -4.24 2.64 3.13
C VAL A 45 -3.86 3.71 2.10
N THR A 46 -3.03 4.68 2.48
CA THR A 46 -2.58 5.78 1.63
C THR A 46 -1.06 5.79 1.55
N MET A 47 -0.54 5.51 0.35
CA MET A 47 0.89 5.43 0.07
C MET A 47 1.29 6.58 -0.85
N ARG A 48 2.55 6.98 -0.81
CA ARG A 48 3.11 8.06 -1.64
C ARG A 48 4.44 7.60 -2.22
N ARG A 49 4.83 8.18 -3.35
CA ARG A 49 6.11 7.88 -4.01
C ARG A 49 6.93 9.16 -4.11
N GLU A 50 7.99 9.26 -3.32
CA GLU A 50 8.89 10.43 -3.34
C GLU A 50 9.69 10.53 -4.66
N GLU A 51 9.79 9.41 -5.39
CA GLU A 51 10.41 9.27 -6.72
C GLU A 51 9.89 10.31 -7.73
N ASP A 52 8.56 10.50 -7.80
CA ASP A 52 7.87 11.42 -8.71
C ASP A 52 6.96 12.45 -7.98
N GLY A 53 6.57 12.17 -6.73
CA GLY A 53 5.67 13.00 -5.93
C GLY A 53 4.17 12.72 -6.14
N ALA A 54 3.80 11.45 -6.33
CA ALA A 54 2.42 10.98 -6.50
C ALA A 54 1.92 10.18 -5.28
N VAL A 55 0.60 9.94 -5.20
CA VAL A 55 -0.05 9.16 -4.14
C VAL A 55 -0.98 8.09 -4.72
N VAL A 56 -1.09 6.96 -4.02
CA VAL A 56 -1.93 5.80 -4.35
C VAL A 56 -2.61 5.31 -3.08
N MET A 57 -3.93 5.47 -3.02
CA MET A 57 -4.78 4.98 -1.93
C MET A 57 -5.61 3.79 -2.39
N VAL A 58 -5.49 2.67 -1.68
CA VAL A 58 -6.19 1.42 -1.99
C VAL A 58 -6.86 0.83 -0.74
N PRO A 59 -7.90 -0.01 -0.92
CA PRO A 59 -8.58 -0.68 0.17
C PRO A 59 -7.83 -1.89 0.75
N GLU A 60 -7.39 -1.85 2.01
CA GLU A 60 -6.68 -2.98 2.67
C GLU A 60 -7.53 -4.25 2.79
N GLY A 61 -8.84 -4.12 3.03
CA GLY A 61 -9.78 -5.25 3.13
C GLY A 61 -10.47 -5.61 1.80
N LYS A 62 -10.07 -4.97 0.69
CA LYS A 62 -10.62 -5.16 -0.65
C LYS A 62 -9.54 -5.26 -1.74
N VAL A 63 -8.25 -5.27 -1.37
CA VAL A 63 -7.08 -5.45 -2.26
C VAL A 63 -7.22 -6.66 -3.18
N LEU A 64 -7.93 -7.70 -2.71
CA LEU A 64 -8.25 -8.92 -3.44
C LEU A 64 -8.95 -8.65 -4.78
N ALA A 65 -9.71 -7.54 -4.89
CA ALA A 65 -10.41 -7.09 -6.09
C ALA A 65 -9.46 -6.43 -7.12
N ILE A 66 -8.64 -5.47 -6.66
CA ILE A 66 -7.64 -4.77 -7.50
C ILE A 66 -6.52 -5.73 -7.95
N GLY A 67 -6.18 -6.71 -7.11
CA GLY A 67 -5.10 -7.68 -7.32
C GLY A 67 -3.73 -7.21 -6.80
N VAL A 68 -3.67 -6.06 -6.14
CA VAL A 68 -2.43 -5.49 -5.57
C VAL A 68 -2.11 -6.10 -4.20
N ARG A 69 -0.85 -6.44 -3.95
CA ARG A 69 -0.37 -6.96 -2.65
C ARG A 69 0.64 -6.00 -2.02
N LYS A 70 0.22 -5.34 -0.94
CA LYS A 70 0.99 -4.39 -0.14
C LYS A 70 1.00 -4.84 1.31
N VAL A 71 2.14 -5.38 1.77
CA VAL A 71 2.35 -5.82 3.17
C VAL A 71 3.86 -5.75 3.50
N ALA A 72 4.23 -5.87 4.77
CA ALA A 72 5.62 -5.90 5.26
C ALA A 72 6.54 -6.95 4.58
N SER A 73 5.95 -7.96 3.93
CA SER A 73 6.65 -9.00 3.15
C SER A 73 6.15 -9.11 1.70
N ALA A 74 4.89 -8.72 1.43
CA ALA A 74 4.28 -8.75 0.10
C ALA A 74 4.85 -7.63 -0.80
N GLU A 75 5.81 -8.00 -1.65
CA GLU A 75 6.51 -7.14 -2.61
C GLU A 75 6.38 -7.70 -4.05
N ALA A 1 10.02 0.52 -12.27
CA ALA A 1 10.44 -0.47 -11.24
C ALA A 1 11.97 -0.47 -11.10
N GLY A 2 12.49 0.11 -10.01
CA GLY A 2 13.93 0.14 -9.67
C GLY A 2 14.34 -1.05 -8.80
N HIS A 3 14.55 -0.80 -7.51
CA HIS A 3 14.85 -1.84 -6.49
C HIS A 3 13.55 -2.32 -5.84
N MET A 4 13.47 -3.61 -5.51
CA MET A 4 12.36 -4.24 -4.78
C MET A 4 12.06 -3.56 -3.43
N PRO A 5 10.82 -3.67 -2.91
CA PRO A 5 10.41 -3.00 -1.67
C PRO A 5 11.11 -3.64 -0.46
N GLU A 6 11.90 -2.85 0.27
CA GLU A 6 12.64 -3.29 1.47
C GLU A 6 11.71 -3.90 2.54
N GLY A 7 11.96 -5.15 2.93
CA GLY A 7 11.23 -5.85 3.98
C GLY A 7 11.46 -7.36 3.95
N SER A 8 11.27 -8.02 5.10
CA SER A 8 11.50 -9.46 5.29
C SER A 8 10.54 -10.11 6.30
N ALA A 9 10.13 -9.36 7.34
CA ALA A 9 9.14 -9.79 8.32
C ALA A 9 7.72 -9.89 7.72
N SER A 10 6.78 -10.55 8.42
CA SER A 10 5.38 -10.77 8.01
C SER A 10 4.40 -10.39 9.13
N LEU A 11 3.98 -9.12 9.14
CA LEU A 11 3.01 -8.56 10.10
C LEU A 11 2.01 -7.62 9.40
N GLN A 12 1.07 -7.06 10.17
CA GLN A 12 0.09 -6.06 9.70
C GLN A 12 0.77 -4.81 9.13
N LEU A 13 0.07 -4.13 8.21
CA LEU A 13 0.54 -2.92 7.57
C LEU A 13 0.39 -1.70 8.50
N ALA A 14 1.49 -1.01 8.77
CA ALA A 14 1.56 0.24 9.54
C ALA A 14 2.17 1.39 8.71
N VAL A 15 2.08 2.61 9.22
CA VAL A 15 2.66 3.82 8.60
C VAL A 15 4.18 3.67 8.50
N GLY A 16 4.72 3.92 7.30
CA GLY A 16 6.15 3.80 6.98
C GLY A 16 6.57 2.44 6.43
N ASP A 17 5.67 1.44 6.40
CA ASP A 17 5.96 0.15 5.79
C ASP A 17 6.05 0.27 4.25
N ARG A 18 6.38 -0.83 3.58
CA ARG A 18 6.52 -0.89 2.13
C ARG A 18 5.23 -1.26 1.42
N VAL A 19 5.27 -1.12 0.10
CA VAL A 19 4.20 -1.49 -0.83
C VAL A 19 4.76 -1.64 -2.24
N VAL A 20 4.12 -2.52 -3.01
CA VAL A 20 4.37 -2.79 -4.43
C VAL A 20 3.03 -2.68 -5.16
N TYR A 21 3.07 -2.49 -6.47
CA TYR A 21 1.90 -2.43 -7.35
C TYR A 21 2.03 -3.44 -8.49
N PRO A 22 0.91 -3.91 -9.08
CA PRO A 22 0.92 -4.85 -10.21
C PRO A 22 1.42 -4.24 -11.53
N ASN A 23 1.58 -2.90 -11.59
CA ASN A 23 2.09 -2.14 -12.73
C ASN A 23 3.16 -1.10 -12.33
N GLN A 24 2.82 -0.12 -11.46
CA GLN A 24 3.68 1.00 -11.04
C GLN A 24 5.06 0.52 -10.52
N GLY A 25 5.06 -0.38 -9.55
CA GLY A 25 6.26 -0.86 -8.84
C GLY A 25 6.24 -0.45 -7.36
N VAL A 26 7.42 -0.21 -6.79
CA VAL A 26 7.58 0.14 -5.37
C VAL A 26 7.06 1.54 -5.04
N CYS A 27 6.50 1.68 -3.83
CA CYS A 27 5.94 2.92 -3.26
C CYS A 27 6.26 3.01 -1.76
N ARG A 28 5.87 4.11 -1.09
CA ARG A 28 6.10 4.37 0.34
C ARG A 28 4.83 4.85 1.05
N VAL A 29 4.46 4.23 2.17
CA VAL A 29 3.26 4.60 2.94
C VAL A 29 3.47 5.93 3.68
N SER A 30 2.42 6.75 3.75
CA SER A 30 2.41 8.07 4.43
C SER A 30 1.42 8.11 5.60
N ALA A 31 0.22 7.59 5.41
CA ALA A 31 -0.82 7.52 6.45
C ALA A 31 -1.83 6.41 6.12
N ILE A 32 -2.59 5.91 7.11
CA ILE A 32 -3.62 4.89 6.92
C ILE A 32 -4.80 5.19 7.84
N ASP A 33 -6.04 5.14 7.32
CA ASP A 33 -7.25 5.32 8.11
C ASP A 33 -8.44 4.51 7.55
N VAL A 34 -9.55 4.41 8.29
CA VAL A 34 -10.78 3.74 7.82
C VAL A 34 -11.83 4.78 7.42
N LYS A 35 -12.59 4.51 6.36
CA LYS A 35 -13.70 5.38 5.90
C LYS A 35 -14.76 4.59 5.12
N GLU A 36 -15.87 5.25 4.80
CA GLU A 36 -16.96 4.74 3.97
C GLU A 36 -16.92 5.36 2.57
N VAL A 37 -16.70 4.55 1.53
CA VAL A 37 -16.72 4.99 0.11
C VAL A 37 -17.68 4.11 -0.67
N ALA A 38 -18.48 4.72 -1.56
CA ALA A 38 -19.49 4.04 -2.39
C ALA A 38 -20.43 3.07 -1.63
N GLY A 39 -20.68 3.34 -0.34
CA GLY A 39 -21.45 2.48 0.57
C GLY A 39 -20.67 1.29 1.17
N GLN A 40 -19.34 1.40 1.34
CA GLN A 40 -18.46 0.34 1.83
C GLN A 40 -17.41 0.89 2.82
N LYS A 41 -17.48 0.43 4.09
CA LYS A 41 -16.64 0.86 5.21
C LYS A 41 -15.49 -0.11 5.45
N LEU A 42 -14.26 0.30 5.18
CA LEU A 42 -13.06 -0.53 5.36
C LEU A 42 -11.78 0.33 5.57
N THR A 43 -10.66 -0.31 5.89
CA THR A 43 -9.34 0.35 6.03
C THR A 43 -8.77 0.73 4.65
N PHE A 44 -8.59 2.02 4.38
CA PHE A 44 -7.99 2.51 3.14
C PHE A 44 -6.59 3.08 3.44
N VAL A 45 -5.58 2.41 2.91
CA VAL A 45 -4.18 2.85 3.04
C VAL A 45 -3.91 4.06 2.14
N THR A 46 -3.04 4.98 2.55
CA THR A 46 -2.62 6.14 1.76
C THR A 46 -1.11 6.20 1.64
N MET A 47 -0.60 5.93 0.44
CA MET A 47 0.81 5.95 0.10
C MET A 47 1.11 7.09 -0.87
N ARG A 48 2.40 7.39 -1.02
CA ARG A 48 2.91 8.44 -1.91
C ARG A 48 4.22 7.99 -2.55
N ARG A 49 4.23 7.87 -3.88
CA ARG A 49 5.42 7.48 -4.64
C ARG A 49 6.38 8.67 -4.68
N GLU A 50 7.49 8.59 -3.96
CA GLU A 50 8.51 9.65 -3.94
C GLU A 50 9.30 9.79 -5.27
N GLU A 51 9.19 8.79 -6.15
CA GLU A 51 9.80 8.75 -7.49
C GLU A 51 9.36 9.94 -8.38
N ASP A 52 8.06 10.31 -8.31
CA ASP A 52 7.44 11.43 -9.04
C ASP A 52 6.64 12.41 -8.15
N GLY A 53 6.21 12.00 -6.95
CA GLY A 53 5.35 12.78 -6.05
C GLY A 53 3.85 12.48 -6.16
N ALA A 54 3.46 11.40 -6.83
CA ALA A 54 2.06 10.95 -6.92
C ALA A 54 1.56 10.27 -5.63
N VAL A 55 0.23 10.15 -5.49
CA VAL A 55 -0.41 9.43 -4.38
C VAL A 55 -1.03 8.11 -4.87
N VAL A 56 -1.04 7.11 -4.00
CA VAL A 56 -1.55 5.75 -4.28
C VAL A 56 -2.33 5.29 -3.06
N MET A 57 -3.65 5.14 -3.18
CA MET A 57 -4.51 4.67 -2.10
C MET A 57 -5.35 3.46 -2.52
N VAL A 58 -5.36 2.42 -1.67
CA VAL A 58 -6.07 1.16 -1.93
C VAL A 58 -6.76 0.62 -0.66
N PRO A 59 -7.79 -0.22 -0.81
CA PRO A 59 -8.46 -0.88 0.31
C PRO A 59 -7.71 -2.09 0.89
N GLU A 60 -7.28 -2.04 2.15
CA GLU A 60 -6.56 -3.16 2.80
C GLU A 60 -7.40 -4.44 2.97
N GLY A 61 -8.71 -4.32 3.20
CA GLY A 61 -9.64 -5.46 3.30
C GLY A 61 -10.31 -5.85 1.97
N LYS A 62 -9.88 -5.23 0.86
CA LYS A 62 -10.44 -5.44 -0.49
C LYS A 62 -9.35 -5.53 -1.58
N VAL A 63 -8.06 -5.48 -1.21
CA VAL A 63 -6.91 -5.63 -2.13
C VAL A 63 -7.01 -6.86 -3.03
N LEU A 64 -7.69 -7.91 -2.55
CA LEU A 64 -7.97 -9.15 -3.27
C LEU A 64 -8.71 -8.91 -4.60
N ALA A 65 -9.51 -7.85 -4.70
CA ALA A 65 -10.21 -7.40 -5.91
C ALA A 65 -9.28 -6.69 -6.92
N ILE A 66 -8.51 -5.69 -6.47
CA ILE A 66 -7.53 -4.95 -7.31
C ILE A 66 -6.39 -5.86 -7.80
N GLY A 67 -6.00 -6.84 -6.98
CA GLY A 67 -4.86 -7.73 -7.22
C GLY A 67 -3.52 -7.20 -6.70
N VAL A 68 -3.50 -5.99 -6.12
CA VAL A 68 -2.32 -5.38 -5.49
C VAL A 68 -2.01 -6.07 -4.16
N ARG A 69 -0.81 -6.62 -3.99
CA ARG A 69 -0.37 -7.21 -2.72
C ARG A 69 0.63 -6.27 -2.06
N LYS A 70 0.22 -5.64 -0.95
CA LYS A 70 1.06 -4.71 -0.18
C LYS A 70 1.28 -5.25 1.23
N VAL A 71 2.49 -5.74 1.50
CA VAL A 71 2.89 -6.26 2.82
C VAL A 71 4.42 -6.14 2.98
N ALA A 72 4.92 -6.29 4.20
CA ALA A 72 6.36 -6.30 4.51
C ALA A 72 7.13 -7.38 3.70
N SER A 73 6.49 -8.52 3.35
CA SER A 73 7.06 -9.57 2.50
C SER A 73 6.50 -9.57 1.07
N ALA A 74 5.18 -9.35 0.92
CA ALA A 74 4.47 -9.36 -0.37
C ALA A 74 4.98 -8.24 -1.30
N GLU A 75 5.74 -8.65 -2.33
CA GLU A 75 6.51 -7.80 -3.24
C GLU A 75 6.36 -8.20 -4.72
N ALA A 1 21.53 3.90 -4.76
CA ALA A 1 21.26 3.66 -6.20
C ALA A 1 19.81 3.21 -6.42
N GLY A 2 19.42 2.02 -5.93
CA GLY A 2 18.07 1.45 -6.07
C GLY A 2 17.84 0.25 -5.17
N HIS A 3 17.98 0.42 -3.84
CA HIS A 3 17.70 -0.61 -2.84
C HIS A 3 16.25 -1.10 -2.94
N MET A 4 16.06 -2.37 -3.30
CA MET A 4 14.73 -3.01 -3.42
C MET A 4 13.92 -2.93 -2.11
N PRO A 5 12.58 -3.01 -2.19
CA PRO A 5 11.70 -3.01 -1.02
C PRO A 5 11.94 -4.26 -0.14
N GLU A 6 12.19 -4.04 1.16
CA GLU A 6 12.39 -5.09 2.18
C GLU A 6 11.76 -4.70 3.54
N GLY A 7 11.46 -5.70 4.37
CA GLY A 7 10.91 -5.55 5.72
C GLY A 7 10.65 -6.91 6.42
N SER A 8 10.12 -6.85 7.65
CA SER A 8 9.69 -8.01 8.46
C SER A 8 8.40 -8.66 7.92
N ALA A 9 7.79 -9.62 8.64
CA ALA A 9 6.53 -10.27 8.24
C ALA A 9 5.46 -10.16 9.36
N SER A 10 4.37 -9.45 9.07
CA SER A 10 3.22 -9.21 9.97
C SER A 10 1.89 -9.19 9.20
N LEU A 11 0.75 -9.18 9.92
CA LEU A 11 -0.60 -9.09 9.35
C LEU A 11 -0.86 -7.70 8.74
N GLN A 12 -1.09 -6.70 9.60
CA GLN A 12 -1.26 -5.29 9.21
C GLN A 12 0.10 -4.62 8.93
N LEU A 13 0.04 -3.48 8.23
CA LEU A 13 1.20 -2.63 7.94
C LEU A 13 1.32 -1.46 8.92
N ALA A 14 2.47 -0.79 8.86
CA ALA A 14 2.80 0.42 9.62
C ALA A 14 3.26 1.55 8.70
N VAL A 15 3.33 2.78 9.23
CA VAL A 15 3.84 3.94 8.51
C VAL A 15 5.35 3.79 8.27
N GLY A 16 5.78 4.05 7.03
CA GLY A 16 7.16 3.94 6.57
C GLY A 16 7.53 2.60 5.94
N ASP A 17 6.63 1.61 5.92
CA ASP A 17 6.90 0.29 5.35
C ASP A 17 6.87 0.29 3.81
N ARG A 18 7.65 -0.63 3.23
CA ARG A 18 7.81 -0.79 1.77
C ARG A 18 6.74 -1.69 1.17
N VAL A 19 6.17 -1.27 0.04
CA VAL A 19 5.08 -1.96 -0.66
C VAL A 19 5.24 -1.85 -2.18
N VAL A 20 5.05 -2.94 -2.93
CA VAL A 20 5.07 -2.92 -4.41
C VAL A 20 3.65 -2.99 -4.99
N TYR A 21 3.51 -2.69 -6.27
CA TYR A 21 2.26 -2.77 -7.03
C TYR A 21 2.41 -3.64 -8.29
N PRO A 22 1.30 -4.17 -8.85
CA PRO A 22 1.32 -5.04 -10.03
C PRO A 22 1.66 -4.27 -11.32
N ASN A 23 1.12 -3.06 -11.49
CA ASN A 23 1.30 -2.21 -12.68
C ASN A 23 1.25 -0.69 -12.36
N GLN A 24 1.72 -0.30 -11.17
CA GLN A 24 1.65 1.07 -10.62
C GLN A 24 3.00 1.61 -10.07
N GLY A 25 3.94 0.72 -9.70
CA GLY A 25 5.28 1.03 -9.18
C GLY A 25 5.44 0.85 -7.66
N VAL A 26 6.68 0.87 -7.16
CA VAL A 26 6.98 0.77 -5.72
C VAL A 26 6.47 2.01 -4.97
N CYS A 27 5.79 1.81 -3.85
CA CYS A 27 5.24 2.85 -2.96
C CYS A 27 5.80 2.72 -1.53
N ARG A 28 5.37 3.62 -0.63
CA ARG A 28 5.74 3.61 0.80
C ARG A 28 4.56 4.08 1.65
N VAL A 29 4.08 3.26 2.59
CA VAL A 29 2.90 3.57 3.44
C VAL A 29 3.12 4.86 4.23
N SER A 30 2.19 5.81 4.14
CA SER A 30 2.28 7.14 4.78
C SER A 30 1.23 7.35 5.88
N ALA A 31 0.01 6.83 5.71
CA ALA A 31 -1.08 6.84 6.68
C ALA A 31 -2.02 5.65 6.43
N ILE A 32 -2.80 5.27 7.46
CA ILE A 32 -3.77 4.16 7.41
C ILE A 32 -5.00 4.55 8.24
N ASP A 33 -6.17 4.63 7.61
CA ASP A 33 -7.45 4.94 8.29
C ASP A 33 -8.63 4.18 7.67
N VAL A 34 -9.81 4.23 8.29
CA VAL A 34 -11.05 3.63 7.76
C VAL A 34 -12.07 4.69 7.35
N LYS A 35 -12.79 4.47 6.25
CA LYS A 35 -13.88 5.34 5.77
C LYS A 35 -14.89 4.58 4.90
N GLU A 36 -16.00 5.24 4.59
CA GLU A 36 -17.05 4.75 3.68
C GLU A 36 -16.92 5.44 2.31
N VAL A 37 -16.68 4.68 1.25
CA VAL A 37 -16.63 5.19 -0.14
C VAL A 37 -17.52 4.33 -1.03
N ALA A 38 -18.29 4.96 -1.92
CA ALA A 38 -19.25 4.30 -2.82
C ALA A 38 -20.21 3.29 -2.12
N GLY A 39 -20.52 3.51 -0.83
CA GLY A 39 -21.36 2.65 -0.01
C GLY A 39 -20.63 1.46 0.65
N GLN A 40 -19.30 1.52 0.82
CA GLN A 40 -18.46 0.42 1.30
C GLN A 40 -17.45 0.92 2.35
N LYS A 41 -17.59 0.47 3.60
CA LYS A 41 -16.78 0.87 4.76
C LYS A 41 -15.64 -0.11 5.03
N LEU A 42 -14.39 0.32 4.86
CA LEU A 42 -13.21 -0.51 5.10
C LEU A 42 -11.94 0.34 5.35
N THR A 43 -10.82 -0.31 5.70
CA THR A 43 -9.51 0.34 5.88
C THR A 43 -8.89 0.72 4.54
N PHE A 44 -8.69 2.00 4.26
CA PHE A 44 -8.01 2.49 3.05
C PHE A 44 -6.64 3.03 3.41
N VAL A 45 -5.59 2.36 2.95
CA VAL A 45 -4.21 2.82 3.14
C VAL A 45 -3.94 4.06 2.27
N THR A 46 -3.04 4.92 2.71
CA THR A 46 -2.58 6.11 1.99
C THR A 46 -1.06 6.10 1.90
N MET A 47 -0.54 6.27 0.69
CA MET A 47 0.88 6.30 0.37
C MET A 47 1.15 7.29 -0.76
N ARG A 48 2.43 7.63 -0.96
CA ARG A 48 2.91 8.47 -2.07
C ARG A 48 4.29 8.04 -2.54
N ARG A 49 4.49 8.09 -3.85
CA ARG A 49 5.76 7.74 -4.53
C ARG A 49 6.77 8.88 -4.42
N GLU A 50 7.95 8.59 -3.88
CA GLU A 50 9.06 9.53 -3.74
C GLU A 50 9.59 10.07 -5.08
N GLU A 51 9.71 9.21 -6.10
CA GLU A 51 10.16 9.58 -7.46
C GLU A 51 9.00 10.06 -8.35
N ASP A 52 7.88 9.34 -8.38
CA ASP A 52 6.73 9.66 -9.24
C ASP A 52 5.96 10.91 -8.76
N GLY A 53 6.10 11.27 -7.49
CA GLY A 53 5.45 12.43 -6.84
C GLY A 53 3.93 12.33 -6.72
N ALA A 54 3.35 11.15 -6.96
CA ALA A 54 1.93 10.91 -7.12
C ALA A 54 1.32 10.14 -5.94
N VAL A 55 0.06 10.47 -5.62
CA VAL A 55 -0.72 9.83 -4.55
C VAL A 55 -1.12 8.39 -4.91
N VAL A 56 -1.27 7.54 -3.90
CA VAL A 56 -1.68 6.14 -4.02
C VAL A 56 -2.55 5.76 -2.82
N MET A 57 -3.77 5.28 -3.06
CA MET A 57 -4.70 4.85 -2.01
C MET A 57 -5.45 3.60 -2.47
N VAL A 58 -5.34 2.50 -1.72
CA VAL A 58 -6.05 1.24 -2.00
C VAL A 58 -6.73 0.66 -0.74
N PRO A 59 -7.75 -0.19 -0.92
CA PRO A 59 -8.45 -0.85 0.18
C PRO A 59 -7.72 -2.04 0.79
N GLU A 60 -7.30 -1.96 2.05
CA GLU A 60 -6.60 -3.05 2.77
C GLU A 60 -7.43 -4.34 2.91
N GLY A 61 -8.75 -4.24 3.11
CA GLY A 61 -9.67 -5.38 3.18
C GLY A 61 -10.31 -5.78 1.85
N LYS A 62 -9.89 -5.16 0.75
CA LYS A 62 -10.43 -5.37 -0.61
C LYS A 62 -9.33 -5.48 -1.67
N VAL A 63 -8.04 -5.43 -1.30
CA VAL A 63 -6.88 -5.61 -2.19
C VAL A 63 -6.98 -6.85 -3.08
N LEU A 64 -7.65 -7.89 -2.58
CA LEU A 64 -7.93 -9.15 -3.26
C LEU A 64 -8.69 -8.94 -4.61
N ALA A 65 -9.49 -7.87 -4.71
CA ALA A 65 -10.23 -7.47 -5.91
C ALA A 65 -9.32 -6.80 -6.96
N ILE A 66 -8.51 -5.82 -6.55
CA ILE A 66 -7.56 -5.10 -7.44
C ILE A 66 -6.39 -6.01 -7.87
N GLY A 67 -5.96 -6.93 -6.98
CA GLY A 67 -4.80 -7.81 -7.16
C GLY A 67 -3.48 -7.22 -6.64
N VAL A 68 -3.51 -6.03 -6.03
CA VAL A 68 -2.33 -5.36 -5.44
C VAL A 68 -1.90 -6.08 -4.16
N ARG A 69 -0.62 -6.47 -4.04
CA ARG A 69 -0.08 -7.08 -2.81
C ARG A 69 0.88 -6.10 -2.18
N LYS A 70 0.44 -5.55 -1.03
CA LYS A 70 1.17 -4.59 -0.22
C LYS A 70 1.13 -5.03 1.24
N VAL A 71 2.24 -5.53 1.78
CA VAL A 71 2.37 -6.01 3.17
C VAL A 71 3.84 -5.87 3.58
N ALA A 72 4.18 -6.02 4.85
CA ALA A 72 5.57 -5.96 5.34
C ALA A 72 6.50 -6.93 4.58
N SER A 73 5.97 -8.09 4.17
CA SER A 73 6.65 -9.12 3.36
C SER A 73 6.25 -9.17 1.88
N ALA A 74 5.10 -8.55 1.51
CA ALA A 74 4.58 -8.52 0.14
C ALA A 74 5.19 -7.33 -0.63
N GLU A 75 6.32 -7.61 -1.27
CA GLU A 75 7.24 -6.66 -1.91
C GLU A 75 7.80 -7.16 -3.27
N ALA A 1 23.45 1.07 -5.40
CA ALA A 1 22.06 1.54 -5.19
C ALA A 1 21.05 0.47 -5.60
N GLY A 2 19.75 0.81 -5.67
CA GLY A 2 18.66 -0.12 -6.03
C GLY A 2 18.02 -0.81 -4.81
N HIS A 3 17.76 -0.06 -3.73
CA HIS A 3 17.07 -0.54 -2.52
C HIS A 3 15.62 -0.97 -2.84
N MET A 4 15.35 -2.28 -2.86
CA MET A 4 14.01 -2.84 -3.13
C MET A 4 13.05 -2.73 -1.92
N PRO A 5 11.72 -2.91 -2.13
CA PRO A 5 10.72 -2.95 -1.06
C PRO A 5 10.82 -4.22 -0.21
N GLU A 6 11.47 -4.11 0.95
CA GLU A 6 11.66 -5.19 1.94
C GLU A 6 11.59 -4.66 3.38
N GLY A 7 11.36 -5.53 4.37
CA GLY A 7 11.17 -5.14 5.78
C GLY A 7 10.57 -6.23 6.67
N SER A 8 11.41 -7.13 7.18
CA SER A 8 11.04 -8.22 8.11
C SER A 8 10.91 -7.76 9.57
N ALA A 9 9.67 -7.52 10.03
CA ALA A 9 9.35 -7.18 11.43
C ALA A 9 7.90 -7.60 11.80
N SER A 10 6.91 -6.78 11.45
CA SER A 10 5.48 -7.01 11.64
C SER A 10 4.87 -7.96 10.60
N LEU A 11 3.59 -8.33 10.78
CA LEU A 11 2.84 -9.21 9.88
C LEU A 11 2.00 -8.39 8.89
N GLN A 12 0.98 -7.68 9.39
CA GLN A 12 0.11 -6.79 8.61
C GLN A 12 0.83 -5.48 8.19
N LEU A 13 0.19 -4.69 7.34
CA LEU A 13 0.70 -3.38 6.90
C LEU A 13 0.57 -2.32 8.01
N ALA A 14 1.64 -1.55 8.24
CA ALA A 14 1.70 -0.44 9.19
C ALA A 14 2.51 0.76 8.63
N VAL A 15 2.52 1.90 9.34
CA VAL A 15 3.27 3.10 8.95
C VAL A 15 4.78 2.81 8.87
N GLY A 16 5.41 3.23 7.77
CA GLY A 16 6.83 3.01 7.48
C GLY A 16 7.14 1.69 6.75
N ASP A 17 6.15 0.81 6.56
CA ASP A 17 6.30 -0.44 5.80
C ASP A 17 6.47 -0.20 4.28
N ARG A 18 6.67 -1.27 3.49
CA ARG A 18 6.97 -1.23 2.06
C ARG A 18 5.91 -1.96 1.23
N VAL A 19 5.48 -1.31 0.16
CA VAL A 19 4.39 -1.75 -0.71
C VAL A 19 4.76 -1.50 -2.17
N VAL A 20 4.47 -2.46 -3.04
CA VAL A 20 4.70 -2.34 -4.49
C VAL A 20 3.50 -2.91 -5.25
N TYR A 21 3.10 -2.22 -6.31
CA TYR A 21 2.04 -2.70 -7.20
C TYR A 21 2.47 -3.93 -8.03
N PRO A 22 1.51 -4.71 -8.57
CA PRO A 22 1.82 -5.93 -9.30
C PRO A 22 2.51 -5.65 -10.65
N ASN A 23 2.27 -4.46 -11.25
CA ASN A 23 2.90 -4.03 -12.51
C ASN A 23 2.91 -2.50 -12.70
N GLN A 24 3.31 -1.73 -11.68
CA GLN A 24 3.24 -0.24 -11.70
C GLN A 24 4.51 0.42 -11.11
N GLY A 25 4.79 0.22 -9.82
CA GLY A 25 5.97 0.75 -9.12
C GLY A 25 5.89 0.60 -7.60
N VAL A 26 7.02 0.83 -6.92
CA VAL A 26 7.12 0.85 -5.44
C VAL A 26 6.58 2.14 -4.85
N CYS A 27 5.99 2.05 -3.66
CA CYS A 27 5.48 3.19 -2.87
C CYS A 27 5.99 3.14 -1.42
N ARG A 28 5.69 4.19 -0.64
CA ARG A 28 6.15 4.38 0.74
C ARG A 28 4.98 4.81 1.64
N VAL A 29 4.65 3.99 2.64
CA VAL A 29 3.54 4.20 3.59
C VAL A 29 3.78 5.43 4.45
N SER A 30 2.92 6.43 4.31
CA SER A 30 3.00 7.73 5.00
C SER A 30 1.95 7.90 6.09
N ALA A 31 0.69 7.58 5.77
CA ALA A 31 -0.47 7.61 6.66
C ALA A 31 -1.49 6.54 6.26
N ILE A 32 -2.50 6.30 7.10
CA ILE A 32 -3.61 5.37 6.84
C ILE A 32 -4.88 5.93 7.52
N ASP A 33 -6.04 5.82 6.87
CA ASP A 33 -7.34 6.22 7.43
C ASP A 33 -8.47 5.24 7.08
N VAL A 34 -9.67 5.43 7.63
CA VAL A 34 -10.88 4.61 7.35
C VAL A 34 -12.02 5.48 6.86
N LYS A 35 -12.80 4.99 5.88
CA LYS A 35 -13.98 5.69 5.34
C LYS A 35 -14.98 4.72 4.70
N GLU A 36 -16.18 5.21 4.42
CA GLU A 36 -17.25 4.50 3.72
C GLU A 36 -17.28 4.96 2.25
N VAL A 37 -17.08 4.03 1.32
CA VAL A 37 -17.16 4.28 -0.13
C VAL A 37 -18.11 3.25 -0.75
N ALA A 38 -19.00 3.67 -1.66
CA ALA A 38 -20.00 2.82 -2.32
C ALA A 38 -20.82 1.91 -1.36
N GLY A 39 -21.02 2.33 -0.10
CA GLY A 39 -21.70 1.56 0.95
C GLY A 39 -20.83 0.51 1.67
N GLN A 40 -19.50 0.71 1.73
CA GLN A 40 -18.51 -0.24 2.29
C GLN A 40 -17.47 0.51 3.13
N LYS A 41 -17.40 0.23 4.44
CA LYS A 41 -16.46 0.84 5.41
C LYS A 41 -15.23 -0.04 5.60
N LEU A 42 -14.04 0.47 5.28
CA LEU A 42 -12.77 -0.27 5.41
C LEU A 42 -11.56 0.69 5.58
N THR A 43 -10.39 0.12 5.86
CA THR A 43 -9.12 0.86 5.98
C THR A 43 -8.46 1.11 4.61
N PHE A 44 -8.32 2.37 4.21
CA PHE A 44 -7.63 2.77 2.97
C PHE A 44 -6.23 3.30 3.32
N VAL A 45 -5.18 2.57 2.89
CA VAL A 45 -3.78 3.01 3.07
C VAL A 45 -3.53 4.30 2.29
N THR A 46 -2.63 5.17 2.78
CA THR A 46 -2.25 6.42 2.09
C THR A 46 -0.73 6.51 1.93
N MET A 47 -0.26 6.37 0.70
CA MET A 47 1.17 6.39 0.37
C MET A 47 1.47 7.48 -0.66
N ARG A 48 2.73 7.89 -0.76
CA ARG A 48 3.20 8.84 -1.76
C ARG A 48 4.46 8.33 -2.46
N ARG A 49 4.39 8.26 -3.79
CA ARG A 49 5.50 7.88 -4.68
C ARG A 49 6.37 9.12 -4.92
N GLU A 50 7.57 9.13 -4.35
CA GLU A 50 8.55 10.22 -4.52
C GLU A 50 9.06 10.34 -5.97
N GLU A 51 8.88 9.27 -6.77
CA GLU A 51 9.25 9.17 -8.19
C GLU A 51 8.58 10.26 -9.06
N ASP A 52 7.30 10.58 -8.79
CA ASP A 52 6.54 11.63 -9.48
C ASP A 52 5.87 12.64 -8.53
N GLY A 53 6.06 12.49 -7.21
CA GLY A 53 5.38 13.23 -6.15
C GLY A 53 3.88 12.92 -6.02
N ALA A 54 3.40 11.87 -6.68
CA ALA A 54 2.00 11.46 -6.73
C ALA A 54 1.57 10.66 -5.49
N VAL A 55 0.27 10.61 -5.22
CA VAL A 55 -0.31 9.80 -4.13
C VAL A 55 -0.84 8.47 -4.66
N VAL A 56 -1.04 7.51 -3.77
CA VAL A 56 -1.64 6.21 -4.06
C VAL A 56 -2.33 5.68 -2.81
N MET A 57 -3.63 5.41 -2.93
CA MET A 57 -4.47 4.81 -1.90
C MET A 57 -5.19 3.58 -2.43
N VAL A 58 -5.19 2.51 -1.65
CA VAL A 58 -5.92 1.27 -1.95
C VAL A 58 -6.62 0.71 -0.72
N PRO A 59 -7.70 -0.05 -0.91
CA PRO A 59 -8.44 -0.67 0.19
C PRO A 59 -7.75 -1.90 0.80
N GLU A 60 -7.38 -1.87 2.08
CA GLU A 60 -6.72 -3.00 2.75
C GLU A 60 -7.55 -4.29 2.78
N GLY A 61 -8.86 -4.21 3.00
CA GLY A 61 -9.79 -5.35 3.01
C GLY A 61 -10.44 -5.66 1.66
N LYS A 62 -10.00 -4.97 0.60
CA LYS A 62 -10.54 -5.10 -0.77
C LYS A 62 -9.44 -5.22 -1.83
N VAL A 63 -8.16 -5.26 -1.45
CA VAL A 63 -7.01 -5.47 -2.35
C VAL A 63 -7.19 -6.66 -3.30
N LEU A 64 -7.95 -7.67 -2.87
CA LEU A 64 -8.29 -8.87 -3.65
C LEU A 64 -8.98 -8.54 -4.98
N ALA A 65 -9.71 -7.42 -5.04
CA ALA A 65 -10.37 -6.89 -6.25
C ALA A 65 -9.38 -6.25 -7.24
N ILE A 66 -8.51 -5.34 -6.76
CA ILE A 66 -7.49 -4.65 -7.57
C ILE A 66 -6.38 -5.63 -8.02
N GLY A 67 -6.06 -6.62 -7.18
CA GLY A 67 -4.98 -7.58 -7.37
C GLY A 67 -3.61 -7.13 -6.81
N VAL A 68 -3.54 -5.95 -6.18
CA VAL A 68 -2.30 -5.43 -5.56
C VAL A 68 -2.07 -6.06 -4.20
N ARG A 69 -0.93 -6.71 -3.98
CA ARG A 69 -0.55 -7.26 -2.67
C ARG A 69 0.40 -6.29 -1.98
N LYS A 70 -0.08 -5.62 -0.93
CA LYS A 70 0.67 -4.70 -0.07
C LYS A 70 0.75 -5.27 1.34
N VAL A 71 1.93 -5.76 1.73
CA VAL A 71 2.23 -6.39 3.05
C VAL A 71 3.75 -6.40 3.26
N ALA A 72 4.21 -6.48 4.52
CA ALA A 72 5.62 -6.57 4.92
C ALA A 72 6.41 -7.72 4.26
N SER A 73 5.72 -8.79 3.85
CA SER A 73 6.28 -10.00 3.22
C SER A 73 5.63 -10.35 1.87
N ALA A 74 4.83 -9.44 1.29
CA ALA A 74 4.19 -9.61 -0.01
C ALA A 74 5.14 -9.30 -1.18
N GLU A 75 5.55 -8.03 -1.32
CA GLU A 75 6.20 -7.44 -2.49
C GLU A 75 5.52 -7.86 -3.83
N ALA A 1 21.71 4.86 -6.20
CA ALA A 1 20.80 4.10 -5.30
C ALA A 1 19.65 3.45 -6.08
N GLY A 2 19.04 2.40 -5.51
CA GLY A 2 17.91 1.68 -6.12
C GLY A 2 17.57 0.36 -5.42
N HIS A 3 17.32 0.40 -4.10
CA HIS A 3 16.98 -0.78 -3.28
C HIS A 3 15.57 -1.30 -3.58
N MET A 4 15.41 -2.62 -3.71
CA MET A 4 14.11 -3.29 -3.93
C MET A 4 13.28 -3.44 -2.63
N PRO A 5 11.97 -3.73 -2.75
CA PRO A 5 11.09 -4.01 -1.61
C PRO A 5 11.42 -5.39 -1.05
N GLU A 6 12.12 -5.42 0.09
CA GLU A 6 12.51 -6.62 0.82
C GLU A 6 12.33 -6.45 2.34
N GLY A 7 12.30 -7.57 3.07
CA GLY A 7 12.09 -7.61 4.53
C GLY A 7 12.33 -9.00 5.12
N SER A 8 12.12 -9.12 6.44
CA SER A 8 12.40 -10.35 7.21
C SER A 8 11.24 -11.36 7.19
N ALA A 9 10.01 -10.89 7.42
CA ALA A 9 8.78 -11.69 7.46
C ALA A 9 7.54 -10.89 6.99
N SER A 10 6.43 -11.61 6.75
CA SER A 10 5.13 -11.05 6.34
C SER A 10 4.28 -10.66 7.56
N LEU A 11 4.24 -9.37 7.88
CA LEU A 11 3.44 -8.78 8.97
C LEU A 11 2.30 -7.90 8.43
N GLN A 12 1.37 -7.50 9.30
CA GLN A 12 0.22 -6.65 8.99
C GLN A 12 0.65 -5.22 8.57
N LEU A 13 -0.04 -4.61 7.60
CA LEU A 13 0.32 -3.31 7.03
C LEU A 13 0.12 -2.17 8.04
N ALA A 14 1.19 -1.44 8.33
CA ALA A 14 1.22 -0.32 9.27
C ALA A 14 2.09 0.85 8.77
N VAL A 15 2.06 1.98 9.49
CA VAL A 15 2.88 3.17 9.20
C VAL A 15 4.37 2.82 9.26
N GLY A 16 5.10 3.14 8.19
CA GLY A 16 6.53 2.86 8.03
C GLY A 16 6.85 1.55 7.29
N ASP A 17 5.85 0.70 7.01
CA ASP A 17 6.04 -0.53 6.21
C ASP A 17 6.27 -0.19 4.72
N ARG A 18 6.67 -1.18 3.92
CA ARG A 18 6.85 -1.10 2.47
C ARG A 18 5.56 -1.40 1.70
N VAL A 19 5.52 -0.95 0.47
CA VAL A 19 4.43 -1.20 -0.48
C VAL A 19 4.97 -1.18 -1.91
N VAL A 20 4.63 -2.22 -2.67
CA VAL A 20 4.93 -2.38 -4.09
C VAL A 20 3.67 -2.94 -4.76
N TYR A 21 3.39 -2.49 -5.99
CA TYR A 21 2.28 -2.98 -6.83
C TYR A 21 2.73 -4.19 -7.68
N PRO A 22 1.79 -4.98 -8.22
CA PRO A 22 2.10 -6.21 -8.95
C PRO A 22 2.76 -5.93 -10.31
N ASN A 23 2.50 -4.75 -10.89
CA ASN A 23 3.09 -4.26 -12.14
C ASN A 23 3.01 -2.71 -12.24
N GLN A 24 3.65 -1.98 -11.32
CA GLN A 24 3.65 -0.50 -11.32
C GLN A 24 4.98 0.09 -10.80
N GLY A 25 5.33 -0.19 -9.53
CA GLY A 25 6.55 0.29 -8.88
C GLY A 25 6.47 0.28 -7.34
N VAL A 26 7.55 0.72 -6.70
CA VAL A 26 7.67 0.89 -5.24
C VAL A 26 7.05 2.20 -4.77
N CYS A 27 6.51 2.18 -3.54
CA CYS A 27 5.88 3.30 -2.84
C CYS A 27 6.31 3.30 -1.35
N ARG A 28 5.83 4.26 -0.56
CA ARG A 28 6.05 4.36 0.90
C ARG A 28 4.74 4.73 1.61
N VAL A 29 4.43 4.05 2.73
CA VAL A 29 3.27 4.35 3.58
C VAL A 29 3.43 5.73 4.24
N SER A 30 2.40 6.58 4.14
CA SER A 30 2.39 7.95 4.68
C SER A 30 1.36 8.12 5.80
N ALA A 31 0.11 7.73 5.55
CA ALA A 31 -1.00 7.72 6.51
C ALA A 31 -2.04 6.64 6.14
N ILE A 32 -2.94 6.29 7.07
CA ILE A 32 -4.02 5.30 6.84
C ILE A 32 -5.26 5.74 7.63
N ASP A 33 -6.45 5.69 7.01
CA ASP A 33 -7.73 6.02 7.66
C ASP A 33 -8.88 5.12 7.15
N VAL A 34 -10.08 5.22 7.74
CA VAL A 34 -11.29 4.47 7.34
C VAL A 34 -12.46 5.43 7.04
N LYS A 35 -13.20 5.14 5.97
CA LYS A 35 -14.37 5.91 5.53
C LYS A 35 -15.39 5.04 4.79
N GLU A 36 -16.66 5.43 4.81
CA GLU A 36 -17.73 4.74 4.07
C GLU A 36 -17.72 5.24 2.61
N VAL A 37 -17.42 4.35 1.65
CA VAL A 37 -17.46 4.66 0.21
C VAL A 37 -18.49 3.75 -0.48
N ALA A 38 -19.35 4.32 -1.33
CA ALA A 38 -20.43 3.60 -2.03
C ALA A 38 -21.32 2.71 -1.12
N GLY A 39 -21.47 3.07 0.16
CA GLY A 39 -22.20 2.29 1.17
C GLY A 39 -21.39 1.20 1.88
N GLN A 40 -20.05 1.28 1.87
CA GLN A 40 -19.13 0.29 2.43
C GLN A 40 -17.91 0.94 3.09
N LYS A 41 -17.77 0.81 4.41
CA LYS A 41 -16.62 1.27 5.19
C LYS A 41 -15.56 0.19 5.34
N LEU A 42 -14.30 0.55 5.11
CA LEU A 42 -13.14 -0.33 5.29
C LEU A 42 -11.84 0.51 5.43
N THR A 43 -10.77 -0.10 5.92
CA THR A 43 -9.45 0.56 6.06
C THR A 43 -8.85 0.92 4.70
N PHE A 44 -8.66 2.20 4.38
CA PHE A 44 -8.02 2.66 3.14
C PHE A 44 -6.60 3.14 3.47
N VAL A 45 -5.59 2.42 2.96
CA VAL A 45 -4.18 2.81 3.13
C VAL A 45 -3.83 3.99 2.20
N THR A 46 -2.99 4.93 2.63
CA THR A 46 -2.59 6.11 1.84
C THR A 46 -1.06 6.20 1.75
N MET A 47 -0.53 6.01 0.54
CA MET A 47 0.90 5.97 0.25
C MET A 47 1.24 7.04 -0.80
N ARG A 48 2.53 7.32 -0.94
CA ARG A 48 3.06 8.23 -1.96
C ARG A 48 4.29 7.62 -2.63
N ARG A 49 4.63 8.15 -3.82
CA ARG A 49 5.82 7.81 -4.60
C ARG A 49 6.64 9.07 -4.85
N GLU A 50 7.80 9.17 -4.19
CA GLU A 50 8.75 10.27 -4.37
C GLU A 50 9.36 10.32 -5.79
N GLU A 51 9.26 9.22 -6.54
CA GLU A 51 9.74 9.03 -7.92
C GLU A 51 9.17 10.10 -8.88
N ASP A 52 7.86 10.36 -8.76
CA ASP A 52 7.09 11.33 -9.58
C ASP A 52 6.33 12.36 -8.72
N GLY A 53 6.42 12.25 -7.39
CA GLY A 53 5.67 13.06 -6.43
C GLY A 53 4.15 12.81 -6.45
N ALA A 54 3.73 11.56 -6.71
CA ALA A 54 2.32 11.19 -6.86
C ALA A 54 1.80 10.43 -5.63
N VAL A 55 0.47 10.31 -5.52
CA VAL A 55 -0.23 9.62 -4.43
C VAL A 55 -0.88 8.32 -4.92
N VAL A 56 -1.09 7.37 -4.01
CA VAL A 56 -1.78 6.09 -4.26
C VAL A 56 -2.48 5.63 -2.98
N MET A 57 -3.77 5.36 -3.06
CA MET A 57 -4.56 4.80 -1.96
C MET A 57 -5.37 3.60 -2.43
N VAL A 58 -5.41 2.54 -1.62
CA VAL A 58 -6.18 1.31 -1.91
C VAL A 58 -6.86 0.76 -0.65
N PRO A 59 -7.92 -0.03 -0.81
CA PRO A 59 -8.63 -0.69 0.29
C PRO A 59 -7.89 -1.90 0.89
N GLU A 60 -7.49 -1.86 2.16
CA GLU A 60 -6.80 -2.98 2.83
C GLU A 60 -7.68 -4.24 2.99
N GLY A 61 -9.00 -4.08 3.17
CA GLY A 61 -9.98 -5.17 3.25
C GLY A 61 -10.63 -5.55 1.91
N LYS A 62 -10.18 -4.93 0.81
CA LYS A 62 -10.73 -5.13 -0.55
C LYS A 62 -9.63 -5.24 -1.63
N VAL A 63 -8.34 -5.25 -1.25
CA VAL A 63 -7.18 -5.47 -2.14
C VAL A 63 -7.32 -6.71 -3.03
N LEU A 64 -8.07 -7.71 -2.55
CA LEU A 64 -8.40 -8.95 -3.26
C LEU A 64 -9.08 -8.68 -4.62
N ALA A 65 -9.83 -7.58 -4.74
CA ALA A 65 -10.48 -7.10 -5.96
C ALA A 65 -9.50 -6.46 -6.96
N ILE A 66 -8.66 -5.52 -6.51
CA ILE A 66 -7.64 -4.84 -7.34
C ILE A 66 -6.52 -5.82 -7.76
N GLY A 67 -6.18 -6.78 -6.90
CA GLY A 67 -5.11 -7.77 -7.09
C GLY A 67 -3.72 -7.33 -6.59
N VAL A 68 -3.63 -6.14 -5.98
CA VAL A 68 -2.40 -5.51 -5.45
C VAL A 68 -2.05 -6.05 -4.07
N ARG A 69 -0.83 -6.58 -3.87
CA ARG A 69 -0.37 -7.08 -2.56
C ARG A 69 0.77 -6.21 -2.03
N LYS A 70 0.50 -5.43 -0.98
CA LYS A 70 1.49 -4.57 -0.33
C LYS A 70 2.05 -5.26 0.91
N VAL A 71 3.29 -5.73 0.82
CA VAL A 71 4.02 -6.42 1.89
C VAL A 71 5.53 -6.21 1.67
N ALA A 72 6.35 -6.60 2.65
CA ALA A 72 7.81 -6.57 2.57
C ALA A 72 8.38 -7.47 1.45
N SER A 73 7.63 -8.48 0.96
CA SER A 73 8.02 -9.40 -0.12
C SER A 73 6.98 -9.55 -1.25
N ALA A 74 5.69 -9.60 -0.92
CA ALA A 74 4.61 -9.67 -1.93
C ALA A 74 4.54 -8.41 -2.81
N GLU A 75 3.91 -8.54 -3.99
CA GLU A 75 3.63 -7.45 -4.95
C GLU A 75 2.20 -7.55 -5.53
N ALA A 1 20.33 -0.92 -8.20
CA ALA A 1 19.73 0.36 -8.67
C ALA A 1 18.68 0.86 -7.67
N GLY A 2 19.06 1.81 -6.79
CA GLY A 2 18.21 2.31 -5.72
C GLY A 2 17.88 1.26 -4.65
N HIS A 3 16.88 1.55 -3.81
CA HIS A 3 16.35 0.62 -2.80
C HIS A 3 15.07 -0.05 -3.29
N MET A 4 14.87 -1.32 -2.88
CA MET A 4 13.70 -2.15 -3.19
C MET A 4 12.84 -2.42 -1.93
N PRO A 5 11.56 -2.75 -2.09
CA PRO A 5 10.67 -3.12 -0.98
C PRO A 5 11.02 -4.51 -0.43
N GLU A 6 11.11 -4.62 0.90
CA GLU A 6 11.43 -5.84 1.64
C GLU A 6 11.15 -5.65 3.15
N GLY A 7 11.30 -6.73 3.93
CA GLY A 7 11.12 -6.75 5.39
C GLY A 7 10.54 -8.08 5.89
N SER A 8 10.35 -8.18 7.21
CA SER A 8 9.83 -9.37 7.91
C SER A 8 9.11 -8.98 9.20
N ALA A 9 7.79 -9.25 9.28
CA ALA A 9 6.92 -8.98 10.42
C ALA A 9 5.58 -9.74 10.30
N SER A 10 4.64 -9.46 11.21
CA SER A 10 3.27 -9.99 11.22
C SER A 10 2.46 -9.52 10.00
N LEU A 11 1.26 -10.07 9.82
CA LEU A 11 0.37 -9.78 8.68
C LEU A 11 -0.48 -8.51 8.91
N GLN A 12 0.17 -7.38 9.19
CA GLN A 12 -0.49 -6.09 9.45
C GLN A 12 0.35 -4.92 8.93
N LEU A 13 -0.17 -4.16 7.96
CA LEU A 13 0.45 -2.97 7.41
C LEU A 13 0.37 -1.80 8.42
N ALA A 14 1.52 -1.19 8.73
CA ALA A 14 1.64 -0.03 9.61
C ALA A 14 2.36 1.15 8.94
N VAL A 15 2.34 2.32 9.57
CA VAL A 15 3.05 3.53 9.10
C VAL A 15 4.56 3.27 9.02
N GLY A 16 5.16 3.58 7.86
CA GLY A 16 6.59 3.40 7.58
C GLY A 16 6.94 2.07 6.90
N ASP A 17 5.98 1.15 6.72
CA ASP A 17 6.20 -0.10 5.99
C ASP A 17 6.40 0.14 4.47
N ARG A 18 6.68 -0.92 3.72
CA ARG A 18 6.90 -0.90 2.26
C ARG A 18 5.80 -1.63 1.52
N VAL A 19 5.38 -1.06 0.39
CA VAL A 19 4.31 -1.58 -0.46
C VAL A 19 4.69 -1.43 -1.92
N VAL A 20 4.44 -2.45 -2.72
CA VAL A 20 4.70 -2.47 -4.16
C VAL A 20 3.53 -3.09 -4.90
N TYR A 21 3.15 -2.49 -6.03
CA TYR A 21 2.10 -3.03 -6.88
C TYR A 21 2.57 -4.29 -7.65
N PRO A 22 1.64 -5.11 -8.18
CA PRO A 22 1.96 -6.34 -8.90
C PRO A 22 2.63 -6.08 -10.26
N ASN A 23 2.32 -4.93 -10.88
CA ASN A 23 2.84 -4.47 -12.18
C ASN A 23 2.72 -2.92 -12.32
N GLN A 24 3.43 -2.15 -11.48
CA GLN A 24 3.50 -0.68 -11.58
C GLN A 24 4.83 -0.13 -11.03
N GLY A 25 5.01 -0.19 -9.70
CA GLY A 25 6.16 0.37 -8.98
C GLY A 25 5.99 0.27 -7.46
N VAL A 26 7.04 0.65 -6.73
CA VAL A 26 7.05 0.72 -5.25
C VAL A 26 6.49 2.05 -4.76
N CYS A 27 5.87 2.05 -3.58
CA CYS A 27 5.34 3.24 -2.89
C CYS A 27 5.86 3.28 -1.44
N ARG A 28 5.54 4.36 -0.73
CA ARG A 28 5.97 4.59 0.66
C ARG A 28 4.80 5.02 1.53
N VAL A 29 4.49 4.22 2.55
CA VAL A 29 3.39 4.48 3.49
C VAL A 29 3.56 5.82 4.18
N SER A 30 2.52 6.66 4.11
CA SER A 30 2.46 8.00 4.70
C SER A 30 1.48 8.03 5.88
N ALA A 31 0.25 7.58 5.65
CA ALA A 31 -0.81 7.49 6.66
C ALA A 31 -1.81 6.37 6.33
N ILE A 32 -2.70 6.04 7.26
CA ILE A 32 -3.78 5.07 7.07
C ILE A 32 -5.01 5.55 7.87
N ASP A 33 -6.21 5.43 7.31
CA ASP A 33 -7.48 5.75 7.96
C ASP A 33 -8.64 4.89 7.42
N VAL A 34 -9.78 4.90 8.12
CA VAL A 34 -11.02 4.21 7.70
C VAL A 34 -12.07 5.21 7.22
N LYS A 35 -12.83 4.83 6.18
CA LYS A 35 -13.96 5.61 5.64
C LYS A 35 -14.97 4.73 4.91
N GLU A 36 -16.11 5.31 4.56
CA GLU A 36 -17.19 4.69 3.77
C GLU A 36 -17.18 5.26 2.35
N VAL A 37 -16.91 4.42 1.34
CA VAL A 37 -16.98 4.78 -0.08
C VAL A 37 -17.89 3.82 -0.84
N ALA A 38 -18.72 4.35 -1.75
CA ALA A 38 -19.68 3.58 -2.55
C ALA A 38 -20.55 2.58 -1.72
N GLY A 39 -20.82 2.90 -0.44
CA GLY A 39 -21.53 2.05 0.51
C GLY A 39 -20.70 0.94 1.17
N GLN A 40 -19.37 1.12 1.30
CA GLN A 40 -18.41 0.12 1.81
C GLN A 40 -17.44 0.78 2.80
N LYS A 41 -17.53 0.38 4.09
CA LYS A 41 -16.70 0.90 5.19
C LYS A 41 -15.50 -0.01 5.45
N LEU A 42 -14.28 0.49 5.22
CA LEU A 42 -13.05 -0.28 5.43
C LEU A 42 -11.82 0.65 5.62
N THR A 43 -10.68 0.08 5.98
CA THR A 43 -9.39 0.79 6.09
C THR A 43 -8.74 1.01 4.73
N PHE A 44 -8.57 2.26 4.31
CA PHE A 44 -7.87 2.62 3.07
C PHE A 44 -6.46 3.13 3.41
N VAL A 45 -5.43 2.39 2.97
CA VAL A 45 -4.02 2.80 3.13
C VAL A 45 -3.73 4.04 2.27
N THR A 46 -2.87 4.95 2.74
CA THR A 46 -2.49 6.18 2.04
C THR A 46 -0.97 6.30 1.91
N MET A 47 -0.47 6.16 0.69
CA MET A 47 0.97 6.18 0.39
C MET A 47 1.28 7.27 -0.64
N ARG A 48 2.55 7.68 -0.71
CA ARG A 48 3.05 8.63 -1.72
C ARG A 48 4.35 8.16 -2.33
N ARG A 49 4.45 8.22 -3.66
CA ARG A 49 5.65 7.88 -4.43
C ARG A 49 6.44 9.17 -4.67
N GLU A 50 7.58 9.31 -4.01
CA GLU A 50 8.52 10.43 -4.19
C GLU A 50 9.24 10.42 -5.55
N GLU A 51 9.24 9.25 -6.23
CA GLU A 51 9.83 9.03 -7.55
C GLU A 51 9.31 10.01 -8.62
N ASP A 52 7.99 10.27 -8.60
CA ASP A 52 7.30 11.21 -9.50
C ASP A 52 6.53 12.32 -8.75
N GLY A 53 6.22 12.12 -7.46
CA GLY A 53 5.46 13.04 -6.62
C GLY A 53 3.94 12.86 -6.74
N ALA A 54 3.46 11.62 -6.63
CA ALA A 54 2.04 11.26 -6.70
C ALA A 54 1.58 10.46 -5.47
N VAL A 55 0.27 10.43 -5.22
CA VAL A 55 -0.35 9.66 -4.14
C VAL A 55 -0.93 8.33 -4.66
N VAL A 56 -1.12 7.36 -3.78
CA VAL A 56 -1.74 6.06 -4.07
C VAL A 56 -2.44 5.54 -2.82
N MET A 57 -3.75 5.28 -2.95
CA MET A 57 -4.56 4.71 -1.89
C MET A 57 -5.31 3.48 -2.40
N VAL A 58 -5.38 2.43 -1.57
CA VAL A 58 -6.11 1.20 -1.86
C VAL A 58 -6.79 0.63 -0.61
N PRO A 59 -7.87 -0.14 -0.79
CA PRO A 59 -8.59 -0.78 0.31
C PRO A 59 -7.86 -1.98 0.93
N GLU A 60 -7.53 -1.95 2.22
CA GLU A 60 -6.86 -3.08 2.89
C GLU A 60 -7.67 -4.39 2.92
N GLY A 61 -8.99 -4.31 3.14
CA GLY A 61 -9.90 -5.46 3.17
C GLY A 61 -10.57 -5.79 1.83
N LYS A 62 -10.13 -5.12 0.76
CA LYS A 62 -10.65 -5.26 -0.62
C LYS A 62 -9.53 -5.33 -1.66
N VAL A 63 -8.25 -5.36 -1.24
CA VAL A 63 -7.07 -5.54 -2.12
C VAL A 63 -7.20 -6.71 -3.10
N LEU A 64 -7.95 -7.74 -2.70
CA LEU A 64 -8.25 -8.93 -3.50
C LEU A 64 -8.95 -8.59 -4.83
N ALA A 65 -9.70 -7.48 -4.87
CA ALA A 65 -10.39 -6.95 -6.05
C ALA A 65 -9.42 -6.27 -7.03
N ILE A 66 -8.58 -5.34 -6.54
CA ILE A 66 -7.53 -4.65 -7.34
C ILE A 66 -6.42 -5.63 -7.77
N GLY A 67 -6.17 -6.68 -6.98
CA GLY A 67 -5.12 -7.68 -7.17
C GLY A 67 -3.74 -7.25 -6.62
N VAL A 68 -3.69 -6.14 -5.87
CA VAL A 68 -2.46 -5.53 -5.33
C VAL A 68 -2.13 -6.07 -3.95
N ARG A 69 -0.94 -6.64 -3.74
CA ARG A 69 -0.56 -7.14 -2.42
C ARG A 69 0.43 -6.17 -1.77
N LYS A 70 -0.04 -5.47 -0.73
CA LYS A 70 0.76 -4.54 0.05
C LYS A 70 1.17 -5.21 1.37
N VAL A 71 2.45 -5.58 1.48
CA VAL A 71 3.04 -6.24 2.66
C VAL A 71 4.54 -5.90 2.81
N ALA A 72 5.39 -6.52 1.98
CA ALA A 72 6.85 -6.38 1.94
C ALA A 72 7.46 -7.24 0.80
N SER A 73 7.00 -8.49 0.67
CA SER A 73 7.45 -9.50 -0.31
C SER A 73 6.30 -10.15 -1.12
N ALA A 74 5.05 -9.77 -0.84
CA ALA A 74 3.83 -10.32 -1.45
C ALA A 74 3.63 -9.85 -2.91
N GLU A 75 3.63 -8.51 -3.12
CA GLU A 75 3.46 -7.70 -4.35
C GLU A 75 2.23 -7.99 -5.26
N ALA A 1 20.91 0.73 -10.79
CA ALA A 1 19.55 1.08 -10.32
C ALA A 1 18.66 -0.17 -10.27
N GLY A 2 18.58 -0.85 -9.11
CA GLY A 2 17.86 -2.12 -8.95
C GLY A 2 17.54 -2.48 -7.48
N HIS A 3 17.17 -1.48 -6.67
CA HIS A 3 16.78 -1.67 -5.26
C HIS A 3 15.32 -2.15 -5.13
N MET A 4 15.14 -3.43 -4.80
CA MET A 4 13.84 -4.05 -4.52
C MET A 4 13.19 -3.50 -3.22
N PRO A 5 11.87 -3.66 -3.04
CA PRO A 5 11.12 -3.19 -1.87
C PRO A 5 11.41 -4.01 -0.59
N GLU A 6 12.42 -3.62 0.19
CA GLU A 6 12.77 -4.23 1.48
C GLU A 6 11.80 -3.83 2.62
N GLY A 7 11.77 -2.54 2.99
CA GLY A 7 10.94 -2.00 4.09
C GLY A 7 11.59 -2.17 5.46
N SER A 8 11.01 -3.04 6.31
CA SER A 8 11.47 -3.30 7.68
C SER A 8 11.30 -4.78 8.08
N ALA A 9 11.81 -5.15 9.26
CA ALA A 9 11.78 -6.50 9.83
C ALA A 9 10.43 -6.81 10.53
N SER A 10 9.34 -6.81 9.76
CA SER A 10 7.96 -7.06 10.21
C SER A 10 7.16 -7.88 9.19
N LEU A 11 5.97 -8.37 9.58
CA LEU A 11 5.01 -9.08 8.71
C LEU A 11 3.77 -8.22 8.42
N GLN A 12 3.21 -7.58 9.45
CA GLN A 12 2.07 -6.67 9.34
C GLN A 12 2.46 -5.37 8.60
N LEU A 13 1.44 -4.55 8.26
CA LEU A 13 1.61 -3.28 7.55
C LEU A 13 1.37 -2.08 8.50
N ALA A 14 2.34 -1.16 8.53
CA ALA A 14 2.29 0.09 9.31
C ALA A 14 2.91 1.28 8.54
N VAL A 15 2.87 2.47 9.12
CA VAL A 15 3.49 3.70 8.57
C VAL A 15 5.00 3.51 8.39
N GLY A 16 5.51 3.82 7.18
CA GLY A 16 6.92 3.65 6.81
C GLY A 16 7.28 2.28 6.24
N ASP A 17 6.36 1.31 6.22
CA ASP A 17 6.59 0.00 5.61
C ASP A 17 6.64 0.10 4.06
N ARG A 18 7.13 -0.95 3.39
CA ARG A 18 7.19 -1.04 1.92
C ARG A 18 5.92 -1.63 1.34
N VAL A 19 5.61 -1.18 0.13
CA VAL A 19 4.48 -1.64 -0.70
C VAL A 19 4.89 -1.53 -2.18
N VAL A 20 4.52 -2.53 -2.96
CA VAL A 20 4.73 -2.58 -4.41
C VAL A 20 3.49 -3.11 -5.13
N TYR A 21 3.20 -2.62 -6.33
CA TYR A 21 2.10 -3.11 -7.16
C TYR A 21 2.51 -4.36 -7.99
N PRO A 22 1.55 -5.17 -8.45
CA PRO A 22 1.81 -6.39 -9.21
C PRO A 22 2.38 -6.11 -10.61
N ASN A 23 2.09 -4.94 -11.20
CA ASN A 23 2.61 -4.51 -12.50
C ASN A 23 2.53 -2.96 -12.69
N GLN A 24 3.24 -2.19 -11.85
CA GLN A 24 3.26 -0.71 -11.90
C GLN A 24 4.59 -0.13 -11.37
N GLY A 25 4.83 -0.24 -10.06
CA GLY A 25 5.97 0.35 -9.36
C GLY A 25 5.89 0.20 -7.84
N VAL A 26 6.90 0.72 -7.14
CA VAL A 26 7.01 0.72 -5.66
C VAL A 26 6.49 2.04 -5.07
N CYS A 27 5.96 2.00 -3.85
CA CYS A 27 5.51 3.18 -3.09
C CYS A 27 6.00 3.13 -1.63
N ARG A 28 5.62 4.14 -0.82
CA ARG A 28 5.94 4.25 0.61
C ARG A 28 4.73 4.72 1.42
N VAL A 29 4.34 3.97 2.44
CA VAL A 29 3.17 4.23 3.30
C VAL A 29 3.34 5.55 4.07
N SER A 30 2.35 6.45 3.96
CA SER A 30 2.36 7.78 4.57
C SER A 30 1.35 7.89 5.72
N ALA A 31 0.08 7.55 5.46
CA ALA A 31 -1.01 7.56 6.43
C ALA A 31 -2.09 6.52 6.07
N ILE A 32 -2.94 6.15 7.03
CA ILE A 32 -4.01 5.16 6.85
C ILE A 32 -5.26 5.65 7.62
N ASP A 33 -6.44 5.54 7.02
CA ASP A 33 -7.72 5.90 7.66
C ASP A 33 -8.86 4.96 7.23
N VAL A 34 -10.04 5.07 7.85
CA VAL A 34 -11.26 4.30 7.48
C VAL A 34 -12.40 5.24 7.09
N LYS A 35 -13.13 4.89 6.03
CA LYS A 35 -14.29 5.64 5.51
C LYS A 35 -15.29 4.71 4.84
N GLU A 36 -16.51 5.21 4.62
CA GLU A 36 -17.59 4.53 3.89
C GLU A 36 -17.63 5.02 2.44
N VAL A 37 -17.42 4.12 1.47
CA VAL A 37 -17.54 4.40 0.03
C VAL A 37 -18.54 3.45 -0.60
N ALA A 38 -19.42 3.98 -1.47
CA ALA A 38 -20.50 3.22 -2.13
C ALA A 38 -21.35 2.33 -1.18
N GLY A 39 -21.49 2.73 0.09
CA GLY A 39 -22.19 1.97 1.13
C GLY A 39 -21.37 0.85 1.80
N GLN A 40 -20.03 0.96 1.81
CA GLN A 40 -19.10 -0.07 2.31
C GLN A 40 -17.94 0.57 3.09
N LYS A 41 -17.82 0.26 4.40
CA LYS A 41 -16.79 0.79 5.30
C LYS A 41 -15.61 -0.15 5.41
N LEU A 42 -14.39 0.34 5.14
CA LEU A 42 -13.16 -0.47 5.23
C LEU A 42 -11.91 0.42 5.39
N THR A 43 -10.78 -0.17 5.83
CA THR A 43 -9.49 0.53 5.98
C THR A 43 -8.90 0.91 4.62
N PHE A 44 -8.74 2.21 4.32
CA PHE A 44 -8.10 2.70 3.09
C PHE A 44 -6.70 3.25 3.43
N VAL A 45 -5.68 2.56 2.91
CA VAL A 45 -4.28 2.96 3.08
C VAL A 45 -3.90 4.05 2.08
N THR A 46 -3.06 5.01 2.47
CA THR A 46 -2.59 6.10 1.61
C THR A 46 -1.06 6.17 1.60
N MET A 47 -0.48 5.95 0.42
CA MET A 47 0.97 5.90 0.21
C MET A 47 1.41 7.00 -0.77
N ARG A 48 2.67 7.41 -0.70
CA ARG A 48 3.26 8.47 -1.53
C ARG A 48 4.59 7.99 -2.12
N ARG A 49 4.82 8.27 -3.41
CA ARG A 49 6.06 7.93 -4.10
C ARG A 49 6.92 9.19 -4.12
N GLU A 50 8.00 9.21 -3.34
CA GLU A 50 8.97 10.32 -3.32
C GLU A 50 9.81 10.40 -4.62
N GLU A 51 9.79 9.32 -5.42
CA GLU A 51 10.45 9.19 -6.73
C GLU A 51 9.99 10.25 -7.74
N ASP A 52 8.68 10.55 -7.78
CA ASP A 52 8.07 11.53 -8.70
C ASP A 52 7.16 12.56 -7.99
N GLY A 53 6.77 12.30 -6.73
CA GLY A 53 5.87 13.13 -5.91
C GLY A 53 4.39 12.75 -5.99
N ALA A 54 4.04 11.66 -6.68
CA ALA A 54 2.66 11.15 -6.79
C ALA A 54 2.18 10.46 -5.48
N VAL A 55 0.86 10.27 -5.36
CA VAL A 55 0.20 9.54 -4.26
C VAL A 55 -0.71 8.45 -4.80
N VAL A 56 -0.98 7.43 -3.99
CA VAL A 56 -1.89 6.30 -4.27
C VAL A 56 -2.69 5.95 -3.01
N MET A 57 -3.89 5.43 -3.18
CA MET A 57 -4.77 5.00 -2.08
C MET A 57 -5.57 3.77 -2.49
N VAL A 58 -5.44 2.67 -1.75
CA VAL A 58 -6.15 1.40 -2.01
C VAL A 58 -6.82 0.85 -0.75
N PRO A 59 -7.88 0.03 -0.92
CA PRO A 59 -8.58 -0.62 0.18
C PRO A 59 -7.83 -1.83 0.78
N GLU A 60 -7.41 -1.77 2.05
CA GLU A 60 -6.71 -2.88 2.71
C GLU A 60 -7.56 -4.15 2.89
N GLY A 61 -8.87 -4.00 3.11
CA GLY A 61 -9.83 -5.12 3.21
C GLY A 61 -10.51 -5.52 1.90
N LYS A 62 -10.10 -4.90 0.79
CA LYS A 62 -10.67 -5.12 -0.56
C LYS A 62 -9.59 -5.25 -1.64
N VAL A 63 -8.30 -5.24 -1.29
CA VAL A 63 -7.15 -5.45 -2.19
C VAL A 63 -7.29 -6.69 -3.08
N LEU A 64 -8.00 -7.71 -2.57
CA LEU A 64 -8.30 -8.97 -3.25
C LEU A 64 -9.05 -8.74 -4.59
N ALA A 65 -9.83 -7.66 -4.69
CA ALA A 65 -10.55 -7.22 -5.89
C ALA A 65 -9.62 -6.57 -6.94
N ILE A 66 -8.78 -5.61 -6.53
CA ILE A 66 -7.81 -4.92 -7.42
C ILE A 66 -6.69 -5.88 -7.86
N GLY A 67 -6.31 -6.84 -7.00
CA GLY A 67 -5.23 -7.80 -7.20
C GLY A 67 -3.86 -7.34 -6.66
N VAL A 68 -3.80 -6.18 -6.01
CA VAL A 68 -2.56 -5.55 -5.50
C VAL A 68 -2.25 -6.06 -4.10
N ARG A 69 -1.07 -6.64 -3.86
CA ARG A 69 -0.65 -7.09 -2.53
C ARG A 69 0.36 -6.10 -1.96
N LYS A 70 -0.04 -5.32 -0.96
CA LYS A 70 0.84 -4.36 -0.29
C LYS A 70 1.21 -4.89 1.10
N VAL A 71 2.45 -5.34 1.25
CA VAL A 71 2.98 -5.99 2.45
C VAL A 71 4.51 -5.87 2.49
N ALA A 72 5.13 -6.21 3.63
CA ALA A 72 6.59 -6.20 3.82
C ALA A 72 7.39 -7.07 2.81
N SER A 73 6.74 -8.04 2.15
CA SER A 73 7.32 -8.88 1.09
C SER A 73 6.38 -9.09 -0.11
N ALA A 74 5.12 -9.45 0.13
CA ALA A 74 4.11 -9.70 -0.91
C ALA A 74 3.85 -8.47 -1.82
N GLU A 75 3.53 -8.75 -3.10
CA GLU A 75 3.38 -7.84 -4.25
C GLU A 75 2.14 -8.17 -5.11
N ALA A 1 22.55 2.20 -4.66
CA ALA A 1 21.50 3.24 -4.82
C ALA A 1 20.28 2.66 -5.55
N GLY A 2 19.44 1.88 -4.86
CA GLY A 2 18.23 1.24 -5.42
C GLY A 2 18.01 -0.20 -4.94
N HIS A 3 17.83 -0.38 -3.63
CA HIS A 3 17.51 -1.70 -3.03
C HIS A 3 16.05 -2.10 -3.30
N MET A 4 15.75 -3.40 -3.24
CA MET A 4 14.38 -3.91 -3.36
C MET A 4 13.53 -3.58 -2.11
N PRO A 5 12.18 -3.62 -2.21
CA PRO A 5 11.30 -3.43 -1.06
C PRO A 5 11.51 -4.60 -0.05
N GLU A 6 11.26 -4.36 1.23
CA GLU A 6 11.37 -5.37 2.30
C GLU A 6 10.21 -5.31 3.32
N GLY A 7 10.00 -4.14 3.93
CA GLY A 7 8.97 -3.91 4.95
C GLY A 7 9.37 -4.38 6.36
N SER A 8 8.63 -3.93 7.38
CA SER A 8 8.83 -4.28 8.79
C SER A 8 7.55 -4.10 9.62
N ALA A 9 6.82 -5.19 9.83
CA ALA A 9 5.63 -5.29 10.67
C ALA A 9 5.40 -6.73 11.15
N SER A 10 4.42 -6.94 12.05
CA SER A 10 4.01 -8.26 12.55
C SER A 10 3.39 -9.14 11.45
N LEU A 11 2.15 -8.83 11.06
CA LEU A 11 1.37 -9.55 10.03
C LEU A 11 0.94 -8.58 8.92
N GLN A 12 -0.13 -7.79 9.15
CA GLN A 12 -0.65 -6.74 8.26
C GLN A 12 0.34 -5.57 8.07
N LEU A 13 0.11 -4.74 7.04
CA LEU A 13 0.88 -3.53 6.76
C LEU A 13 0.70 -2.47 7.88
N ALA A 14 1.71 -1.64 8.11
CA ALA A 14 1.73 -0.55 9.09
C ALA A 14 2.51 0.69 8.59
N VAL A 15 2.55 1.76 9.37
CA VAL A 15 3.28 3.00 9.05
C VAL A 15 4.78 2.73 8.88
N GLY A 16 5.37 3.22 7.78
CA GLY A 16 6.79 3.04 7.44
C GLY A 16 7.12 1.74 6.69
N ASP A 17 6.13 0.87 6.46
CA ASP A 17 6.25 -0.37 5.71
C ASP A 17 6.42 -0.12 4.18
N ARG A 18 6.54 -1.19 3.37
CA ARG A 18 6.75 -1.13 1.91
C ARG A 18 5.55 -1.65 1.12
N VAL A 19 5.42 -1.16 -0.12
CA VAL A 19 4.34 -1.48 -1.07
C VAL A 19 4.83 -1.31 -2.51
N VAL A 20 4.67 -2.34 -3.34
CA VAL A 20 4.97 -2.37 -4.78
C VAL A 20 3.84 -3.05 -5.55
N TYR A 21 3.21 -2.32 -6.47
CA TYR A 21 2.18 -2.89 -7.34
C TYR A 21 2.71 -4.08 -8.16
N PRO A 22 1.82 -4.99 -8.62
CA PRO A 22 2.22 -6.20 -9.33
C PRO A 22 2.82 -5.88 -10.72
N ASN A 23 2.49 -4.72 -11.31
CA ASN A 23 3.05 -4.24 -12.58
C ASN A 23 2.90 -2.69 -12.73
N GLN A 24 3.53 -1.90 -11.84
CA GLN A 24 3.48 -0.42 -11.88
C GLN A 24 4.76 0.21 -11.30
N GLY A 25 5.01 0.06 -10.00
CA GLY A 25 6.16 0.63 -9.27
C GLY A 25 6.01 0.58 -7.75
N VAL A 26 7.05 1.00 -7.03
CA VAL A 26 7.16 1.00 -5.55
C VAL A 26 6.72 2.35 -4.97
N CYS A 27 6.09 2.32 -3.80
CA CYS A 27 5.67 3.49 -3.00
C CYS A 27 6.13 3.35 -1.53
N ARG A 28 5.84 4.38 -0.71
CA ARG A 28 6.20 4.47 0.72
C ARG A 28 4.97 4.85 1.55
N VAL A 29 4.72 4.11 2.62
CA VAL A 29 3.61 4.34 3.57
C VAL A 29 3.82 5.63 4.35
N SER A 30 2.84 6.54 4.32
CA SER A 30 2.87 7.81 5.05
C SER A 30 1.89 7.85 6.25
N ALA A 31 0.68 7.31 6.06
CA ALA A 31 -0.37 7.16 7.07
C ALA A 31 -1.40 6.10 6.63
N ILE A 32 -2.35 5.75 7.50
CA ILE A 32 -3.47 4.83 7.21
C ILE A 32 -4.69 5.28 8.02
N ASP A 33 -5.89 5.23 7.43
CA ASP A 33 -7.17 5.52 8.09
C ASP A 33 -8.31 4.66 7.53
N VAL A 34 -9.49 4.73 8.17
CA VAL A 34 -10.72 4.03 7.72
C VAL A 34 -11.79 5.04 7.33
N LYS A 35 -12.57 4.74 6.28
CA LYS A 35 -13.70 5.57 5.82
C LYS A 35 -14.71 4.77 5.00
N GLU A 36 -15.84 5.39 4.68
CA GLU A 36 -16.91 4.86 3.82
C GLU A 36 -16.82 5.48 2.41
N VAL A 37 -16.53 4.65 1.40
CA VAL A 37 -16.51 5.05 -0.03
C VAL A 37 -17.49 4.18 -0.81
N ALA A 38 -18.26 4.76 -1.75
CA ALA A 38 -19.24 4.05 -2.57
C ALA A 38 -20.18 3.06 -1.81
N GLY A 39 -20.48 3.34 -0.53
CA GLY A 39 -21.27 2.47 0.36
C GLY A 39 -20.50 1.30 1.02
N GLN A 40 -19.18 1.41 1.19
CA GLN A 40 -18.27 0.37 1.71
C GLN A 40 -17.29 0.97 2.73
N LYS A 41 -17.40 0.56 4.01
CA LYS A 41 -16.54 1.03 5.12
C LYS A 41 -15.38 0.06 5.36
N LEU A 42 -14.14 0.49 5.11
CA LEU A 42 -12.94 -0.33 5.31
C LEU A 42 -11.67 0.53 5.52
N THR A 43 -10.55 -0.10 5.84
CA THR A 43 -9.24 0.56 5.97
C THR A 43 -8.61 0.87 4.61
N PHE A 44 -8.41 2.15 4.31
CA PHE A 44 -7.74 2.64 3.10
C PHE A 44 -6.35 3.16 3.48
N VAL A 45 -5.30 2.52 2.98
CA VAL A 45 -3.91 2.96 3.19
C VAL A 45 -3.66 4.32 2.54
N THR A 46 -2.71 5.11 3.06
CA THR A 46 -2.31 6.39 2.46
C THR A 46 -0.80 6.44 2.21
N MET A 47 -0.42 6.41 0.93
CA MET A 47 0.97 6.43 0.48
C MET A 47 1.16 7.52 -0.58
N ARG A 48 2.40 7.99 -0.73
CA ARG A 48 2.80 8.98 -1.74
C ARG A 48 4.06 8.51 -2.47
N ARG A 49 3.99 8.46 -3.80
CA ARG A 49 5.11 8.10 -4.68
C ARG A 49 5.94 9.36 -4.96
N GLU A 50 7.15 9.44 -4.39
CA GLU A 50 8.07 10.57 -4.64
C GLU A 50 8.65 10.61 -6.07
N GLU A 51 8.54 9.50 -6.81
CA GLU A 51 9.07 9.30 -8.17
C GLU A 51 8.45 10.27 -9.20
N ASP A 52 7.16 10.59 -9.03
CA ASP A 52 6.38 11.56 -9.83
C ASP A 52 5.63 12.61 -8.98
N GLY A 53 5.44 12.36 -7.67
CA GLY A 53 4.71 13.22 -6.73
C GLY A 53 3.23 12.85 -6.54
N ALA A 54 2.73 11.77 -7.15
CA ALA A 54 1.34 11.32 -7.02
C ALA A 54 1.06 10.60 -5.68
N VAL A 55 -0.22 10.36 -5.39
CA VAL A 55 -0.71 9.62 -4.21
C VAL A 55 -1.34 8.28 -4.62
N VAL A 56 -1.39 7.33 -3.68
CA VAL A 56 -1.95 5.99 -3.89
C VAL A 56 -2.59 5.49 -2.60
N MET A 57 -3.90 5.23 -2.67
CA MET A 57 -4.71 4.78 -1.54
C MET A 57 -5.59 3.61 -1.98
N VAL A 58 -5.14 2.38 -1.69
CA VAL A 58 -5.89 1.16 -1.97
C VAL A 58 -6.60 0.62 -0.71
N PRO A 59 -7.66 -0.18 -0.88
CA PRO A 59 -8.37 -0.83 0.22
C PRO A 59 -7.66 -2.05 0.81
N GLU A 60 -7.27 -2.04 2.09
CA GLU A 60 -6.58 -3.19 2.72
C GLU A 60 -7.41 -4.49 2.74
N GLY A 61 -8.72 -4.42 2.98
CA GLY A 61 -9.66 -5.56 3.00
C GLY A 61 -10.33 -5.86 1.67
N LYS A 62 -9.94 -5.16 0.60
CA LYS A 62 -10.49 -5.29 -0.76
C LYS A 62 -9.40 -5.37 -1.84
N VAL A 63 -8.11 -5.39 -1.47
CA VAL A 63 -6.96 -5.56 -2.37
C VAL A 63 -7.11 -6.75 -3.34
N LEU A 64 -7.85 -7.78 -2.93
CA LEU A 64 -8.17 -8.97 -3.72
C LEU A 64 -8.84 -8.63 -5.06
N ALA A 65 -9.59 -7.51 -5.12
CA ALA A 65 -10.23 -6.98 -6.32
C ALA A 65 -9.25 -6.30 -7.29
N ILE A 66 -8.39 -5.41 -6.78
CA ILE A 66 -7.34 -4.71 -7.56
C ILE A 66 -6.26 -5.71 -8.04
N GLY A 67 -5.98 -6.76 -7.26
CA GLY A 67 -4.96 -7.77 -7.52
C GLY A 67 -3.57 -7.40 -6.98
N VAL A 68 -3.44 -6.26 -6.28
CA VAL A 68 -2.21 -5.81 -5.63
C VAL A 68 -2.04 -6.50 -4.28
N ARG A 69 -0.80 -6.75 -3.89
CA ARG A 69 -0.41 -7.32 -2.59
C ARG A 69 0.39 -6.22 -1.91
N LYS A 70 -0.01 -5.81 -0.71
CA LYS A 70 0.69 -4.81 0.11
C LYS A 70 0.66 -5.27 1.57
N VAL A 71 1.79 -5.73 2.11
CA VAL A 71 1.90 -6.31 3.46
C VAL A 71 3.36 -6.27 3.94
N ALA A 72 3.61 -6.65 5.20
CA ALA A 72 4.93 -6.67 5.86
C ALA A 72 5.98 -7.59 5.20
N SER A 73 5.55 -8.50 4.32
CA SER A 73 6.38 -9.41 3.52
C SER A 73 5.87 -9.49 2.07
N ALA A 74 4.55 -9.67 1.88
CA ALA A 74 3.87 -9.67 0.58
C ALA A 74 3.68 -8.22 0.09
N GLU A 75 4.80 -7.51 -0.14
CA GLU A 75 4.84 -6.15 -0.68
C GLU A 75 4.36 -6.02 -2.13
N ALA A 1 19.30 6.17 -8.38
CA ALA A 1 19.29 4.86 -7.69
C ALA A 1 17.87 4.31 -7.56
N GLY A 2 17.72 2.99 -7.39
CA GLY A 2 16.42 2.32 -7.24
C GLY A 2 16.54 0.82 -6.97
N HIS A 3 16.64 0.42 -5.70
CA HIS A 3 16.67 -0.99 -5.27
C HIS A 3 15.24 -1.56 -5.15
N MET A 4 15.14 -2.90 -5.12
CA MET A 4 13.88 -3.64 -4.92
C MET A 4 13.22 -3.33 -3.56
N PRO A 5 11.90 -3.53 -3.41
CA PRO A 5 11.16 -3.29 -2.17
C PRO A 5 11.47 -4.35 -1.10
N GLU A 6 12.52 -4.11 -0.30
CA GLU A 6 12.99 -4.94 0.80
C GLU A 6 12.99 -4.16 2.14
N GLY A 7 12.72 -4.84 3.26
CA GLY A 7 12.65 -4.22 4.59
C GLY A 7 12.29 -5.22 5.71
N SER A 8 13.29 -5.88 6.29
CA SER A 8 13.13 -6.84 7.39
C SER A 8 13.03 -6.15 8.77
N ALA A 9 11.82 -5.72 9.12
CA ALA A 9 11.49 -5.04 10.39
C ALA A 9 10.14 -5.46 10.99
N SER A 10 9.08 -5.48 10.17
CA SER A 10 7.72 -5.93 10.53
C SER A 10 6.99 -6.54 9.33
N LEU A 11 6.00 -7.40 9.61
CA LEU A 11 5.12 -8.03 8.60
C LEU A 11 3.80 -7.25 8.40
N GLN A 12 3.27 -6.63 9.47
CA GLN A 12 2.08 -5.77 9.42
C GLN A 12 2.31 -4.48 8.62
N LEU A 13 1.22 -3.91 8.11
CA LEU A 13 1.20 -2.67 7.31
C LEU A 13 0.92 -1.45 8.20
N ALA A 14 1.93 -0.58 8.30
CA ALA A 14 1.90 0.66 9.07
C ALA A 14 2.65 1.79 8.33
N VAL A 15 2.62 3.00 8.87
CA VAL A 15 3.34 4.17 8.32
C VAL A 15 4.84 3.88 8.23
N GLY A 16 5.43 4.14 7.06
CA GLY A 16 6.83 3.86 6.73
C GLY A 16 7.11 2.45 6.21
N ASP A 17 6.13 1.54 6.18
CA ASP A 17 6.31 0.19 5.61
C ASP A 17 6.46 0.23 4.07
N ARG A 18 6.97 -0.86 3.49
CA ARG A 18 7.28 -0.98 2.06
C ARG A 18 6.20 -1.74 1.32
N VAL A 19 5.72 -1.20 0.20
CA VAL A 19 4.65 -1.80 -0.61
C VAL A 19 4.92 -1.57 -2.09
N VAL A 20 4.59 -2.55 -2.92
CA VAL A 20 4.75 -2.50 -4.38
C VAL A 20 3.51 -3.07 -5.09
N TYR A 21 3.18 -2.56 -6.26
CA TYR A 21 2.08 -3.09 -7.09
C TYR A 21 2.50 -4.36 -7.86
N PRO A 22 1.56 -5.19 -8.33
CA PRO A 22 1.86 -6.45 -9.03
C PRO A 22 2.44 -6.23 -10.44
N ASN A 23 2.20 -5.06 -11.04
CA ASN A 23 2.76 -4.61 -12.32
C ASN A 23 2.62 -3.08 -12.51
N GLN A 24 3.36 -2.28 -11.72
CA GLN A 24 3.37 -0.80 -11.81
C GLN A 24 4.66 -0.18 -11.23
N GLY A 25 4.83 -0.20 -9.91
CA GLY A 25 5.96 0.41 -9.21
C GLY A 25 5.87 0.32 -7.68
N VAL A 26 6.95 0.73 -7.01
CA VAL A 26 7.07 0.74 -5.53
C VAL A 26 6.50 2.03 -4.94
N CYS A 27 5.95 1.94 -3.72
CA CYS A 27 5.36 3.05 -2.96
C CYS A 27 5.78 2.99 -1.48
N ARG A 28 5.44 4.03 -0.70
CA ARG A 28 5.84 4.18 0.71
C ARG A 28 4.67 4.70 1.55
N VAL A 29 4.24 3.93 2.56
CA VAL A 29 3.05 4.23 3.37
C VAL A 29 3.21 5.54 4.15
N SER A 30 2.29 6.49 3.99
CA SER A 30 2.34 7.82 4.63
C SER A 30 1.31 7.99 5.77
N ALA A 31 0.08 7.50 5.58
CA ALA A 31 -0.99 7.50 6.58
C ALA A 31 -2.06 6.44 6.25
N ILE A 32 -2.90 6.07 7.21
CA ILE A 32 -3.98 5.07 7.02
C ILE A 32 -5.22 5.52 7.81
N ASP A 33 -6.41 5.44 7.20
CA ASP A 33 -7.68 5.79 7.83
C ASP A 33 -8.83 4.85 7.39
N VAL A 34 -10.04 5.02 7.92
CA VAL A 34 -11.24 4.24 7.55
C VAL A 34 -12.40 5.18 7.18
N LYS A 35 -13.12 4.85 6.10
CA LYS A 35 -14.26 5.61 5.60
C LYS A 35 -15.27 4.71 4.90
N GLU A 36 -16.48 5.23 4.66
CA GLU A 36 -17.55 4.58 3.91
C GLU A 36 -17.56 5.09 2.47
N VAL A 37 -17.36 4.21 1.49
CA VAL A 37 -17.43 4.52 0.05
C VAL A 37 -18.44 3.58 -0.62
N ALA A 38 -19.31 4.13 -1.48
CA ALA A 38 -20.38 3.38 -2.17
C ALA A 38 -21.25 2.48 -1.25
N GLY A 39 -21.40 2.83 0.03
CA GLY A 39 -22.12 2.04 1.04
C GLY A 39 -21.30 0.89 1.68
N GLN A 40 -19.97 0.99 1.71
CA GLN A 40 -19.04 -0.01 2.25
C GLN A 40 -17.93 0.66 3.08
N LYS A 41 -17.83 0.32 4.37
CA LYS A 41 -16.80 0.84 5.29
C LYS A 41 -15.62 -0.13 5.41
N LEU A 42 -14.40 0.34 5.14
CA LEU A 42 -13.18 -0.48 5.24
C LEU A 42 -11.92 0.39 5.42
N THR A 43 -10.81 -0.21 5.86
CA THR A 43 -9.52 0.48 6.03
C THR A 43 -8.92 0.88 4.67
N PHE A 44 -8.74 2.17 4.39
CA PHE A 44 -8.10 2.67 3.17
C PHE A 44 -6.70 3.19 3.52
N VAL A 45 -5.68 2.49 3.01
CA VAL A 45 -4.28 2.88 3.16
C VAL A 45 -3.93 4.02 2.20
N THR A 46 -3.10 4.98 2.63
CA THR A 46 -2.62 6.09 1.80
C THR A 46 -1.09 6.04 1.75
N MET A 47 -0.55 5.91 0.54
CA MET A 47 0.88 5.86 0.28
C MET A 47 1.28 6.96 -0.70
N ARG A 48 2.55 7.35 -0.69
CA ARG A 48 3.11 8.40 -1.55
C ARG A 48 4.45 7.96 -2.11
N ARG A 49 4.66 8.13 -3.42
CA ARG A 49 5.93 7.78 -4.07
C ARG A 49 6.81 9.03 -4.12
N GLU A 50 7.87 9.07 -3.32
CA GLU A 50 8.86 10.16 -3.33
C GLU A 50 9.75 10.19 -4.59
N GLU A 51 9.74 9.11 -5.38
CA GLU A 51 10.49 8.98 -6.64
C GLU A 51 10.08 10.03 -7.70
N ASP A 52 8.78 10.38 -7.75
CA ASP A 52 8.20 11.37 -8.66
C ASP A 52 7.35 12.44 -7.94
N GLY A 53 6.83 12.14 -6.74
CA GLY A 53 5.95 13.00 -5.94
C GLY A 53 4.46 12.71 -6.11
N ALA A 54 4.08 11.48 -6.47
CA ALA A 54 2.70 11.03 -6.68
C ALA A 54 2.08 10.40 -5.42
N VAL A 55 0.76 10.16 -5.43
CA VAL A 55 0.00 9.51 -4.34
C VAL A 55 -0.78 8.30 -4.85
N VAL A 56 -1.06 7.35 -3.95
CA VAL A 56 -1.80 6.10 -4.22
C VAL A 56 -2.53 5.65 -2.96
N MET A 57 -3.85 5.48 -3.06
CA MET A 57 -4.72 5.05 -1.96
C MET A 57 -5.53 3.82 -2.37
N VAL A 58 -5.39 2.71 -1.64
CA VAL A 58 -6.09 1.44 -1.93
C VAL A 58 -6.81 0.88 -0.69
N PRO A 59 -7.84 0.05 -0.87
CA PRO A 59 -8.55 -0.60 0.22
C PRO A 59 -7.82 -1.83 0.82
N GLU A 60 -7.40 -1.77 2.09
CA GLU A 60 -6.69 -2.89 2.76
C GLU A 60 -7.56 -4.17 2.92
N GLY A 61 -8.87 -4.01 3.12
CA GLY A 61 -9.83 -5.12 3.21
C GLY A 61 -10.50 -5.50 1.89
N LYS A 62 -10.10 -4.88 0.78
CA LYS A 62 -10.66 -5.08 -0.57
C LYS A 62 -9.58 -5.20 -1.66
N VAL A 63 -8.30 -5.19 -1.30
CA VAL A 63 -7.15 -5.40 -2.20
C VAL A 63 -7.29 -6.64 -3.08
N LEU A 64 -7.98 -7.66 -2.58
CA LEU A 64 -8.29 -8.92 -3.25
C LEU A 64 -9.05 -8.70 -4.59
N ALA A 65 -9.82 -7.62 -4.69
CA ALA A 65 -10.57 -7.20 -5.87
C ALA A 65 -9.68 -6.55 -6.94
N ILE A 66 -8.83 -5.58 -6.54
CA ILE A 66 -7.85 -4.92 -7.44
C ILE A 66 -6.73 -5.89 -7.87
N GLY A 67 -6.40 -6.86 -7.01
CA GLY A 67 -5.32 -7.84 -7.20
C GLY A 67 -3.95 -7.38 -6.68
N VAL A 68 -3.87 -6.19 -6.08
CA VAL A 68 -2.63 -5.58 -5.55
C VAL A 68 -2.27 -6.17 -4.19
N ARG A 69 -1.06 -6.74 -4.02
CA ARG A 69 -0.60 -7.23 -2.73
C ARG A 69 0.39 -6.22 -2.14
N LYS A 70 -0.01 -5.52 -1.08
CA LYS A 70 0.86 -4.57 -0.38
C LYS A 70 1.36 -5.19 0.93
N VAL A 71 2.65 -5.57 0.96
CA VAL A 71 3.31 -6.26 2.09
C VAL A 71 4.82 -6.04 2.02
N ALA A 72 5.53 -6.37 3.12
CA ALA A 72 6.99 -6.33 3.27
C ALA A 72 7.80 -7.11 2.19
N SER A 73 7.15 -7.99 1.42
CA SER A 73 7.73 -8.74 0.29
C SER A 73 6.76 -8.91 -0.89
N ALA A 74 5.56 -9.43 -0.64
CA ALA A 74 4.50 -9.65 -1.63
C ALA A 74 4.13 -8.38 -2.42
N GLU A 75 3.77 -8.56 -3.71
CA GLU A 75 3.42 -7.54 -4.72
C GLU A 75 2.12 -7.87 -5.48
N ALA A 1 20.12 7.40 -5.89
CA ALA A 1 19.34 6.53 -4.99
C ALA A 1 18.75 5.34 -5.75
N GLY A 2 18.76 4.13 -5.16
CA GLY A 2 18.30 2.91 -5.82
C GLY A 2 18.06 1.74 -4.86
N HIS A 3 17.37 2.00 -3.74
CA HIS A 3 16.97 0.97 -2.78
C HIS A 3 15.79 0.13 -3.28
N MET A 4 15.65 -1.08 -2.73
CA MET A 4 14.54 -2.01 -3.00
C MET A 4 13.66 -2.19 -1.75
N PRO A 5 12.43 -2.70 -1.92
CA PRO A 5 11.53 -3.02 -0.80
C PRO A 5 12.06 -4.23 -0.01
N GLU A 6 11.80 -4.28 1.31
CA GLU A 6 12.14 -5.38 2.22
C GLU A 6 11.72 -5.09 3.68
N GLY A 7 12.18 -3.96 4.24
CA GLY A 7 12.01 -3.60 5.66
C GLY A 7 13.18 -4.07 6.52
N SER A 8 12.90 -4.82 7.59
CA SER A 8 13.90 -5.36 8.53
C SER A 8 13.42 -6.63 9.27
N ALA A 9 12.19 -6.62 9.78
CA ALA A 9 11.56 -7.71 10.53
C ALA A 9 10.26 -8.21 9.88
N SER A 10 9.79 -9.40 10.28
CA SER A 10 8.58 -10.07 9.75
C SER A 10 7.36 -9.79 10.64
N LEU A 11 6.63 -8.71 10.34
CA LEU A 11 5.41 -8.25 11.04
C LEU A 11 4.36 -7.71 10.04
N GLN A 12 3.20 -7.27 10.55
CA GLN A 12 2.14 -6.63 9.78
C GLN A 12 2.63 -5.31 9.14
N LEU A 13 1.92 -4.83 8.12
CA LEU A 13 2.23 -3.59 7.41
C LEU A 13 2.02 -2.37 8.33
N ALA A 14 3.04 -1.49 8.39
CA ALA A 14 3.05 -0.26 9.18
C ALA A 14 3.56 0.95 8.38
N VAL A 15 3.35 2.17 8.91
CA VAL A 15 3.85 3.42 8.34
C VAL A 15 5.38 3.39 8.17
N GLY A 16 5.87 3.86 7.02
CA GLY A 16 7.29 3.85 6.63
C GLY A 16 7.77 2.56 5.94
N ASP A 17 6.99 1.47 5.98
CA ASP A 17 7.30 0.23 5.26
C ASP A 17 7.09 0.39 3.73
N ARG A 18 7.54 -0.61 2.95
CA ARG A 18 7.60 -0.60 1.49
C ARG A 18 6.55 -1.54 0.89
N VAL A 19 5.96 -1.12 -0.23
CA VAL A 19 4.81 -1.78 -0.86
C VAL A 19 4.88 -1.73 -2.38
N VAL A 20 4.74 -2.88 -3.07
CA VAL A 20 4.71 -2.99 -4.54
C VAL A 20 3.27 -3.00 -5.05
N TYR A 21 3.12 -2.78 -6.35
CA TYR A 21 1.84 -2.79 -7.05
C TYR A 21 1.89 -3.52 -8.40
N PRO A 22 0.73 -4.01 -8.89
CA PRO A 22 0.65 -4.76 -10.14
C PRO A 22 0.94 -3.88 -11.38
N ASN A 23 0.65 -2.59 -11.30
CA ASN A 23 0.88 -1.60 -12.36
C ASN A 23 1.10 -0.18 -11.80
N GLN A 24 2.06 -0.03 -10.86
CA GLN A 24 2.48 1.26 -10.29
C GLN A 24 3.99 1.27 -10.01
N GLY A 25 4.46 0.36 -9.14
CA GLY A 25 5.84 0.28 -8.63
C GLY A 25 5.88 0.31 -7.09
N VAL A 26 7.07 0.47 -6.52
CA VAL A 26 7.31 0.56 -5.06
C VAL A 26 6.83 1.92 -4.53
N CYS A 27 6.15 1.91 -3.38
CA CYS A 27 5.68 3.10 -2.63
C CYS A 27 6.10 3.04 -1.16
N ARG A 28 5.82 4.12 -0.40
CA ARG A 28 6.14 4.31 1.02
C ARG A 28 4.90 4.78 1.80
N VAL A 29 4.45 4.00 2.78
CA VAL A 29 3.26 4.30 3.59
C VAL A 29 3.48 5.57 4.43
N SER A 30 2.55 6.54 4.34
CA SER A 30 2.64 7.83 5.03
C SER A 30 1.58 8.01 6.13
N ALA A 31 0.34 7.56 5.87
CA ALA A 31 -0.78 7.52 6.80
C ALA A 31 -1.79 6.43 6.39
N ILE A 32 -2.73 6.08 7.27
CA ILE A 32 -3.80 5.11 7.01
C ILE A 32 -5.07 5.57 7.78
N ASP A 33 -6.24 5.50 7.15
CA ASP A 33 -7.54 5.85 7.78
C ASP A 33 -8.69 4.96 7.27
N VAL A 34 -9.88 5.05 7.88
CA VAL A 34 -11.09 4.32 7.42
C VAL A 34 -12.16 5.28 6.91
N LYS A 35 -12.92 4.87 5.88
CA LYS A 35 -14.03 5.64 5.29
C LYS A 35 -15.03 4.73 4.57
N GLU A 36 -16.16 5.30 4.16
CA GLU A 36 -17.21 4.66 3.36
C GLU A 36 -17.18 5.22 1.92
N VAL A 37 -16.93 4.35 0.93
CA VAL A 37 -16.97 4.68 -0.51
C VAL A 37 -17.85 3.67 -1.22
N ALA A 38 -18.69 4.12 -2.16
CA ALA A 38 -19.62 3.29 -2.93
C ALA A 38 -20.48 2.30 -2.07
N GLY A 39 -20.76 2.66 -0.81
CA GLY A 39 -21.48 1.83 0.16
C GLY A 39 -20.65 0.75 0.87
N GLN A 40 -19.33 0.93 0.98
CA GLN A 40 -18.36 -0.03 1.54
C GLN A 40 -17.42 0.67 2.52
N LYS A 41 -17.52 0.30 3.81
CA LYS A 41 -16.71 0.84 4.91
C LYS A 41 -15.52 -0.05 5.21
N LEU A 42 -14.30 0.45 4.99
CA LEU A 42 -13.06 -0.30 5.22
C LEU A 42 -11.84 0.62 5.41
N THR A 43 -10.68 0.06 5.76
CA THR A 43 -9.41 0.77 5.88
C THR A 43 -8.75 1.02 4.52
N PHE A 44 -8.60 2.29 4.14
CA PHE A 44 -7.91 2.70 2.92
C PHE A 44 -6.53 3.28 3.28
N VAL A 45 -5.46 2.62 2.84
CA VAL A 45 -4.07 3.08 3.04
C VAL A 45 -3.80 4.37 2.27
N THR A 46 -2.94 5.25 2.79
CA THR A 46 -2.55 6.50 2.13
C THR A 46 -1.03 6.55 1.98
N MET A 47 -0.56 6.43 0.73
CA MET A 47 0.86 6.49 0.39
C MET A 47 1.12 7.52 -0.69
N ARG A 48 2.39 7.91 -0.83
CA ARG A 48 2.86 8.90 -1.81
C ARG A 48 4.26 8.52 -2.30
N ARG A 49 4.37 8.24 -3.59
CA ARG A 49 5.63 7.86 -4.26
C ARG A 49 6.63 9.00 -4.19
N GLU A 50 7.74 8.77 -3.48
CA GLU A 50 8.82 9.76 -3.32
C GLU A 50 9.46 10.18 -4.66
N GLU A 51 9.58 9.23 -5.60
CA GLU A 51 10.17 9.47 -6.93
C GLU A 51 9.12 9.87 -7.98
N ASP A 52 7.99 9.15 -8.06
CA ASP A 52 6.92 9.43 -9.04
C ASP A 52 6.10 10.69 -8.70
N GLY A 53 6.15 11.15 -7.45
CA GLY A 53 5.42 12.31 -6.91
C GLY A 53 3.90 12.14 -6.82
N ALA A 54 3.38 10.92 -7.05
CA ALA A 54 1.96 10.61 -7.15
C ALA A 54 1.44 9.91 -5.88
N VAL A 55 0.23 10.30 -5.43
CA VAL A 55 -0.45 9.66 -4.30
C VAL A 55 -1.13 8.38 -4.77
N VAL A 56 -1.30 7.42 -3.85
CA VAL A 56 -1.97 6.15 -4.09
C VAL A 56 -2.72 5.71 -2.84
N MET A 57 -3.94 5.19 -3.04
CA MET A 57 -4.82 4.74 -1.98
C MET A 57 -5.62 3.52 -2.46
N VAL A 58 -5.39 2.37 -1.82
CA VAL A 58 -6.11 1.11 -2.08
C VAL A 58 -6.82 0.59 -0.82
N PRO A 59 -7.86 -0.24 -0.97
CA PRO A 59 -8.59 -0.83 0.14
C PRO A 59 -7.92 -2.05 0.80
N GLU A 60 -7.49 -1.96 2.06
CA GLU A 60 -6.80 -3.07 2.75
C GLU A 60 -7.63 -4.38 2.82
N GLY A 61 -8.93 -4.28 3.06
CA GLY A 61 -9.86 -5.43 3.13
C GLY A 61 -10.53 -5.80 1.82
N LYS A 62 -10.11 -5.16 0.71
CA LYS A 62 -10.66 -5.37 -0.65
C LYS A 62 -9.55 -5.51 -1.71
N VAL A 63 -8.26 -5.47 -1.34
CA VAL A 63 -7.10 -5.68 -2.24
C VAL A 63 -7.23 -6.91 -3.12
N LEU A 64 -7.92 -7.95 -2.62
CA LEU A 64 -8.23 -9.20 -3.30
C LEU A 64 -9.00 -8.98 -4.64
N ALA A 65 -9.80 -7.92 -4.72
CA ALA A 65 -10.54 -7.50 -5.91
C ALA A 65 -9.65 -6.82 -6.97
N ILE A 66 -8.83 -5.84 -6.57
CA ILE A 66 -7.88 -5.14 -7.46
C ILE A 66 -6.75 -6.08 -7.92
N GLY A 67 -6.35 -7.02 -7.06
CA GLY A 67 -5.21 -7.93 -7.27
C GLY A 67 -3.88 -7.39 -6.73
N VAL A 68 -3.90 -6.28 -5.99
CA VAL A 68 -2.70 -5.68 -5.38
C VAL A 68 -2.26 -6.48 -4.15
N ARG A 69 -0.97 -6.39 -3.79
CA ARG A 69 -0.39 -7.00 -2.58
C ARG A 69 0.62 -6.05 -1.93
N LYS A 70 0.25 -5.52 -0.77
CA LYS A 70 1.06 -4.62 0.05
C LYS A 70 1.17 -5.15 1.49
N VAL A 71 2.34 -5.68 1.84
CA VAL A 71 2.68 -6.31 3.13
C VAL A 71 4.21 -6.31 3.28
N ALA A 72 4.75 -6.40 4.50
CA ALA A 72 6.19 -6.46 4.75
C ALA A 72 6.91 -7.60 3.98
N SER A 73 6.21 -8.73 3.75
CA SER A 73 6.71 -9.88 2.96
C SER A 73 6.30 -9.85 1.47
N ALA A 74 5.18 -9.20 1.12
CA ALA A 74 4.74 -9.00 -0.27
C ALA A 74 5.70 -8.07 -1.04
N GLU A 75 6.50 -7.29 -0.30
CA GLU A 75 7.35 -6.18 -0.77
C GLU A 75 6.54 -5.04 -1.44
N ALA A 1 20.03 3.09 -9.12
CA ALA A 1 19.91 2.21 -10.31
C ALA A 1 18.54 1.51 -10.37
N GLY A 2 18.25 0.59 -9.44
CA GLY A 2 16.98 -0.17 -9.38
C GLY A 2 16.82 -0.95 -8.07
N HIS A 3 16.08 -0.38 -7.10
CA HIS A 3 15.77 -1.01 -5.80
C HIS A 3 14.39 -1.67 -5.81
N MET A 4 14.35 -2.99 -5.66
CA MET A 4 13.10 -3.77 -5.53
C MET A 4 12.63 -3.84 -4.07
N PRO A 5 11.34 -4.18 -3.82
CA PRO A 5 10.80 -4.38 -2.47
C PRO A 5 11.43 -5.65 -1.86
N GLU A 6 12.19 -5.48 -0.78
CA GLU A 6 12.83 -6.57 -0.03
C GLU A 6 12.83 -6.29 1.48
N GLY A 7 12.94 -7.34 2.30
CA GLY A 7 12.93 -7.28 3.77
C GLY A 7 12.06 -8.36 4.42
N SER A 8 12.08 -8.44 5.76
CA SER A 8 11.28 -9.41 6.54
C SER A 8 10.95 -8.94 7.97
N ALA A 9 11.06 -7.63 8.24
CA ALA A 9 10.92 -7.00 9.57
C ALA A 9 9.61 -7.36 10.31
N SER A 10 8.46 -7.09 9.69
CA SER A 10 7.10 -7.37 10.20
C SER A 10 6.21 -7.98 9.11
N LEU A 11 5.06 -8.53 9.51
CA LEU A 11 4.10 -9.22 8.62
C LEU A 11 2.98 -8.27 8.17
N GLN A 12 2.20 -7.76 9.11
CA GLN A 12 1.13 -6.77 8.87
C GLN A 12 1.68 -5.44 8.33
N LEU A 13 0.85 -4.72 7.58
CA LEU A 13 1.13 -3.39 7.06
C LEU A 13 0.87 -2.32 8.12
N ALA A 14 1.77 -1.33 8.23
CA ALA A 14 1.66 -0.17 9.10
C ALA A 14 2.34 1.07 8.49
N VAL A 15 2.26 2.22 9.16
CA VAL A 15 2.93 3.47 8.73
C VAL A 15 4.45 3.28 8.62
N GLY A 16 5.04 3.74 7.52
CA GLY A 16 6.48 3.63 7.23
C GLY A 16 6.91 2.32 6.55
N ASP A 17 5.99 1.36 6.37
CA ASP A 17 6.24 0.10 5.65
C ASP A 17 6.38 0.36 4.13
N ARG A 18 6.65 -0.70 3.34
CA ARG A 18 6.79 -0.66 1.88
C ARG A 18 5.50 -1.10 1.18
N VAL A 19 5.29 -0.57 -0.02
CA VAL A 19 4.16 -0.92 -0.88
C VAL A 19 4.59 -1.01 -2.33
N VAL A 20 4.30 -2.16 -2.94
CA VAL A 20 4.53 -2.45 -4.35
C VAL A 20 3.26 -3.05 -4.93
N TYR A 21 2.98 -2.75 -6.19
CA TYR A 21 1.87 -3.29 -6.97
C TYR A 21 2.27 -4.55 -7.75
N PRO A 22 1.30 -5.37 -8.18
CA PRO A 22 1.56 -6.65 -8.83
C PRO A 22 2.17 -6.46 -10.22
N ASN A 23 1.86 -5.34 -10.90
CA ASN A 23 2.43 -4.99 -12.20
C ASN A 23 2.32 -3.46 -12.52
N GLN A 24 2.81 -2.60 -11.63
CA GLN A 24 2.73 -1.13 -11.79
C GLN A 24 4.00 -0.39 -11.29
N GLY A 25 4.31 -0.47 -10.00
CA GLY A 25 5.43 0.24 -9.37
C GLY A 25 5.44 0.14 -7.84
N VAL A 26 6.33 0.90 -7.20
CA VAL A 26 6.53 0.98 -5.74
C VAL A 26 6.21 2.39 -5.23
N CYS A 27 5.65 2.49 -4.02
CA CYS A 27 5.33 3.74 -3.31
C CYS A 27 5.81 3.65 -1.83
N ARG A 28 5.51 4.67 -1.00
CA ARG A 28 5.93 4.76 0.41
C ARG A 28 4.73 5.06 1.32
N VAL A 29 4.48 4.23 2.34
CA VAL A 29 3.33 4.40 3.25
C VAL A 29 3.43 5.71 4.04
N SER A 30 2.36 6.51 4.01
CA SER A 30 2.27 7.84 4.63
C SER A 30 1.32 7.83 5.85
N ALA A 31 0.09 7.36 5.67
CA ALA A 31 -0.91 7.18 6.73
C ALA A 31 -1.95 6.11 6.35
N ILE A 32 -2.75 5.63 7.30
CA ILE A 32 -3.81 4.63 7.08
C ILE A 32 -5.01 4.98 7.97
N ASP A 33 -6.23 5.02 7.41
CA ASP A 33 -7.47 5.24 8.17
C ASP A 33 -8.67 4.50 7.55
N VAL A 34 -9.84 4.52 8.21
CA VAL A 34 -11.08 3.92 7.70
C VAL A 34 -12.06 5.00 7.25
N LYS A 35 -12.80 4.76 6.16
CA LYS A 35 -13.82 5.67 5.63
C LYS A 35 -14.87 4.95 4.78
N GLU A 36 -15.93 5.66 4.41
CA GLU A 36 -17.01 5.22 3.52
C GLU A 36 -16.84 5.87 2.14
N VAL A 37 -16.59 5.06 1.10
CA VAL A 37 -16.50 5.53 -0.30
C VAL A 37 -17.42 4.67 -1.18
N ALA A 38 -18.15 5.30 -2.10
CA ALA A 38 -19.13 4.64 -2.99
C ALA A 38 -20.12 3.69 -2.28
N GLY A 39 -20.45 3.95 -1.00
CA GLY A 39 -21.31 3.12 -0.15
C GLY A 39 -20.64 1.91 0.50
N GLN A 40 -19.31 1.94 0.70
CA GLN A 40 -18.49 0.85 1.22
C GLN A 40 -17.57 1.37 2.33
N LYS A 41 -17.78 0.92 3.58
CA LYS A 41 -16.98 1.32 4.75
C LYS A 41 -15.88 0.31 5.07
N LEU A 42 -14.60 0.68 4.89
CA LEU A 42 -13.46 -0.20 5.16
C LEU A 42 -12.16 0.60 5.42
N THR A 43 -11.07 -0.07 5.80
CA THR A 43 -9.74 0.51 5.99
C THR A 43 -9.08 0.84 4.64
N PHE A 44 -8.81 2.10 4.35
CA PHE A 44 -8.15 2.55 3.12
C PHE A 44 -6.75 3.09 3.45
N VAL A 45 -5.72 2.40 2.97
CA VAL A 45 -4.31 2.80 3.15
C VAL A 45 -3.97 3.97 2.24
N THR A 46 -3.11 4.89 2.67
CA THR A 46 -2.69 6.07 1.90
C THR A 46 -1.17 6.15 1.80
N MET A 47 -0.64 6.04 0.60
CA MET A 47 0.81 5.99 0.34
C MET A 47 1.18 7.07 -0.69
N ARG A 48 2.33 7.70 -0.51
CA ARG A 48 2.79 8.86 -1.29
C ARG A 48 4.19 8.58 -1.82
N ARG A 49 4.33 8.37 -3.13
CA ARG A 49 5.63 8.10 -3.76
C ARG A 49 6.40 9.40 -3.89
N GLU A 50 7.46 9.55 -3.10
CA GLU A 50 8.34 10.73 -3.12
C GLU A 50 9.15 10.85 -4.43
N GLU A 51 9.33 9.73 -5.13
CA GLU A 51 10.06 9.61 -6.42
C GLU A 51 9.53 10.55 -7.51
N ASP A 52 8.20 10.70 -7.58
CA ASP A 52 7.49 11.54 -8.56
C ASP A 52 6.47 12.52 -7.91
N GLY A 53 6.41 12.54 -6.57
CA GLY A 53 5.40 13.24 -5.77
C GLY A 53 3.96 12.72 -5.93
N ALA A 54 3.79 11.50 -6.47
CA ALA A 54 2.50 10.88 -6.72
C ALA A 54 1.84 10.34 -5.44
N VAL A 55 0.55 10.02 -5.51
CA VAL A 55 -0.25 9.45 -4.40
C VAL A 55 -1.05 8.23 -4.87
N VAL A 56 -1.30 7.30 -3.96
CA VAL A 56 -2.10 6.09 -4.18
C VAL A 56 -2.84 5.73 -2.89
N MET A 57 -4.07 5.22 -3.04
CA MET A 57 -4.90 4.72 -1.96
C MET A 57 -5.58 3.43 -2.40
N VAL A 58 -5.45 2.35 -1.62
CA VAL A 58 -6.12 1.07 -1.85
C VAL A 58 -6.85 0.57 -0.59
N PRO A 59 -7.87 -0.27 -0.76
CA PRO A 59 -8.61 -0.87 0.36
C PRO A 59 -7.92 -2.07 1.02
N GLU A 60 -7.52 -1.98 2.29
CA GLU A 60 -6.91 -3.08 3.07
C GLU A 60 -7.83 -4.31 3.24
N GLY A 61 -9.14 -4.11 3.41
CA GLY A 61 -10.13 -5.19 3.53
C GLY A 61 -10.74 -5.64 2.20
N LYS A 62 -10.26 -5.11 1.07
CA LYS A 62 -10.77 -5.37 -0.29
C LYS A 62 -9.67 -5.60 -1.33
N VAL A 63 -8.38 -5.55 -0.96
CA VAL A 63 -7.22 -5.83 -1.85
C VAL A 63 -7.36 -7.14 -2.63
N LEU A 64 -8.06 -8.12 -2.06
CA LEU A 64 -8.34 -9.42 -2.65
C LEU A 64 -9.09 -9.30 -4.01
N ALA A 65 -9.85 -8.22 -4.19
CA ALA A 65 -10.55 -7.86 -5.43
C ALA A 65 -9.60 -7.27 -6.50
N ILE A 66 -8.79 -6.26 -6.13
CA ILE A 66 -7.83 -5.60 -7.04
C ILE A 66 -6.65 -6.53 -7.41
N GLY A 67 -6.23 -7.39 -6.48
CA GLY A 67 -5.13 -8.34 -6.61
C GLY A 67 -3.75 -7.80 -6.17
N VAL A 68 -3.71 -6.66 -5.47
CA VAL A 68 -2.48 -5.98 -5.02
C VAL A 68 -2.07 -6.49 -3.63
N ARG A 69 -0.78 -6.78 -3.41
CA ARG A 69 -0.25 -7.17 -2.09
C ARG A 69 0.95 -6.28 -1.72
N LYS A 70 0.77 -5.41 -0.73
CA LYS A 70 1.82 -4.50 -0.26
C LYS A 70 2.50 -5.08 0.99
N VAL A 71 3.72 -5.57 0.82
CA VAL A 71 4.53 -6.23 1.85
C VAL A 71 6.01 -6.06 1.50
N ALA A 72 6.92 -6.38 2.41
CA ALA A 72 8.36 -6.37 2.19
C ALA A 72 8.83 -7.37 1.10
N SER A 73 8.04 -8.40 0.76
CA SER A 73 8.33 -9.37 -0.32
C SER A 73 7.21 -9.56 -1.34
N ALA A 74 5.94 -9.60 -0.90
CA ALA A 74 4.77 -9.71 -1.78
C ALA A 74 4.58 -8.46 -2.68
N GLU A 75 3.81 -8.62 -3.76
CA GLU A 75 3.45 -7.60 -4.76
C GLU A 75 2.01 -7.77 -5.29
N ALA A 1 14.76 3.26 -5.92
CA ALA A 1 16.16 3.20 -6.40
C ALA A 1 17.13 2.88 -5.25
N GLY A 2 17.44 1.59 -5.04
CA GLY A 2 18.37 1.11 -4.00
C GLY A 2 17.82 -0.09 -3.22
N HIS A 3 17.23 0.16 -2.04
CA HIS A 3 16.59 -0.87 -1.21
C HIS A 3 15.28 -1.37 -1.83
N MET A 4 15.11 -2.69 -1.92
CA MET A 4 13.88 -3.33 -2.40
C MET A 4 12.71 -3.24 -1.38
N PRO A 5 11.46 -3.43 -1.84
CA PRO A 5 10.27 -3.49 -0.98
C PRO A 5 10.25 -4.74 -0.09
N GLU A 6 10.42 -4.57 1.22
CA GLU A 6 10.38 -5.63 2.25
C GLU A 6 10.18 -5.05 3.67
N GLY A 7 10.22 -5.92 4.69
CA GLY A 7 9.96 -5.61 6.10
C GLY A 7 9.80 -6.89 6.95
N SER A 8 9.50 -6.70 8.25
CA SER A 8 9.31 -7.80 9.22
C SER A 8 8.17 -7.56 10.25
N ALA A 9 7.27 -6.60 9.95
CA ALA A 9 6.09 -6.28 10.78
C ALA A 9 5.01 -7.39 10.73
N SER A 10 3.85 -7.13 11.35
CA SER A 10 2.66 -8.01 11.36
C SER A 10 2.01 -8.15 9.97
N LEU A 11 0.91 -8.92 9.88
CA LEU A 11 0.15 -9.21 8.65
C LEU A 11 -0.72 -8.02 8.16
N GLN A 12 -0.16 -6.81 8.13
CA GLN A 12 -0.83 -5.57 7.70
C GLN A 12 0.19 -4.49 7.32
N LEU A 13 -0.24 -3.45 6.59
CA LEU A 13 0.61 -2.31 6.26
C LEU A 13 0.87 -1.46 7.53
N ALA A 14 1.94 -0.66 7.49
CA ALA A 14 2.31 0.29 8.54
C ALA A 14 2.97 1.54 7.93
N VAL A 15 2.95 2.67 8.64
CA VAL A 15 3.60 3.92 8.20
C VAL A 15 5.09 3.72 7.94
N GLY A 16 5.54 4.09 6.74
CA GLY A 16 6.90 3.92 6.26
C GLY A 16 7.21 2.55 5.64
N ASP A 17 6.27 1.60 5.66
CA ASP A 17 6.42 0.31 5.01
C ASP A 17 6.41 0.49 3.47
N ARG A 18 7.05 -0.40 2.74
CA ARG A 18 7.04 -0.36 1.26
C ARG A 18 5.80 -1.07 0.71
N VAL A 19 5.56 -0.88 -0.59
CA VAL A 19 4.50 -1.52 -1.39
C VAL A 19 4.92 -1.63 -2.87
N VAL A 20 4.31 -2.54 -3.61
CA VAL A 20 4.49 -2.74 -5.07
C VAL A 20 3.13 -2.95 -5.73
N TYR A 21 3.04 -2.74 -7.04
CA TYR A 21 1.85 -2.99 -7.85
C TYR A 21 2.08 -4.13 -8.87
N PRO A 22 1.02 -4.75 -9.41
CA PRO A 22 1.15 -5.82 -10.41
C PRO A 22 1.70 -5.32 -11.76
N ASN A 23 1.48 -4.03 -12.10
CA ASN A 23 1.98 -3.42 -13.34
C ASN A 23 2.06 -1.87 -13.26
N GLN A 24 2.75 -1.32 -12.25
CA GLN A 24 2.83 0.14 -12.03
C GLN A 24 4.19 0.61 -11.49
N GLY A 25 4.62 0.09 -10.34
CA GLY A 25 5.84 0.52 -9.65
C GLY A 25 5.79 0.22 -8.14
N VAL A 26 6.64 0.91 -7.38
CA VAL A 26 6.73 0.81 -5.90
C VAL A 26 6.42 2.16 -5.23
N CYS A 27 5.84 2.11 -4.02
CA CYS A 27 5.51 3.28 -3.20
C CYS A 27 5.84 3.01 -1.72
N ARG A 28 5.60 4.00 -0.85
CA ARG A 28 5.83 3.92 0.61
C ARG A 28 4.64 4.48 1.39
N VAL A 29 4.17 3.75 2.40
CA VAL A 29 3.02 4.12 3.24
C VAL A 29 3.26 5.46 3.95
N SER A 30 2.26 6.34 3.89
CA SER A 30 2.24 7.68 4.48
C SER A 30 1.24 7.77 5.63
N ALA A 31 -0.02 7.38 5.37
CA ALA A 31 -1.11 7.43 6.35
C ALA A 31 -2.09 6.26 6.15
N ILE A 32 -2.87 5.91 7.17
CA ILE A 32 -3.87 4.82 7.13
C ILE A 32 -5.09 5.24 7.96
N ASP A 33 -6.30 5.17 7.37
CA ASP A 33 -7.56 5.44 8.05
C ASP A 33 -8.74 4.62 7.47
N VAL A 34 -9.79 4.41 8.25
CA VAL A 34 -11.01 3.72 7.79
C VAL A 34 -12.07 4.75 7.38
N LYS A 35 -12.82 4.49 6.31
CA LYS A 35 -13.95 5.33 5.85
C LYS A 35 -14.97 4.51 5.05
N GLU A 36 -16.10 5.14 4.75
CA GLU A 36 -17.18 4.60 3.91
C GLU A 36 -17.12 5.25 2.52
N VAL A 37 -16.87 4.47 1.47
CA VAL A 37 -16.88 4.91 0.07
C VAL A 37 -17.86 4.04 -0.72
N ALA A 38 -18.67 4.63 -1.62
CA ALA A 38 -19.65 3.92 -2.44
C ALA A 38 -20.57 2.93 -1.66
N GLY A 39 -20.84 3.20 -0.38
CA GLY A 39 -21.61 2.34 0.53
C GLY A 39 -20.84 1.18 1.17
N GLN A 40 -19.50 1.28 1.29
CA GLN A 40 -18.61 0.22 1.77
C GLN A 40 -17.55 0.76 2.75
N LYS A 41 -17.63 0.34 4.02
CA LYS A 41 -16.76 0.76 5.13
C LYS A 41 -15.60 -0.20 5.32
N LEU A 42 -14.37 0.24 5.09
CA LEU A 42 -13.16 -0.58 5.26
C LEU A 42 -11.91 0.29 5.53
N THR A 43 -10.79 -0.33 5.88
CA THR A 43 -9.48 0.35 6.06
C THR A 43 -8.88 0.75 4.72
N PHE A 44 -8.71 2.05 4.45
CA PHE A 44 -8.06 2.56 3.24
C PHE A 44 -6.68 3.10 3.58
N VAL A 45 -5.65 2.42 3.07
CA VAL A 45 -4.24 2.84 3.24
C VAL A 45 -3.89 3.90 2.19
N THR A 46 -3.02 4.84 2.55
CA THR A 46 -2.52 5.91 1.68
C THR A 46 -1.00 5.88 1.64
N MET A 47 -0.44 5.56 0.47
CA MET A 47 0.99 5.58 0.21
C MET A 47 1.34 6.77 -0.69
N ARG A 48 2.63 7.09 -0.78
CA ARG A 48 3.21 8.11 -1.65
C ARG A 48 4.54 7.64 -2.24
N ARG A 49 4.99 8.29 -3.32
CA ARG A 49 6.31 8.03 -3.93
C ARG A 49 7.24 9.21 -3.67
N GLU A 50 8.45 8.92 -3.22
CA GLU A 50 9.50 9.91 -2.98
C GLU A 50 10.03 10.52 -4.29
N GLU A 51 10.10 9.73 -5.37
CA GLU A 51 10.53 10.17 -6.71
C GLU A 51 9.36 10.62 -7.60
N ASP A 52 8.27 9.85 -7.66
CA ASP A 52 7.10 10.17 -8.51
C ASP A 52 6.30 11.38 -7.97
N GLY A 53 6.41 11.65 -6.66
CA GLY A 53 5.73 12.75 -5.95
C GLY A 53 4.20 12.61 -5.89
N ALA A 54 3.67 11.46 -6.28
CA ALA A 54 2.24 11.13 -6.34
C ALA A 54 1.82 10.28 -5.14
N VAL A 55 0.51 10.27 -4.85
CA VAL A 55 -0.11 9.44 -3.80
C VAL A 55 -0.99 8.35 -4.42
N VAL A 56 -1.13 7.24 -3.72
CA VAL A 56 -1.98 6.10 -4.09
C VAL A 56 -2.76 5.65 -2.86
N MET A 57 -4.08 5.60 -2.98
CA MET A 57 -4.99 5.11 -1.95
C MET A 57 -5.64 3.82 -2.42
N VAL A 58 -5.53 2.76 -1.62
CA VAL A 58 -6.17 1.47 -1.91
C VAL A 58 -6.80 0.85 -0.64
N PRO A 59 -7.79 -0.02 -0.80
CA PRO A 59 -8.45 -0.72 0.31
C PRO A 59 -7.63 -1.89 0.89
N GLU A 60 -7.19 -1.82 2.15
CA GLU A 60 -6.48 -2.92 2.83
C GLU A 60 -7.33 -4.21 2.90
N GLY A 61 -8.61 -4.11 3.26
CA GLY A 61 -9.54 -5.25 3.35
C GLY A 61 -10.18 -5.65 2.02
N LYS A 62 -9.76 -5.05 0.91
CA LYS A 62 -10.30 -5.29 -0.44
C LYS A 62 -9.21 -5.37 -1.52
N VAL A 63 -7.91 -5.32 -1.15
CA VAL A 63 -6.75 -5.46 -2.05
C VAL A 63 -6.81 -6.71 -2.92
N LEU A 64 -7.47 -7.76 -2.41
CA LEU A 64 -7.72 -9.03 -3.08
C LEU A 64 -8.50 -8.85 -4.40
N ALA A 65 -9.34 -7.82 -4.50
CA ALA A 65 -10.09 -7.42 -5.70
C ALA A 65 -9.20 -6.76 -6.76
N ILE A 66 -8.38 -5.76 -6.38
CA ILE A 66 -7.44 -5.08 -7.29
C ILE A 66 -6.33 -6.03 -7.77
N GLY A 67 -5.91 -6.98 -6.91
CA GLY A 67 -4.83 -7.93 -7.17
C GLY A 67 -3.45 -7.43 -6.75
N VAL A 68 -3.38 -6.44 -5.84
CA VAL A 68 -2.12 -5.84 -5.35
C VAL A 68 -1.80 -6.39 -3.96
N ARG A 69 -0.60 -6.98 -3.78
CA ARG A 69 -0.12 -7.46 -2.47
C ARG A 69 0.83 -6.43 -1.85
N LYS A 70 0.36 -5.78 -0.78
CA LYS A 70 1.06 -4.77 0.03
C LYS A 70 1.00 -5.15 1.51
N VAL A 71 2.11 -5.60 2.06
CA VAL A 71 2.28 -6.02 3.47
C VAL A 71 3.77 -6.00 3.79
N ALA A 72 4.11 -5.94 5.08
CA ALA A 72 5.49 -5.99 5.57
C ALA A 72 6.31 -7.15 4.95
N SER A 73 5.71 -8.32 4.80
CA SER A 73 6.31 -9.50 4.15
C SER A 73 6.10 -9.56 2.62
N ALA A 74 4.89 -9.22 2.14
CA ALA A 74 4.50 -9.29 0.72
C ALA A 74 5.47 -8.51 -0.18
N GLU A 75 5.53 -7.21 0.07
CA GLU A 75 6.31 -6.13 -0.56
C GLU A 75 5.90 -4.81 0.09
N ALA A 1 16.55 3.98 -6.80
CA ALA A 1 17.26 2.71 -7.09
C ALA A 1 18.19 2.33 -5.94
N GLY A 2 18.16 1.07 -5.48
CA GLY A 2 19.01 0.54 -4.40
C GLY A 2 18.21 -0.24 -3.35
N HIS A 3 17.40 0.46 -2.55
CA HIS A 3 16.52 -0.11 -1.52
C HIS A 3 15.21 -0.63 -2.14
N MET A 4 14.98 -1.95 -2.09
CA MET A 4 13.76 -2.61 -2.57
C MET A 4 12.87 -3.13 -1.42
N PRO A 5 11.56 -3.37 -1.68
CA PRO A 5 10.62 -3.91 -0.70
C PRO A 5 10.94 -5.37 -0.35
N GLU A 6 11.19 -5.63 0.93
CA GLU A 6 11.43 -6.97 1.50
C GLU A 6 11.08 -7.00 3.00
N GLY A 7 10.78 -8.20 3.53
CA GLY A 7 10.50 -8.44 4.95
C GLY A 7 9.39 -9.48 5.19
N SER A 8 9.50 -10.24 6.28
CA SER A 8 8.60 -11.35 6.65
C SER A 8 8.43 -11.42 8.19
N ALA A 9 7.34 -10.84 8.73
CA ALA A 9 7.05 -10.79 10.16
C ALA A 9 5.58 -11.12 10.47
N SER A 10 4.65 -10.22 10.14
CA SER A 10 3.20 -10.35 10.32
C SER A 10 2.45 -10.29 8.99
N LEU A 11 1.12 -10.49 9.03
CA LEU A 11 0.23 -10.48 7.86
C LEU A 11 -0.57 -9.16 7.72
N GLN A 12 -0.16 -8.11 8.43
CA GLN A 12 -0.73 -6.76 8.40
C GLN A 12 0.29 -5.71 7.95
N LEU A 13 -0.19 -4.48 7.73
CA LEU A 13 0.61 -3.29 7.40
C LEU A 13 0.43 -2.20 8.49
N ALA A 14 1.44 -1.33 8.64
CA ALA A 14 1.43 -0.21 9.58
C ALA A 14 2.23 1.00 9.03
N VAL A 15 2.26 2.11 9.78
CA VAL A 15 3.05 3.30 9.44
C VAL A 15 4.55 2.96 9.35
N GLY A 16 5.19 3.37 8.25
CA GLY A 16 6.61 3.13 7.95
C GLY A 16 6.91 1.82 7.21
N ASP A 17 5.90 0.97 6.97
CA ASP A 17 6.05 -0.26 6.18
C ASP A 17 6.23 0.03 4.67
N ARG A 18 6.45 -1.01 3.85
CA ARG A 18 6.70 -0.91 2.40
C ARG A 18 5.63 -1.67 1.61
N VAL A 19 5.22 -1.11 0.46
CA VAL A 19 4.23 -1.71 -0.44
C VAL A 19 4.68 -1.59 -1.89
N VAL A 20 4.41 -2.62 -2.68
CA VAL A 20 4.71 -2.65 -4.12
C VAL A 20 3.55 -3.23 -4.91
N TYR A 21 3.27 -2.66 -6.08
CA TYR A 21 2.25 -3.14 -7.01
C TYR A 21 2.74 -4.34 -7.86
N PRO A 22 1.84 -5.15 -8.42
CA PRO A 22 2.19 -6.34 -9.20
C PRO A 22 2.86 -5.99 -10.55
N ASN A 23 2.63 -4.79 -11.08
CA ASN A 23 3.22 -4.29 -12.33
C ASN A 23 3.19 -2.74 -12.44
N GLN A 24 3.67 -2.01 -11.41
CA GLN A 24 3.62 -0.54 -11.37
C GLN A 24 4.85 0.09 -10.70
N GLY A 25 5.14 -0.27 -9.44
CA GLY A 25 6.29 0.21 -8.67
C GLY A 25 6.07 0.14 -7.15
N VAL A 26 7.09 0.53 -6.38
CA VAL A 26 7.06 0.63 -4.91
C VAL A 26 6.46 1.98 -4.45
N CYS A 27 5.85 2.00 -3.26
CA CYS A 27 5.32 3.19 -2.59
C CYS A 27 5.76 3.22 -1.10
N ARG A 28 5.52 4.35 -0.42
CA ARG A 28 5.97 4.60 0.96
C ARG A 28 4.82 5.05 1.85
N VAL A 29 4.55 4.30 2.93
CA VAL A 29 3.45 4.57 3.88
C VAL A 29 3.66 5.90 4.59
N SER A 30 2.69 6.81 4.45
CA SER A 30 2.71 8.15 5.05
C SER A 30 1.64 8.31 6.13
N ALA A 31 0.43 7.79 5.89
CA ALA A 31 -0.69 7.74 6.83
C ALA A 31 -1.67 6.60 6.43
N ILE A 32 -2.58 6.22 7.33
CA ILE A 32 -3.65 5.24 7.08
C ILE A 32 -4.89 5.62 7.92
N ASP A 33 -6.09 5.53 7.34
CA ASP A 33 -7.37 5.76 8.05
C ASP A 33 -8.52 4.87 7.51
N VAL A 34 -9.65 4.86 8.21
CA VAL A 34 -10.89 4.16 7.82
C VAL A 34 -11.96 5.16 7.37
N LYS A 35 -12.69 4.83 6.30
CA LYS A 35 -13.83 5.62 5.79
C LYS A 35 -14.82 4.78 4.99
N GLU A 36 -15.99 5.35 4.70
CA GLU A 36 -17.04 4.78 3.85
C GLU A 36 -16.97 5.41 2.45
N VAL A 37 -16.67 4.61 1.43
CA VAL A 37 -16.68 5.03 0.01
C VAL A 37 -17.56 4.10 -0.81
N ALA A 38 -18.38 4.64 -1.71
CA ALA A 38 -19.31 3.90 -2.57
C ALA A 38 -20.21 2.87 -1.81
N GLY A 39 -20.51 3.14 -0.53
CA GLY A 39 -21.29 2.24 0.34
C GLY A 39 -20.49 1.12 1.03
N GLN A 40 -19.17 1.30 1.22
CA GLN A 40 -18.25 0.29 1.74
C GLN A 40 -17.25 0.90 2.74
N LYS A 41 -17.34 0.50 4.02
CA LYS A 41 -16.48 0.99 5.11
C LYS A 41 -15.30 0.05 5.38
N LEU A 42 -14.07 0.51 5.18
CA LEU A 42 -12.85 -0.27 5.41
C LEU A 42 -11.61 0.63 5.59
N THR A 43 -10.45 0.03 5.91
CA THR A 43 -9.16 0.74 6.01
C THR A 43 -8.56 1.04 4.63
N PHE A 44 -8.41 2.30 4.29
CA PHE A 44 -7.76 2.78 3.07
C PHE A 44 -6.39 3.35 3.41
N VAL A 45 -5.32 2.69 2.94
CA VAL A 45 -3.94 3.18 3.12
C VAL A 45 -3.73 4.51 2.40
N THR A 46 -2.83 5.36 2.89
CA THR A 46 -2.47 6.62 2.22
C THR A 46 -0.95 6.71 2.03
N MET A 47 -0.50 6.61 0.79
CA MET A 47 0.92 6.67 0.40
C MET A 47 1.10 7.69 -0.73
N ARG A 48 2.34 8.12 -0.94
CA ARG A 48 2.75 9.06 -2.00
C ARG A 48 4.06 8.59 -2.61
N ARG A 49 4.03 8.20 -3.89
CA ARG A 49 5.23 7.82 -4.64
C ARG A 49 6.06 9.08 -4.89
N GLU A 50 7.21 9.19 -4.21
CA GLU A 50 8.17 10.29 -4.39
C GLU A 50 8.91 10.24 -5.74
N GLU A 51 8.83 9.10 -6.45
CA GLU A 51 9.41 8.86 -7.77
C GLU A 51 8.88 9.83 -8.83
N ASP A 52 7.56 10.09 -8.84
CA ASP A 52 6.90 11.04 -9.75
C ASP A 52 6.00 12.09 -9.06
N GLY A 53 5.64 11.89 -7.78
CA GLY A 53 4.79 12.77 -6.99
C GLY A 53 3.29 12.52 -7.19
N ALA A 54 2.82 11.31 -6.91
CA ALA A 54 1.42 10.90 -7.03
C ALA A 54 0.94 10.07 -5.82
N VAL A 55 -0.19 10.47 -5.22
CA VAL A 55 -0.84 9.75 -4.12
C VAL A 55 -1.38 8.41 -4.63
N VAL A 56 -1.27 7.38 -3.79
CA VAL A 56 -1.75 6.01 -4.02
C VAL A 56 -2.40 5.49 -2.75
N MET A 57 -3.71 5.26 -2.86
CA MET A 57 -4.57 4.75 -1.79
C MET A 57 -5.34 3.52 -2.29
N VAL A 58 -5.22 2.42 -1.54
CA VAL A 58 -5.90 1.16 -1.85
C VAL A 58 -6.60 0.59 -0.61
N PRO A 59 -7.68 -0.19 -0.80
CA PRO A 59 -8.40 -0.82 0.29
C PRO A 59 -7.71 -2.06 0.87
N GLU A 60 -7.31 -2.04 2.14
CA GLU A 60 -6.64 -3.20 2.77
C GLU A 60 -7.47 -4.49 2.81
N GLY A 61 -8.78 -4.39 3.04
CA GLY A 61 -9.72 -5.53 3.08
C GLY A 61 -10.40 -5.84 1.74
N LYS A 62 -10.00 -5.14 0.66
CA LYS A 62 -10.55 -5.27 -0.70
C LYS A 62 -9.47 -5.37 -1.78
N VAL A 63 -8.18 -5.40 -1.41
CA VAL A 63 -7.03 -5.58 -2.32
C VAL A 63 -7.19 -6.76 -3.29
N LEU A 64 -7.93 -7.80 -2.86
CA LEU A 64 -8.26 -9.00 -3.63
C LEU A 64 -8.97 -8.66 -4.96
N ALA A 65 -9.71 -7.55 -5.01
CA ALA A 65 -10.39 -7.03 -6.20
C ALA A 65 -9.41 -6.34 -7.19
N ILE A 66 -8.56 -5.42 -6.70
CA ILE A 66 -7.55 -4.71 -7.51
C ILE A 66 -6.45 -5.68 -8.00
N GLY A 67 -6.12 -6.69 -7.19
CA GLY A 67 -5.05 -7.68 -7.44
C GLY A 67 -3.68 -7.27 -6.91
N VAL A 68 -3.59 -6.18 -6.13
CA VAL A 68 -2.35 -5.61 -5.59
C VAL A 68 -2.05 -6.16 -4.20
N ARG A 69 -0.89 -6.77 -3.95
CA ARG A 69 -0.57 -7.28 -2.60
C ARG A 69 0.37 -6.30 -1.91
N LYS A 70 -0.16 -5.61 -0.89
CA LYS A 70 0.61 -4.69 -0.05
C LYS A 70 0.95 -5.35 1.28
N VAL A 71 2.22 -5.72 1.44
CA VAL A 71 2.78 -6.31 2.68
C VAL A 71 4.24 -5.92 2.90
N ALA A 72 5.16 -6.45 2.07
CA ALA A 72 6.62 -6.31 2.12
C ALA A 72 7.30 -7.20 1.05
N SER A 73 6.87 -8.46 0.93
CA SER A 73 7.39 -9.46 -0.04
C SER A 73 6.31 -10.08 -0.94
N ALA A 74 5.03 -9.75 -0.73
CA ALA A 74 3.89 -10.33 -1.42
C ALA A 74 3.74 -9.87 -2.89
N GLU A 75 3.60 -8.55 -3.11
CA GLU A 75 3.55 -7.79 -4.39
C GLU A 75 2.37 -8.11 -5.34
N ALA A 1 17.72 -3.67 -13.85
CA ALA A 1 18.03 -2.76 -12.72
C ALA A 1 16.75 -2.46 -11.92
N GLY A 2 16.80 -2.58 -10.58
CA GLY A 2 15.66 -2.33 -9.69
C GLY A 2 15.60 -3.31 -8.50
N HIS A 3 15.94 -2.84 -7.29
CA HIS A 3 15.83 -3.62 -6.05
C HIS A 3 14.36 -3.87 -5.66
N MET A 4 14.11 -4.93 -4.89
CA MET A 4 12.79 -5.27 -4.35
C MET A 4 12.48 -4.52 -3.03
N PRO A 5 11.20 -4.51 -2.60
CA PRO A 5 10.78 -3.91 -1.34
C PRO A 5 11.25 -4.76 -0.13
N GLU A 6 12.15 -4.20 0.68
CA GLU A 6 12.70 -4.83 1.90
C GLU A 6 12.54 -3.87 3.10
N GLY A 7 11.46 -4.04 3.88
CA GLY A 7 11.16 -3.18 5.03
C GLY A 7 10.05 -3.69 5.95
N SER A 8 10.29 -4.82 6.63
CA SER A 8 9.36 -5.43 7.60
C SER A 8 9.19 -4.60 8.88
N ALA A 9 8.01 -3.99 9.09
CA ALA A 9 7.66 -3.25 10.30
C ALA A 9 7.67 -4.15 11.56
N SER A 10 6.69 -5.06 11.69
CA SER A 10 6.51 -5.97 12.84
C SER A 10 5.66 -7.19 12.46
N LEU A 11 4.34 -7.03 12.41
CA LEU A 11 3.33 -8.07 12.14
C LEU A 11 2.54 -7.76 10.86
N GLN A 12 1.82 -6.64 10.85
CA GLN A 12 1.00 -6.15 9.75
C GLN A 12 1.63 -4.90 9.11
N LEU A 13 1.01 -4.41 8.04
CA LEU A 13 1.39 -3.17 7.36
C LEU A 13 1.15 -1.95 8.26
N ALA A 14 2.16 -1.10 8.42
CA ALA A 14 2.13 0.12 9.23
C ALA A 14 2.77 1.33 8.50
N VAL A 15 2.71 2.52 9.11
CA VAL A 15 3.31 3.75 8.55
C VAL A 15 4.83 3.58 8.38
N GLY A 16 5.35 3.99 7.22
CA GLY A 16 6.77 3.88 6.86
C GLY A 16 7.21 2.53 6.27
N ASP A 17 6.32 1.53 6.24
CA ASP A 17 6.58 0.23 5.61
C ASP A 17 6.67 0.38 4.07
N ARG A 18 7.04 -0.69 3.36
CA ARG A 18 7.08 -0.76 1.91
C ARG A 18 5.72 -1.11 1.31
N VAL A 19 5.56 -0.76 0.04
CA VAL A 19 4.38 -1.07 -0.77
C VAL A 19 4.72 -0.97 -2.26
N VAL A 20 4.49 -2.04 -3.01
CA VAL A 20 4.66 -2.05 -4.47
C VAL A 20 3.43 -2.65 -5.12
N TYR A 21 3.23 -2.38 -6.40
CA TYR A 21 2.12 -2.93 -7.19
C TYR A 21 2.57 -4.18 -7.97
N PRO A 22 1.64 -5.02 -8.44
CA PRO A 22 1.95 -6.24 -9.18
C PRO A 22 2.54 -5.96 -10.56
N ASN A 23 2.24 -4.78 -11.16
CA ASN A 23 2.75 -4.36 -12.46
C ASN A 23 2.68 -2.82 -12.65
N GLN A 24 3.27 -2.03 -11.75
CA GLN A 24 3.24 -0.55 -11.80
C GLN A 24 4.57 0.10 -11.35
N GLY A 25 5.01 -0.17 -10.12
CA GLY A 25 6.18 0.46 -9.50
C GLY A 25 6.16 0.40 -7.98
N VAL A 26 7.07 1.14 -7.32
CA VAL A 26 7.26 1.17 -5.86
C VAL A 26 6.79 2.48 -5.22
N CYS A 27 6.29 2.41 -3.99
CA CYS A 27 5.78 3.52 -3.18
C CYS A 27 6.26 3.41 -1.71
N ARG A 28 5.87 4.37 -0.86
CA ARG A 28 6.12 4.42 0.60
C ARG A 28 4.85 4.75 1.37
N VAL A 29 4.54 4.00 2.42
CA VAL A 29 3.36 4.20 3.27
C VAL A 29 3.45 5.51 4.07
N SER A 30 2.40 6.33 4.01
CA SER A 30 2.34 7.67 4.62
C SER A 30 1.38 7.73 5.83
N ALA A 31 0.15 7.22 5.67
CA ALA A 31 -0.85 7.10 6.72
C ALA A 31 -1.91 6.03 6.36
N ILE A 32 -2.69 5.55 7.34
CA ILE A 32 -3.76 4.56 7.13
C ILE A 32 -4.96 4.92 8.01
N ASP A 33 -6.16 4.90 7.45
CA ASP A 33 -7.43 5.15 8.15
C ASP A 33 -8.60 4.35 7.55
N VAL A 34 -9.74 4.29 8.25
CA VAL A 34 -10.97 3.66 7.75
C VAL A 34 -12.01 4.71 7.37
N LYS A 35 -12.76 4.48 6.28
CA LYS A 35 -13.84 5.36 5.82
C LYS A 35 -14.90 4.62 5.02
N GLU A 36 -16.02 5.28 4.76
CA GLU A 36 -17.13 4.79 3.93
C GLU A 36 -17.06 5.44 2.54
N VAL A 37 -16.87 4.63 1.49
CA VAL A 37 -16.88 5.09 0.08
C VAL A 37 -17.87 4.23 -0.72
N ALA A 38 -18.65 4.85 -1.61
CA ALA A 38 -19.68 4.18 -2.43
C ALA A 38 -20.62 3.23 -1.64
N GLY A 39 -20.86 3.52 -0.35
CA GLY A 39 -21.66 2.68 0.56
C GLY A 39 -20.94 1.46 1.16
N GLN A 40 -19.61 1.52 1.32
CA GLN A 40 -18.74 0.44 1.79
C GLN A 40 -17.70 0.97 2.78
N LYS A 41 -17.76 0.54 4.06
CA LYS A 41 -16.82 0.93 5.13
C LYS A 41 -15.70 -0.09 5.28
N LEU A 42 -14.46 0.31 5.01
CA LEU A 42 -13.27 -0.56 5.16
C LEU A 42 -12.00 0.27 5.43
N THR A 43 -10.88 -0.40 5.74
CA THR A 43 -9.56 0.22 5.93
C THR A 43 -8.93 0.63 4.60
N PHE A 44 -8.70 1.92 4.37
CA PHE A 44 -8.05 2.44 3.16
C PHE A 44 -6.65 2.96 3.48
N VAL A 45 -5.63 2.29 2.97
CA VAL A 45 -4.23 2.69 3.16
C VAL A 45 -3.87 3.86 2.26
N THR A 46 -3.01 4.78 2.71
CA THR A 46 -2.59 5.96 1.95
C THR A 46 -1.06 6.04 1.86
N MET A 47 -0.54 5.86 0.65
CA MET A 47 0.89 5.82 0.36
C MET A 47 1.23 6.91 -0.67
N ARG A 48 2.51 7.23 -0.77
CA ARG A 48 3.06 8.25 -1.68
C ARG A 48 4.30 7.71 -2.38
N ARG A 49 4.57 8.21 -3.59
CA ARG A 49 5.78 7.90 -4.36
C ARG A 49 6.58 9.16 -4.61
N GLU A 50 7.71 9.27 -3.94
CA GLU A 50 8.69 10.37 -4.11
C GLU A 50 9.33 10.37 -5.51
N GLU A 51 9.22 9.26 -6.25
CA GLU A 51 9.68 9.08 -7.63
C GLU A 51 9.08 10.13 -8.59
N ASP A 52 7.78 10.41 -8.46
CA ASP A 52 7.03 11.40 -9.26
C ASP A 52 6.23 12.41 -8.41
N GLY A 53 6.34 12.34 -7.08
CA GLY A 53 5.57 13.13 -6.11
C GLY A 53 4.06 12.86 -6.13
N ALA A 54 3.65 11.61 -6.40
CA ALA A 54 2.25 11.22 -6.52
C ALA A 54 1.74 10.46 -5.28
N VAL A 55 0.43 10.28 -5.17
CA VAL A 55 -0.25 9.56 -4.08
C VAL A 55 -0.98 8.33 -4.63
N VAL A 56 -1.12 7.29 -3.80
CA VAL A 56 -1.84 6.06 -4.13
C VAL A 56 -2.55 5.56 -2.87
N MET A 57 -3.86 5.33 -2.98
CA MET A 57 -4.70 4.80 -1.91
C MET A 57 -5.48 3.59 -2.42
N VAL A 58 -5.40 2.48 -1.67
CA VAL A 58 -6.10 1.23 -1.96
C VAL A 58 -6.79 0.66 -0.71
N PRO A 59 -7.84 -0.15 -0.89
CA PRO A 59 -8.55 -0.83 0.19
C PRO A 59 -7.81 -2.05 0.78
N GLU A 60 -7.40 -2.01 2.04
CA GLU A 60 -6.73 -3.15 2.72
C GLU A 60 -7.60 -4.40 2.86
N GLY A 61 -8.91 -4.25 3.04
CA GLY A 61 -9.88 -5.35 3.11
C GLY A 61 -10.53 -5.71 1.77
N LYS A 62 -10.08 -5.08 0.67
CA LYS A 62 -10.60 -5.28 -0.68
C LYS A 62 -9.50 -5.38 -1.75
N VAL A 63 -8.21 -5.38 -1.36
CA VAL A 63 -7.05 -5.58 -2.25
C VAL A 63 -7.19 -6.79 -3.16
N LEU A 64 -7.91 -7.82 -2.69
CA LEU A 64 -8.23 -9.06 -3.42
C LEU A 64 -8.96 -8.79 -4.75
N ALA A 65 -9.72 -7.69 -4.84
CA ALA A 65 -10.45 -7.23 -6.03
C ALA A 65 -9.52 -6.55 -7.06
N ILE A 66 -8.69 -5.59 -6.62
CA ILE A 66 -7.70 -4.90 -7.48
C ILE A 66 -6.59 -5.86 -7.93
N GLY A 67 -6.24 -6.84 -7.09
CA GLY A 67 -5.14 -7.79 -7.29
C GLY A 67 -3.79 -7.31 -6.74
N VAL A 68 -3.75 -6.12 -6.11
CA VAL A 68 -2.52 -5.53 -5.56
C VAL A 68 -2.21 -6.08 -4.17
N ARG A 69 -1.04 -6.66 -3.98
CA ARG A 69 -0.58 -7.14 -2.66
C ARG A 69 0.36 -6.08 -2.12
N LYS A 70 0.10 -5.61 -0.89
CA LYS A 70 0.93 -4.64 -0.20
C LYS A 70 1.09 -5.01 1.27
N VAL A 71 2.26 -5.51 1.64
CA VAL A 71 2.58 -6.05 2.96
C VAL A 71 4.11 -6.04 3.16
N ALA A 72 4.59 -6.17 4.39
CA ALA A 72 6.00 -6.27 4.76
C ALA A 72 6.80 -7.32 3.95
N SER A 73 6.16 -8.42 3.54
CA SER A 73 6.71 -9.48 2.68
C SER A 73 6.00 -9.59 1.31
N ALA A 74 4.67 -9.67 1.30
CA ALA A 74 3.85 -9.68 0.08
C ALA A 74 3.81 -8.27 -0.57
N GLU A 75 4.84 -7.97 -1.36
CA GLU A 75 5.07 -6.75 -2.16
C GLU A 75 5.07 -5.42 -1.37
N ALA A 1 23.05 3.04 -5.11
CA ALA A 1 22.27 3.51 -6.27
C ALA A 1 20.78 3.64 -5.92
N GLY A 2 20.06 2.53 -5.79
CA GLY A 2 18.64 2.47 -5.36
C GLY A 2 18.43 1.53 -4.17
N HIS A 3 17.17 1.40 -3.73
CA HIS A 3 16.72 0.49 -2.68
C HIS A 3 15.50 -0.32 -3.15
N MET A 4 15.36 -1.54 -2.64
CA MET A 4 14.24 -2.46 -2.93
C MET A 4 13.41 -2.73 -1.66
N PRO A 5 12.14 -3.18 -1.80
CA PRO A 5 11.27 -3.52 -0.67
C PRO A 5 11.70 -4.84 -0.01
N GLU A 6 12.64 -4.74 0.93
CA GLU A 6 13.16 -5.85 1.75
C GLU A 6 12.52 -5.91 3.15
N GLY A 7 12.89 -6.91 3.94
CA GLY A 7 12.43 -7.10 5.31
C GLY A 7 12.90 -8.44 5.90
N SER A 8 11.96 -9.24 6.37
CA SER A 8 12.19 -10.57 6.96
C SER A 8 10.90 -11.39 7.00
N ALA A 9 9.99 -11.08 7.94
CA ALA A 9 8.69 -11.72 8.14
C ALA A 9 7.72 -10.78 8.90
N SER A 10 6.75 -10.19 8.20
CA SER A 10 5.69 -9.34 8.77
C SER A 10 4.34 -9.58 8.08
N LEU A 11 3.24 -9.30 8.78
CA LEU A 11 1.85 -9.45 8.31
C LEU A 11 1.19 -8.06 8.16
N GLN A 12 0.81 -7.44 9.29
CA GLN A 12 0.27 -6.08 9.33
C GLN A 12 1.33 -5.06 8.90
N LEU A 13 0.86 -3.94 8.35
CA LEU A 13 1.66 -2.83 7.87
C LEU A 13 1.51 -1.60 8.79
N ALA A 14 2.43 -0.65 8.69
CA ALA A 14 2.41 0.61 9.44
C ALA A 14 2.98 1.78 8.62
N VAL A 15 2.80 3.01 9.12
CA VAL A 15 3.35 4.22 8.49
C VAL A 15 4.88 4.16 8.43
N GLY A 16 5.44 4.43 7.25
CA GLY A 16 6.87 4.35 6.96
C GLY A 16 7.35 2.97 6.46
N ASP A 17 6.51 1.93 6.50
CA ASP A 17 6.85 0.61 5.95
C ASP A 17 6.85 0.62 4.40
N ARG A 18 7.43 -0.41 3.78
CA ARG A 18 7.47 -0.54 2.31
C ARG A 18 6.21 -1.22 1.77
N VAL A 19 5.92 -0.93 0.50
CA VAL A 19 4.84 -1.53 -0.27
C VAL A 19 5.28 -1.71 -1.73
N VAL A 20 4.77 -2.76 -2.36
CA VAL A 20 4.96 -3.10 -3.77
C VAL A 20 3.60 -3.42 -4.41
N TYR A 21 3.49 -3.27 -5.72
CA TYR A 21 2.29 -3.51 -6.51
C TYR A 21 2.56 -4.48 -7.68
N PRO A 22 1.51 -5.08 -8.26
CA PRO A 22 1.64 -6.06 -9.34
C PRO A 22 2.03 -5.42 -10.69
N ASN A 23 1.83 -4.10 -10.82
CA ASN A 23 2.18 -3.30 -12.00
C ASN A 23 2.50 -1.82 -11.65
N GLN A 24 1.72 -1.23 -10.73
CA GLN A 24 1.86 0.16 -10.25
C GLN A 24 3.27 0.53 -9.72
N GLY A 25 4.05 -0.44 -9.23
CA GLY A 25 5.41 -0.25 -8.72
C GLY A 25 5.50 -0.08 -7.19
N VAL A 26 6.70 0.18 -6.67
CA VAL A 26 6.92 0.41 -5.24
C VAL A 26 6.42 1.79 -4.79
N CYS A 27 5.88 1.86 -3.57
CA CYS A 27 5.38 3.09 -2.95
C CYS A 27 5.83 3.17 -1.47
N ARG A 28 5.40 4.22 -0.74
CA ARG A 28 5.85 4.53 0.63
C ARG A 28 4.67 4.97 1.52
N VAL A 29 4.34 4.21 2.56
CA VAL A 29 3.14 4.42 3.39
C VAL A 29 3.19 5.76 4.13
N SER A 30 2.12 6.56 3.98
CA SER A 30 2.00 7.93 4.50
C SER A 30 0.98 8.02 5.64
N ALA A 31 -0.22 7.47 5.45
CA ALA A 31 -1.28 7.38 6.46
C ALA A 31 -2.22 6.20 6.19
N ILE A 32 -3.00 5.78 7.19
CA ILE A 32 -4.00 4.70 7.08
C ILE A 32 -5.22 5.06 7.95
N ASP A 33 -6.42 5.02 7.37
CA ASP A 33 -7.67 5.25 8.11
C ASP A 33 -8.85 4.46 7.51
N VAL A 34 -10.00 4.42 8.21
CA VAL A 34 -11.23 3.78 7.69
C VAL A 34 -12.25 4.84 7.27
N LYS A 35 -12.98 4.58 6.18
CA LYS A 35 -14.07 5.46 5.69
C LYS A 35 -15.10 4.70 4.86
N GLU A 36 -16.20 5.37 4.54
CA GLU A 36 -17.29 4.86 3.69
C GLU A 36 -17.20 5.52 2.29
N VAL A 37 -16.97 4.71 1.24
CA VAL A 37 -16.90 5.18 -0.16
C VAL A 37 -17.81 4.32 -1.00
N ALA A 38 -18.61 4.92 -1.92
CA ALA A 38 -19.60 4.24 -2.78
C ALA A 38 -20.54 3.26 -2.03
N GLY A 39 -20.81 3.50 -0.75
CA GLY A 39 -21.63 2.64 0.12
C GLY A 39 -20.89 1.47 0.78
N GLN A 40 -19.56 1.56 0.94
CA GLN A 40 -18.67 0.49 1.45
C GLN A 40 -17.70 1.04 2.49
N LYS A 41 -17.84 0.59 3.74
CA LYS A 41 -17.01 0.99 4.88
C LYS A 41 -15.88 0.01 5.14
N LEU A 42 -14.63 0.42 4.92
CA LEU A 42 -13.44 -0.42 5.14
C LEU A 42 -12.17 0.42 5.38
N THR A 43 -11.07 -0.21 5.75
CA THR A 43 -9.76 0.44 5.93
C THR A 43 -9.14 0.80 4.57
N PHE A 44 -8.88 2.08 4.30
CA PHE A 44 -8.21 2.53 3.08
C PHE A 44 -6.81 3.04 3.47
N VAL A 45 -5.78 2.36 2.96
CA VAL A 45 -4.37 2.75 3.14
C VAL A 45 -4.01 3.84 2.14
N THR A 46 -3.19 4.81 2.53
CA THR A 46 -2.73 5.93 1.70
C THR A 46 -1.20 6.00 1.69
N MET A 47 -0.61 5.83 0.51
CA MET A 47 0.83 5.84 0.29
C MET A 47 1.19 6.95 -0.71
N ARG A 48 2.48 7.36 -0.72
CA ARG A 48 3.01 8.42 -1.58
C ARG A 48 4.40 8.04 -2.09
N ARG A 49 4.59 7.96 -3.39
CA ARG A 49 5.88 7.70 -4.03
C ARG A 49 6.69 8.98 -4.20
N GLU A 50 7.75 9.12 -3.42
CA GLU A 50 8.70 10.25 -3.51
C GLU A 50 9.55 10.20 -4.80
N GLU A 51 9.59 9.04 -5.48
CA GLU A 51 10.30 8.84 -6.76
C GLU A 51 9.84 9.77 -7.88
N ASP A 52 8.53 10.05 -7.95
CA ASP A 52 7.91 10.94 -8.95
C ASP A 52 7.00 12.02 -8.33
N GLY A 53 6.66 11.89 -7.03
CA GLY A 53 5.80 12.82 -6.29
C GLY A 53 4.31 12.61 -6.56
N ALA A 54 3.83 11.38 -6.44
CA ALA A 54 2.42 11.00 -6.63
C ALA A 54 1.84 10.26 -5.41
N VAL A 55 0.51 10.20 -5.33
CA VAL A 55 -0.24 9.51 -4.26
C VAL A 55 -0.91 8.24 -4.81
N VAL A 56 -1.14 7.27 -3.94
CA VAL A 56 -1.79 5.99 -4.25
C VAL A 56 -2.48 5.45 -3.01
N MET A 57 -3.80 5.23 -3.09
CA MET A 57 -4.59 4.68 -1.99
C MET A 57 -5.38 3.46 -2.46
N VAL A 58 -5.46 2.43 -1.61
CA VAL A 58 -6.21 1.19 -1.89
C VAL A 58 -6.92 0.66 -0.64
N PRO A 59 -7.97 -0.16 -0.82
CA PRO A 59 -8.69 -0.81 0.27
C PRO A 59 -7.96 -2.01 0.89
N GLU A 60 -7.54 -1.94 2.16
CA GLU A 60 -6.86 -3.04 2.87
C GLU A 60 -7.72 -4.31 3.04
N GLY A 61 -9.03 -4.15 3.22
CA GLY A 61 -9.99 -5.27 3.33
C GLY A 61 -10.63 -5.69 2.00
N LYS A 62 -10.19 -5.09 0.88
CA LYS A 62 -10.70 -5.34 -0.47
C LYS A 62 -9.59 -5.49 -1.52
N VAL A 63 -8.31 -5.43 -1.14
CA VAL A 63 -7.14 -5.65 -2.03
C VAL A 63 -7.25 -6.91 -2.88
N LEU A 64 -7.94 -7.93 -2.37
CA LEU A 64 -8.23 -9.20 -3.03
C LEU A 64 -8.97 -9.03 -4.37
N ALA A 65 -9.77 -7.95 -4.50
CA ALA A 65 -10.48 -7.56 -5.72
C ALA A 65 -9.54 -6.92 -6.78
N ILE A 66 -8.73 -5.93 -6.39
CA ILE A 66 -7.77 -5.26 -7.28
C ILE A 66 -6.61 -6.21 -7.68
N GLY A 67 -6.25 -7.15 -6.79
CA GLY A 67 -5.16 -8.11 -6.96
C GLY A 67 -3.80 -7.61 -6.47
N VAL A 68 -3.75 -6.46 -5.79
CA VAL A 68 -2.54 -5.80 -5.29
C VAL A 68 -2.19 -6.31 -3.90
N ARG A 69 -0.91 -6.59 -3.60
CA ARG A 69 -0.48 -7.01 -2.27
C ARG A 69 0.58 -6.06 -1.72
N LYS A 70 0.20 -5.27 -0.72
CA LYS A 70 1.08 -4.37 0.01
C LYS A 70 1.70 -5.10 1.20
N VAL A 71 2.99 -5.44 1.10
CA VAL A 71 3.78 -6.10 2.17
C VAL A 71 5.26 -5.72 2.07
N ALA A 72 5.95 -6.23 1.03
CA ALA A 72 7.38 -6.10 0.73
C ALA A 72 7.73 -6.96 -0.52
N SER A 73 7.43 -8.26 -0.46
CA SER A 73 7.70 -9.26 -1.53
C SER A 73 6.45 -10.00 -2.04
N ALA A 74 5.26 -9.67 -1.52
CA ALA A 74 3.99 -10.29 -1.90
C ALA A 74 3.51 -9.87 -3.31
N GLU A 75 3.48 -8.56 -3.58
CA GLU A 75 3.05 -7.80 -4.78
C GLU A 75 1.68 -8.12 -5.45
N ALA A 1 18.51 4.53 -5.23
CA ALA A 1 18.79 3.13 -4.81
C ALA A 1 17.90 2.16 -5.59
N GLY A 2 18.48 1.10 -6.17
CA GLY A 2 17.76 0.06 -6.94
C GLY A 2 17.30 -1.16 -6.10
N HIS A 3 17.48 -1.12 -4.78
CA HIS A 3 17.09 -2.20 -3.84
C HIS A 3 15.59 -2.49 -3.87
N MET A 4 15.24 -3.77 -4.06
CA MET A 4 13.85 -4.24 -4.02
C MET A 4 13.22 -4.09 -2.62
N PRO A 5 11.87 -4.10 -2.52
CA PRO A 5 11.14 -4.06 -1.25
C PRO A 5 11.34 -5.37 -0.49
N GLU A 6 11.68 -5.29 0.81
CA GLU A 6 11.84 -6.42 1.72
C GLU A 6 11.80 -5.97 3.19
N GLY A 7 11.87 -6.93 4.13
CA GLY A 7 11.93 -6.68 5.58
C GLY A 7 10.57 -6.79 6.27
N SER A 8 9.99 -8.00 6.30
CA SER A 8 8.71 -8.30 6.97
C SER A 8 8.89 -9.21 8.20
N ALA A 9 7.88 -9.23 9.08
CA ALA A 9 7.82 -10.07 10.28
C ALA A 9 6.38 -10.22 10.81
N SER A 10 5.77 -9.09 11.23
CA SER A 10 4.38 -9.04 11.71
C SER A 10 3.36 -9.33 10.60
N LEU A 11 2.16 -9.81 10.99
CA LEU A 11 1.04 -10.15 10.10
C LEU A 11 0.14 -8.94 9.75
N GLN A 12 0.65 -7.72 9.90
CA GLN A 12 -0.05 -6.47 9.57
C GLN A 12 0.93 -5.39 9.08
N LEU A 13 0.49 -4.55 8.13
CA LEU A 13 1.26 -3.41 7.63
C LEU A 13 1.09 -2.19 8.57
N ALA A 14 2.20 -1.54 8.94
CA ALA A 14 2.23 -0.33 9.77
C ALA A 14 2.94 0.85 9.07
N VAL A 15 2.73 2.07 9.57
CA VAL A 15 3.35 3.29 9.04
C VAL A 15 4.88 3.19 9.11
N GLY A 16 5.54 3.48 7.99
CA GLY A 16 7.00 3.38 7.83
C GLY A 16 7.49 2.08 7.18
N ASP A 17 6.63 1.06 7.03
CA ASP A 17 7.00 -0.18 6.33
C ASP A 17 7.02 0.05 4.80
N ARG A 18 7.57 -0.92 4.05
CA ARG A 18 7.58 -0.92 2.59
C ARG A 18 6.27 -1.45 2.02
N VAL A 19 6.05 -1.18 0.73
CA VAL A 19 4.92 -1.67 -0.05
C VAL A 19 5.34 -1.82 -1.51
N VAL A 20 4.70 -2.77 -2.20
CA VAL A 20 4.91 -3.10 -3.61
C VAL A 20 3.57 -3.33 -4.31
N TYR A 21 3.54 -3.16 -5.63
CA TYR A 21 2.35 -3.28 -6.48
C TYR A 21 2.62 -4.19 -7.69
N PRO A 22 1.57 -4.77 -8.30
CA PRO A 22 1.68 -5.70 -9.43
C PRO A 22 2.16 -5.00 -10.71
N ASN A 23 1.66 -3.79 -10.98
CA ASN A 23 1.98 -2.96 -12.15
C ASN A 23 1.90 -1.44 -11.84
N GLN A 24 2.45 -1.01 -10.69
CA GLN A 24 2.51 0.40 -10.27
C GLN A 24 3.94 0.82 -9.86
N GLY A 25 4.58 0.05 -8.97
CA GLY A 25 5.93 0.28 -8.45
C GLY A 25 6.00 0.24 -6.91
N VAL A 26 7.18 0.46 -6.34
CA VAL A 26 7.37 0.56 -4.88
C VAL A 26 6.92 1.92 -4.36
N CYS A 27 6.32 1.93 -3.16
CA CYS A 27 5.89 3.14 -2.44
C CYS A 27 6.28 3.05 -0.95
N ARG A 28 5.89 4.06 -0.15
CA ARG A 28 6.19 4.16 1.29
C ARG A 28 4.99 4.71 2.05
N VAL A 29 4.53 3.99 3.08
CA VAL A 29 3.33 4.33 3.85
C VAL A 29 3.48 5.68 4.57
N SER A 30 2.61 6.64 4.24
CA SER A 30 2.63 8.00 4.81
C SER A 30 1.57 8.17 5.93
N ALA A 31 0.35 7.71 5.67
CA ALA A 31 -0.78 7.70 6.61
C ALA A 31 -1.78 6.59 6.26
N ILE A 32 -2.78 6.36 7.12
CA ILE A 32 -3.88 5.40 6.90
C ILE A 32 -5.14 5.97 7.55
N ASP A 33 -6.29 5.88 6.87
CA ASP A 33 -7.60 6.30 7.41
C ASP A 33 -8.74 5.34 6.96
N VAL A 34 -9.93 5.47 7.54
CA VAL A 34 -11.12 4.68 7.15
C VAL A 34 -12.23 5.59 6.61
N LYS A 35 -12.98 5.10 5.61
CA LYS A 35 -14.14 5.81 5.05
C LYS A 35 -15.16 4.85 4.45
N GLU A 36 -16.29 5.39 4.01
CA GLU A 36 -17.37 4.69 3.31
C GLU A 36 -17.36 5.11 1.83
N VAL A 37 -17.20 4.14 0.92
CA VAL A 37 -17.28 4.34 -0.54
C VAL A 37 -18.31 3.38 -1.13
N ALA A 38 -19.25 3.89 -1.93
CA ALA A 38 -20.34 3.11 -2.55
C ALA A 38 -21.12 2.20 -1.57
N GLY A 39 -21.21 2.57 -0.28
CA GLY A 39 -21.84 1.78 0.78
C GLY A 39 -20.94 0.73 1.46
N GLN A 40 -19.61 0.88 1.36
CA GLN A 40 -18.61 -0.07 1.87
C GLN A 40 -17.62 0.66 2.79
N LYS A 41 -17.63 0.32 4.09
CA LYS A 41 -16.75 0.91 5.12
C LYS A 41 -15.54 0.04 5.37
N LEU A 42 -14.33 0.56 5.10
CA LEU A 42 -13.08 -0.17 5.32
C LEU A 42 -11.87 0.78 5.45
N THR A 43 -10.71 0.24 5.80
CA THR A 43 -9.43 0.97 5.91
C THR A 43 -8.77 1.18 4.54
N PHE A 44 -8.62 2.42 4.10
CA PHE A 44 -7.91 2.80 2.87
C PHE A 44 -6.52 3.35 3.24
N VAL A 45 -5.46 2.61 2.86
CA VAL A 45 -4.08 3.07 3.05
C VAL A 45 -3.79 4.33 2.23
N THR A 46 -2.90 5.20 2.72
CA THR A 46 -2.49 6.44 2.05
C THR A 46 -0.97 6.51 1.91
N MET A 47 -0.46 6.38 0.68
CA MET A 47 0.97 6.43 0.39
C MET A 47 1.27 7.42 -0.73
N ARG A 48 2.55 7.76 -0.88
CA ARG A 48 3.05 8.68 -1.93
C ARG A 48 4.39 8.19 -2.50
N ARG A 49 4.41 7.93 -3.81
CA ARG A 49 5.62 7.55 -4.57
C ARG A 49 6.53 8.75 -4.78
N GLU A 50 7.68 8.77 -4.12
CA GLU A 50 8.66 9.86 -4.29
C GLU A 50 9.26 9.92 -5.71
N GLU A 51 9.12 8.83 -6.49
CA GLU A 51 9.58 8.74 -7.89
C GLU A 51 8.95 9.77 -8.84
N ASP A 52 7.67 10.09 -8.65
CA ASP A 52 6.92 11.10 -9.43
C ASP A 52 6.19 12.13 -8.54
N GLY A 53 6.30 12.01 -7.22
CA GLY A 53 5.54 12.76 -6.22
C GLY A 53 4.04 12.47 -6.23
N ALA A 54 3.62 11.32 -6.77
CA ALA A 54 2.20 10.96 -6.92
C ALA A 54 1.67 10.25 -5.67
N VAL A 55 0.34 10.17 -5.53
CA VAL A 55 -0.36 9.53 -4.40
C VAL A 55 -1.02 8.23 -4.84
N VAL A 56 -1.03 7.22 -3.96
CA VAL A 56 -1.65 5.91 -4.17
C VAL A 56 -2.43 5.51 -2.93
N MET A 57 -3.69 5.09 -3.11
CA MET A 57 -4.60 4.70 -2.04
C MET A 57 -5.46 3.51 -2.48
N VAL A 58 -5.42 2.42 -1.71
CA VAL A 58 -6.18 1.19 -1.99
C VAL A 58 -6.86 0.64 -0.73
N PRO A 59 -7.93 -0.16 -0.88
CA PRO A 59 -8.65 -0.75 0.23
C PRO A 59 -7.97 -1.97 0.88
N GLU A 60 -7.59 -1.90 2.16
CA GLU A 60 -6.94 -3.02 2.87
C GLU A 60 -7.79 -4.31 2.92
N GLY A 61 -9.10 -4.19 3.14
CA GLY A 61 -10.04 -5.32 3.20
C GLY A 61 -10.70 -5.70 1.88
N LYS A 62 -10.28 -5.04 0.78
CA LYS A 62 -10.81 -5.23 -0.59
C LYS A 62 -9.71 -5.37 -1.63
N VAL A 63 -8.43 -5.37 -1.24
CA VAL A 63 -7.26 -5.60 -2.13
C VAL A 63 -7.40 -6.83 -3.02
N LEU A 64 -8.13 -7.84 -2.55
CA LEU A 64 -8.44 -9.08 -3.26
C LEU A 64 -9.16 -8.84 -4.62
N ALA A 65 -9.91 -7.74 -4.73
CA ALA A 65 -10.58 -7.28 -5.95
C ALA A 65 -9.61 -6.64 -6.96
N ILE A 66 -8.78 -5.68 -6.53
CA ILE A 66 -7.79 -5.00 -7.37
C ILE A 66 -6.64 -5.96 -7.78
N GLY A 67 -6.27 -6.89 -6.90
CA GLY A 67 -5.17 -7.85 -7.07
C GLY A 67 -3.80 -7.34 -6.57
N VAL A 68 -3.76 -6.15 -5.97
CA VAL A 68 -2.56 -5.50 -5.43
C VAL A 68 -2.28 -6.04 -4.02
N ARG A 69 -1.04 -6.40 -3.69
CA ARG A 69 -0.69 -6.81 -2.31
C ARG A 69 0.42 -5.94 -1.75
N LYS A 70 0.06 -5.09 -0.79
CA LYS A 70 0.99 -4.20 -0.10
C LYS A 70 1.50 -4.88 1.16
N VAL A 71 2.77 -5.33 1.12
CA VAL A 71 3.45 -5.98 2.26
C VAL A 71 4.96 -5.72 2.27
N ALA A 72 5.67 -6.25 1.27
CA ALA A 72 7.13 -6.27 1.10
C ALA A 72 7.48 -7.21 -0.09
N SER A 73 7.09 -8.48 0.02
CA SER A 73 7.33 -9.54 -1.00
C SER A 73 6.05 -10.14 -1.61
N ALA A 74 4.86 -9.71 -1.16
CA ALA A 74 3.57 -10.21 -1.65
C ALA A 74 3.30 -9.81 -3.12
N GLU A 75 3.26 -8.50 -3.41
CA GLU A 75 3.02 -7.83 -4.71
C GLU A 75 1.64 -8.07 -5.36
N ALA A 1 23.53 -3.00 -5.32
CA ALA A 1 23.12 -1.66 -5.79
C ALA A 1 21.64 -1.63 -6.19
N GLY A 2 20.72 -1.80 -5.23
CA GLY A 2 19.26 -1.89 -5.49
C GLY A 2 18.51 -2.55 -4.34
N HIS A 3 17.96 -1.75 -3.41
CA HIS A 3 17.19 -2.27 -2.26
C HIS A 3 15.70 -2.45 -2.64
N MET A 4 15.27 -3.71 -2.81
CA MET A 4 13.90 -4.08 -3.14
C MET A 4 12.97 -4.04 -1.90
N PRO A 5 11.64 -3.99 -2.08
CA PRO A 5 10.66 -4.01 -0.99
C PRO A 5 10.59 -5.36 -0.24
N GLU A 6 11.03 -6.45 -0.88
CA GLU A 6 11.01 -7.84 -0.37
C GLU A 6 11.61 -8.02 1.03
N GLY A 7 12.66 -7.25 1.37
CA GLY A 7 13.43 -7.32 2.61
C GLY A 7 13.69 -8.74 3.11
N SER A 8 13.44 -8.98 4.41
CA SER A 8 13.51 -10.29 5.08
C SER A 8 12.83 -10.27 6.45
N ALA A 9 11.49 -10.26 6.44
CA ALA A 9 10.62 -10.30 7.63
C ALA A 9 9.20 -10.84 7.31
N SER A 10 8.35 -10.96 8.35
CA SER A 10 6.93 -11.36 8.25
C SER A 10 6.07 -10.69 9.34
N LEU A 11 5.78 -9.39 9.16
CA LEU A 11 4.97 -8.54 10.06
C LEU A 11 3.74 -7.95 9.34
N GLN A 12 2.79 -7.42 10.12
CA GLN A 12 1.60 -6.71 9.60
C GLN A 12 1.96 -5.33 9.02
N LEU A 13 1.17 -4.86 8.06
CA LEU A 13 1.31 -3.52 7.45
C LEU A 13 0.96 -2.40 8.45
N ALA A 14 1.85 -1.41 8.59
CA ALA A 14 1.69 -0.23 9.43
C ALA A 14 2.29 1.04 8.78
N VAL A 15 2.18 2.20 9.45
CA VAL A 15 2.79 3.46 9.00
C VAL A 15 4.30 3.32 8.86
N GLY A 16 4.84 3.72 7.70
CA GLY A 16 6.27 3.64 7.36
C GLY A 16 6.72 2.31 6.73
N ASP A 17 5.83 1.31 6.60
CA ASP A 17 6.16 0.05 5.92
C ASP A 17 6.31 0.24 4.38
N ARG A 18 6.80 -0.81 3.69
CA ARG A 18 6.97 -0.83 2.23
C ARG A 18 5.81 -1.52 1.53
N VAL A 19 5.43 -1.01 0.36
CA VAL A 19 4.39 -1.60 -0.50
C VAL A 19 4.81 -1.52 -1.97
N VAL A 20 4.43 -2.52 -2.76
CA VAL A 20 4.65 -2.56 -4.20
C VAL A 20 3.39 -3.07 -4.92
N TYR A 21 3.18 -2.61 -6.15
CA TYR A 21 2.09 -3.07 -7.02
C TYR A 21 2.49 -4.33 -7.82
N PRO A 22 1.52 -5.07 -8.38
CA PRO A 22 1.78 -6.31 -9.10
C PRO A 22 2.46 -6.06 -10.47
N ASN A 23 2.27 -4.87 -11.03
CA ASN A 23 2.76 -4.43 -12.35
C ASN A 23 2.65 -2.89 -12.53
N GLN A 24 3.24 -2.11 -11.62
CA GLN A 24 3.22 -0.63 -11.70
C GLN A 24 4.49 0.01 -11.11
N GLY A 25 4.73 -0.15 -9.80
CA GLY A 25 5.89 0.42 -9.08
C GLY A 25 5.82 0.25 -7.57
N VAL A 26 6.86 0.71 -6.87
CA VAL A 26 6.95 0.76 -5.39
C VAL A 26 6.36 2.06 -4.85
N CYS A 27 5.86 2.05 -3.62
CA CYS A 27 5.33 3.22 -2.90
C CYS A 27 5.75 3.19 -1.41
N ARG A 28 5.48 4.26 -0.67
CA ARG A 28 5.83 4.40 0.76
C ARG A 28 4.67 4.93 1.61
N VAL A 29 4.30 4.18 2.64
CA VAL A 29 3.20 4.49 3.58
C VAL A 29 3.55 5.69 4.46
N SER A 30 2.71 6.73 4.42
CA SER A 30 2.86 7.95 5.22
C SER A 30 1.81 8.06 6.33
N ALA A 31 0.59 7.57 6.08
CA ALA A 31 -0.53 7.48 7.02
C ALA A 31 -1.55 6.44 6.56
N ILE A 32 -2.49 6.04 7.42
CA ILE A 32 -3.60 5.12 7.12
C ILE A 32 -4.84 5.55 7.91
N ASP A 33 -6.04 5.49 7.32
CA ASP A 33 -7.31 5.78 7.99
C ASP A 33 -8.49 4.94 7.45
N VAL A 34 -9.64 4.95 8.13
CA VAL A 34 -10.89 4.29 7.70
C VAL A 34 -11.91 5.29 7.16
N LYS A 35 -12.66 4.90 6.13
CA LYS A 35 -13.77 5.69 5.56
C LYS A 35 -14.78 4.82 4.81
N GLU A 36 -15.89 5.43 4.39
CA GLU A 36 -16.95 4.83 3.57
C GLU A 36 -16.88 5.41 2.15
N VAL A 37 -16.71 4.55 1.14
CA VAL A 37 -16.74 4.92 -0.29
C VAL A 37 -17.63 3.95 -1.05
N ALA A 38 -18.46 4.45 -1.96
CA ALA A 38 -19.44 3.67 -2.75
C ALA A 38 -20.31 2.69 -1.91
N GLY A 39 -20.57 3.00 -0.63
CA GLY A 39 -21.32 2.16 0.30
C GLY A 39 -20.51 1.03 0.97
N GLN A 40 -19.19 1.17 1.11
CA GLN A 40 -18.25 0.17 1.63
C GLN A 40 -17.30 0.83 2.65
N LYS A 41 -17.40 0.45 3.93
CA LYS A 41 -16.56 0.99 5.03
C LYS A 41 -15.37 0.08 5.33
N LEU A 42 -14.15 0.57 5.13
CA LEU A 42 -12.92 -0.19 5.37
C LEU A 42 -11.69 0.73 5.55
N THR A 43 -10.53 0.14 5.89
CA THR A 43 -9.23 0.82 6.02
C THR A 43 -8.57 1.07 4.66
N PHE A 44 -8.38 2.34 4.28
CA PHE A 44 -7.68 2.74 3.06
C PHE A 44 -6.28 3.26 3.39
N VAL A 45 -5.23 2.53 2.96
CA VAL A 45 -3.83 2.96 3.15
C VAL A 45 -3.54 4.26 2.39
N THR A 46 -2.58 5.08 2.86
CA THR A 46 -2.18 6.31 2.16
C THR A 46 -0.66 6.32 1.93
N MET A 47 -0.27 6.18 0.67
CA MET A 47 1.13 6.23 0.23
C MET A 47 1.39 7.45 -0.65
N ARG A 48 2.66 7.85 -0.73
CA ARG A 48 3.17 8.98 -1.50
C ARG A 48 4.44 8.56 -2.27
N ARG A 49 4.32 8.36 -3.59
CA ARG A 49 5.45 8.06 -4.48
C ARG A 49 6.27 9.33 -4.71
N GLU A 50 7.47 9.39 -4.13
CA GLU A 50 8.42 10.51 -4.31
C GLU A 50 9.03 10.58 -5.73
N GLU A 51 8.89 9.50 -6.50
CA GLU A 51 9.30 9.40 -7.92
C GLU A 51 8.65 10.46 -8.82
N ASP A 52 7.33 10.70 -8.64
CA ASP A 52 6.53 11.65 -9.43
C ASP A 52 5.72 12.65 -8.58
N GLY A 53 5.60 12.43 -7.27
CA GLY A 53 4.82 13.22 -6.33
C GLY A 53 3.35 12.79 -6.19
N ALA A 54 2.93 11.70 -6.84
CA ALA A 54 1.57 11.17 -6.79
C ALA A 54 1.24 10.45 -5.46
N VAL A 55 -0.05 10.29 -5.18
CA VAL A 55 -0.59 9.56 -4.03
C VAL A 55 -1.16 8.21 -4.50
N VAL A 56 -0.93 7.16 -3.72
CA VAL A 56 -1.44 5.80 -3.97
C VAL A 56 -2.23 5.36 -2.75
N MET A 57 -3.54 5.17 -2.93
CA MET A 57 -4.47 4.72 -1.90
C MET A 57 -5.26 3.52 -2.42
N VAL A 58 -5.19 2.41 -1.67
CA VAL A 58 -5.93 1.16 -1.95
C VAL A 58 -6.65 0.65 -0.70
N PRO A 59 -7.73 -0.13 -0.87
CA PRO A 59 -8.47 -0.74 0.23
C PRO A 59 -7.80 -1.96 0.86
N GLU A 60 -7.45 -1.93 2.15
CA GLU A 60 -6.82 -3.07 2.84
C GLU A 60 -7.65 -4.36 2.86
N GLY A 61 -8.96 -4.27 3.08
CA GLY A 61 -9.89 -5.42 3.10
C GLY A 61 -10.54 -5.74 1.75
N LYS A 62 -10.13 -5.06 0.69
CA LYS A 62 -10.65 -5.20 -0.68
C LYS A 62 -9.54 -5.31 -1.74
N VAL A 63 -8.25 -5.35 -1.35
CA VAL A 63 -7.09 -5.55 -2.25
C VAL A 63 -7.26 -6.74 -3.20
N LEU A 64 -8.01 -7.76 -2.77
CA LEU A 64 -8.35 -8.98 -3.52
C LEU A 64 -9.03 -8.66 -4.88
N ALA A 65 -9.76 -7.53 -4.95
CA ALA A 65 -10.41 -7.02 -6.16
C ALA A 65 -9.42 -6.39 -7.16
N ILE A 66 -8.53 -5.49 -6.68
CA ILE A 66 -7.50 -4.82 -7.49
C ILE A 66 -6.41 -5.82 -7.93
N GLY A 67 -6.10 -6.81 -7.09
CA GLY A 67 -5.04 -7.80 -7.29
C GLY A 67 -3.66 -7.37 -6.76
N VAL A 68 -3.56 -6.19 -6.12
CA VAL A 68 -2.33 -5.71 -5.46
C VAL A 68 -2.11 -6.44 -4.14
N ARG A 69 -0.86 -6.63 -3.73
CA ARG A 69 -0.50 -7.21 -2.43
C ARG A 69 0.53 -6.30 -1.76
N LYS A 70 0.05 -5.64 -0.69
CA LYS A 70 0.83 -4.72 0.13
C LYS A 70 1.01 -5.34 1.53
N VAL A 71 2.23 -5.81 1.83
CA VAL A 71 2.62 -6.40 3.13
C VAL A 71 4.10 -6.13 3.43
N ALA A 72 4.99 -6.81 2.70
CA ALA A 72 6.46 -6.82 2.82
C ALA A 72 7.05 -7.80 1.77
N SER A 73 6.63 -9.07 1.84
CA SER A 73 7.09 -10.20 0.99
C SER A 73 6.00 -10.78 0.06
N ALA A 74 4.81 -10.16 0.04
CA ALA A 74 3.66 -10.58 -0.78
C ALA A 74 3.83 -10.15 -2.26
N GLU A 75 3.84 -8.84 -2.51
CA GLU A 75 4.01 -8.11 -3.79
C GLU A 75 2.87 -8.28 -4.84
#